data_8DF8
#
_entry.id   8DF8
#
_cell.length_a   120.941
_cell.length_b   120.941
_cell.length_c   497.569
_cell.angle_alpha   90.000
_cell.angle_beta   90.000
_cell.angle_gamma   90.000
#
_symmetry.space_group_name_H-M   'P 43 21 2'
#
loop_
_entity.id
_entity.type
_entity.pdbx_description
1 polymer 'Topoisomerase V'
2 polymer 'DNA (42-MER)'
3 polymer 'DNA (42-MER)'
4 non-polymer 'POTASSIUM ION'
5 non-polymer 'PHOSPHATE ION'
6 non-polymer 'PHOSPHITE ION'
#
loop_
_entity_poly.entity_id
_entity_poly.type
_entity_poly.pdbx_seq_one_letter_code
_entity_poly.pdbx_strand_id
1 'polypeptide(L)'
;MALVYDAEFVGSEREFEEERETFLKGVKAYDGVLATRYLMERSSSAKNDEELLELHQNFILLTGSYACSIDPTEDRYQNV
IVRGVNFDERVQRLSTGGSPARYAIVYRRGWRAIAKALDIDEEDVPAIEVRAVKRNPLQPALYRILVRYGRVDLMPVTVD
EVPPEMAGEFERLIERYDVPIDEKEERILEILRENPWTPHDEIARRLGLSVSEVEGEKDPESSGIYSLWSRVVVNIEYDE
RTAKRHVKRRDRLLEELYEHLEELSERYLRHPLTRRWIVEHKRDIMRRYLEQRIVECALKLQDRYGIREDVALCLARAFD
GSISMIATTPYRTLKDVCPDLTLEEAKSVNRTLATLIDEHGLSPDAADELIEHFESIAGILATDLEEIERMYEEGRLSEE
AYRAAVEIQLAELTKKEGVGRKTAERLLRAFGNPERVKQLAREFEIEKLASVEGVGERVLRSLVPGYASLISIRGIDRER
AERLLKKYGGYSKVREAGVEELREDGLTDAQIRELKGLKTLESIVGDLEKADELKRKYGSASAVRRLPVEELRELGFSDD
EIAEIKGIPKKLREAFDLETAAELYERYGSLKEIGRRLSYDDLLELGATPKAAAEIKGPEFKFLLNIEGVGPKLAERILE
AVDYDLERLASLNPEELAEKVEGLGEELAERVVYAARERVESRRKSGRQERSEEEWKEWLERKVGEGRARRLIEYFGSAG
EVGKLVENAEVSKLLEVPGIGDEAVARLVPGYKTLRDAGLTPAEAERVLKRYGSVSKVQEGATPDELRELGLGDAKIARI
LGLRSLVNARLDVDTAYELARRYGSVSAVRAAPVAELRELGLSDRAIARIAGIP
;
A,B
2 'polydeoxyribonucleotide'
;(DT)(DG)(DC)(DC)(DT)(DG)(DC)(DA)(DC)(DG)(DA)(DA)(DG)(DT)(DA)(DA)(DG)(DC)(DA)(DT)
(DA)(DT)(DG)(DC)(DT)(DT)(DA)(DC)(DT)(DT)(DC)(DG)(DT)(DG)(DC)(DA)(DG)(DG)(DC)(DA)
(DC)(DA)
;
U
3 'polydeoxyribonucleotide'
;(DT)(DG)(DC)(DC)(DT)(DG)(DC)(DA)(DC)(DG)(DA)(DA)(DG)(DT)(DA)(DA)(DG)(DC)(DA)(DT)
(DA)(DT)(DG)(DC)(DT)(DT)(DA)(DC)(DT)(DT)(DC)(DG)(DT)(DG)(DC)(DA)(DG)(DG)(DC)(DA)
(DT)(DG)
;
V
#
loop_
_chem_comp.id
_chem_comp.type
_chem_comp.name
_chem_comp.formula
DA DNA linking 2'-DEOXYADENOSINE-5'-MONOPHOSPHATE 'C10 H14 N5 O6 P'
DC DNA linking 2'-DEOXYCYTIDINE-5'-MONOPHOSPHATE 'C9 H14 N3 O7 P'
DG DNA linking 2'-DEOXYGUANOSINE-5'-MONOPHOSPHATE 'C10 H14 N5 O7 P'
DT DNA linking THYMIDINE-5'-MONOPHOSPHATE 'C10 H15 N2 O8 P'
K non-polymer 'POTASSIUM ION' 'K 1'
PO3 non-polymer 'PHOSPHITE ION' 'O3 P -3'
PO4 non-polymer 'PHOSPHATE ION' 'O4 P -3'
#
# COMPACT_ATOMS: atom_id res chain seq x y z
N LEU A 3 3.13 -39.72 24.57
CA LEU A 3 4.29 -39.68 23.69
C LEU A 3 3.87 -39.86 22.24
N VAL A 4 4.04 -41.08 21.73
CA VAL A 4 3.80 -41.39 20.32
C VAL A 4 2.41 -42.02 20.17
N TYR A 5 1.66 -41.54 19.17
CA TYR A 5 0.42 -42.18 18.74
C TYR A 5 0.63 -42.64 17.31
N ASP A 6 0.55 -43.96 17.09
CA ASP A 6 0.82 -44.50 15.77
C ASP A 6 0.18 -45.86 15.62
N ALA A 7 -0.20 -46.20 14.39
CA ALA A 7 -0.73 -47.50 14.04
C ALA A 7 -0.64 -47.67 12.53
N GLU A 8 -0.35 -48.88 12.10
CA GLU A 8 -0.15 -49.20 10.70
C GLU A 8 -1.25 -50.14 10.20
N PHE A 9 -1.77 -49.87 9.02
CA PHE A 9 -2.80 -50.69 8.39
C PHE A 9 -2.15 -51.70 7.46
N VAL A 10 -2.53 -52.97 7.59
CA VAL A 10 -1.96 -54.05 6.80
C VAL A 10 -3.01 -54.80 5.99
N GLY A 11 -4.29 -54.42 6.10
CA GLY A 11 -5.34 -55.10 5.38
C GLY A 11 -5.41 -54.72 3.92
N SER A 12 -6.46 -55.19 3.26
CA SER A 12 -6.68 -54.93 1.85
C SER A 12 -7.44 -53.62 1.65
N GLU A 13 -7.61 -53.24 0.38
CA GLU A 13 -8.32 -52.01 0.05
C GLU A 13 -9.77 -52.08 0.51
N ARG A 14 -10.41 -53.23 0.33
CA ARG A 14 -11.80 -53.39 0.77
C ARG A 14 -11.91 -53.25 2.28
N GLU A 15 -11.02 -53.92 3.02
CA GLU A 15 -10.99 -53.78 4.47
C GLU A 15 -10.64 -52.34 4.87
N PHE A 16 -9.80 -51.67 4.07
CA PHE A 16 -9.46 -50.28 4.36
C PHE A 16 -10.69 -49.38 4.29
N GLU A 17 -11.48 -49.53 3.22
CA GLU A 17 -12.70 -48.73 3.09
C GLU A 17 -13.72 -49.11 4.16
N GLU A 18 -13.81 -50.40 4.50
CA GLU A 18 -14.70 -50.82 5.59
C GLU A 18 -14.35 -50.13 6.89
N GLU A 19 -13.06 -50.15 7.26
CA GLU A 19 -12.64 -49.52 8.50
C GLU A 19 -12.83 -48.02 8.46
N ARG A 20 -12.57 -47.39 7.30
CA ARG A 20 -12.76 -45.95 7.18
C ARG A 20 -14.22 -45.58 7.40
N GLU A 21 -15.14 -46.29 6.76
CA GLU A 21 -16.56 -45.99 6.93
C GLU A 21 -17.01 -46.24 8.37
N THR A 22 -16.57 -47.35 8.96
CA THR A 22 -16.92 -47.65 10.34
C THR A 22 -16.44 -46.53 11.27
N PHE A 23 -15.20 -46.08 11.08
CA PHE A 23 -14.65 -45.05 11.95
C PHE A 23 -15.36 -43.72 11.74
N LEU A 24 -15.69 -43.38 10.49
CA LEU A 24 -16.39 -42.13 10.24
C LEU A 24 -17.80 -42.14 10.84
N LYS A 25 -18.47 -43.28 10.80
CA LYS A 25 -19.79 -43.36 11.41
C LYS A 25 -19.70 -43.30 12.93
N GLY A 26 -18.67 -43.92 13.51
CA GLY A 26 -18.44 -43.76 14.94
C GLY A 26 -18.13 -42.32 15.32
N VAL A 27 -17.40 -41.61 14.46
CA VAL A 27 -17.12 -40.21 14.69
C VAL A 27 -18.40 -39.39 14.66
N LYS A 28 -19.28 -39.68 13.70
CA LYS A 28 -20.58 -39.00 13.67
C LYS A 28 -21.38 -39.28 14.93
N ALA A 29 -21.33 -40.53 15.42
CA ALA A 29 -22.06 -40.86 16.65
C ALA A 29 -21.51 -40.09 17.84
N TYR A 30 -20.18 -40.01 17.96
CA TYR A 30 -19.61 -39.26 19.08
C TYR A 30 -19.85 -37.76 18.93
N ASP A 31 -19.91 -37.27 17.69
CA ASP A 31 -20.30 -35.88 17.47
C ASP A 31 -21.72 -35.63 17.94
N GLY A 32 -22.61 -36.60 17.71
CA GLY A 32 -23.95 -36.50 18.27
C GLY A 32 -23.94 -36.48 19.79
N VAL A 33 -23.08 -37.31 20.39
CA VAL A 33 -22.91 -37.29 21.85
C VAL A 33 -22.53 -35.89 22.32
N LEU A 34 -21.51 -35.32 21.69
CA LEU A 34 -21.01 -34.01 22.11
C LEU A 34 -22.04 -32.92 21.86
N ALA A 35 -22.81 -33.02 20.78
CA ALA A 35 -23.82 -32.00 20.50
C ALA A 35 -24.98 -32.09 21.48
N THR A 36 -25.37 -33.30 21.87
CA THR A 36 -26.39 -33.45 22.90
C THR A 36 -25.89 -32.91 24.24
N ARG A 37 -24.61 -33.14 24.54
CA ARG A 37 -24.02 -32.55 25.74
C ARG A 37 -24.05 -31.03 25.67
N TYR A 38 -23.77 -30.45 24.50
CA TYR A 38 -23.79 -29.00 24.33
C TYR A 38 -25.18 -28.43 24.60
N LEU A 39 -26.22 -29.08 24.07
CA LEU A 39 -27.58 -28.59 24.28
C LEU A 39 -27.99 -28.66 25.75
N MET A 40 -27.49 -29.67 26.47
CA MET A 40 -27.81 -29.80 27.89
C MET A 40 -27.35 -28.58 28.67
N GLU A 41 -26.15 -28.08 28.37
CA GLU A 41 -25.63 -26.93 29.10
C GLU A 41 -25.99 -25.60 28.45
N ARG A 42 -26.33 -25.60 27.17
CA ARG A 42 -26.59 -24.33 26.49
C ARG A 42 -27.92 -23.73 26.95
N SER A 43 -28.94 -24.57 27.13
CA SER A 43 -30.26 -24.13 27.56
C SER A 43 -30.62 -24.82 28.87
N SER A 44 -31.03 -24.02 29.86
CA SER A 44 -31.45 -24.60 31.14
C SER A 44 -32.72 -25.42 30.99
N SER A 45 -33.58 -25.07 30.02
CA SER A 45 -34.79 -25.85 29.80
C SER A 45 -34.47 -27.20 29.18
N ALA A 46 -33.50 -27.25 28.26
CA ALA A 46 -33.10 -28.51 27.67
C ALA A 46 -32.40 -29.41 28.68
N LYS A 47 -31.83 -28.84 29.74
CA LYS A 47 -31.20 -29.65 30.78
C LYS A 47 -32.24 -30.52 31.49
N ASN A 48 -33.47 -30.03 31.62
CA ASN A 48 -34.52 -30.79 32.30
C ASN A 48 -35.20 -31.78 31.36
N ASP A 49 -35.17 -31.53 30.06
CA ASP A 49 -35.87 -32.37 29.10
C ASP A 49 -35.33 -33.80 29.13
N GLU A 50 -36.22 -34.75 29.41
CA GLU A 50 -35.81 -36.16 29.37
C GLU A 50 -35.51 -36.61 27.95
N GLU A 51 -36.21 -36.04 26.96
CA GLU A 51 -35.99 -36.43 25.57
C GLU A 51 -34.55 -36.20 25.14
N LEU A 52 -33.95 -35.10 25.59
CA LEU A 52 -32.55 -34.84 25.26
C LEU A 52 -31.63 -35.85 25.93
N LEU A 53 -31.97 -36.27 27.15
CA LEU A 53 -31.20 -37.33 27.82
C LEU A 53 -31.33 -38.65 27.07
N GLU A 54 -32.54 -38.96 26.60
CA GLU A 54 -32.73 -40.17 25.82
C GLU A 54 -31.90 -40.13 24.54
N LEU A 55 -31.87 -38.97 23.88
CA LEU A 55 -31.06 -38.81 22.67
C LEU A 55 -29.57 -38.97 22.98
N HIS A 56 -29.11 -38.38 24.08
CA HIS A 56 -27.70 -38.49 24.46
C HIS A 56 -27.31 -39.95 24.72
N GLN A 57 -28.16 -40.68 25.45
CA GLN A 57 -27.85 -42.07 25.76
C GLN A 57 -27.92 -42.93 24.50
N ASN A 58 -28.84 -42.62 23.58
CA ASN A 58 -28.89 -43.33 22.31
C ASN A 58 -27.62 -43.08 21.50
N PHE A 59 -27.13 -41.84 21.50
CA PHE A 59 -25.87 -41.53 20.82
C PHE A 59 -24.70 -42.28 21.45
N ILE A 60 -24.70 -42.40 22.78
CA ILE A 60 -23.65 -43.17 23.46
C ILE A 60 -23.71 -44.63 23.02
N LEU A 61 -24.91 -45.20 22.98
CA LEU A 61 -25.07 -46.59 22.55
C LEU A 61 -24.59 -46.79 21.12
N LEU A 62 -24.92 -45.85 20.23
CA LEU A 62 -24.50 -45.99 18.84
C LEU A 62 -22.98 -45.84 18.70
N THR A 63 -22.38 -44.93 19.46
CA THR A 63 -20.93 -44.80 19.45
C THR A 63 -20.27 -46.10 19.91
N GLY A 64 -20.82 -46.72 20.96
CA GLY A 64 -20.30 -48.00 21.39
C GLY A 64 -20.47 -49.09 20.34
N SER A 65 -21.63 -49.12 19.69
CA SER A 65 -21.91 -50.15 18.68
C SER A 65 -20.95 -50.03 17.49
N TYR A 66 -20.70 -48.80 17.03
CA TYR A 66 -19.77 -48.62 15.92
C TYR A 66 -18.34 -48.96 16.32
N ALA A 67 -17.98 -48.73 17.58
CA ALA A 67 -16.63 -49.07 18.04
C ALA A 67 -16.40 -50.57 18.02
N CYS A 68 -17.45 -51.37 18.25
CA CYS A 68 -17.29 -52.82 18.25
C CYS A 68 -16.96 -53.34 16.85
N SER A 69 -17.36 -52.61 15.81
CA SER A 69 -17.18 -53.06 14.43
C SER A 69 -15.82 -52.68 13.86
N ILE A 70 -14.91 -52.16 14.68
CA ILE A 70 -13.58 -51.77 14.22
C ILE A 70 -12.63 -52.95 14.40
N ASP A 71 -11.90 -53.29 13.33
CA ASP A 71 -11.01 -54.44 13.29
C ASP A 71 -11.76 -55.71 13.69
N PRO A 72 -12.70 -56.17 12.87
CA PRO A 72 -13.47 -57.36 13.27
C PRO A 72 -12.66 -58.65 13.21
N THR A 73 -11.84 -58.83 12.18
CA THR A 73 -11.01 -60.03 12.07
C THR A 73 -9.77 -59.96 12.95
N GLU A 74 -9.51 -58.83 13.60
CA GLU A 74 -8.42 -58.68 14.55
C GLU A 74 -7.04 -58.92 13.91
N ASP A 75 -6.88 -58.46 12.67
CA ASP A 75 -5.59 -58.60 12.00
C ASP A 75 -5.31 -57.49 10.99
N ARG A 76 -6.10 -56.41 10.96
CA ARG A 76 -5.86 -55.33 10.01
C ARG A 76 -4.86 -54.30 10.52
N TYR A 77 -4.59 -54.26 11.82
CA TYR A 77 -3.72 -53.26 12.41
C TYR A 77 -2.53 -53.91 13.10
N GLN A 78 -1.39 -53.23 13.05
CA GLN A 78 -0.19 -53.67 13.73
C GLN A 78 0.59 -52.45 14.21
N ASN A 79 1.42 -52.66 15.23
CA ASN A 79 2.24 -51.62 15.84
C ASN A 79 1.38 -50.43 16.30
N VAL A 80 0.39 -50.75 17.13
CA VAL A 80 -0.49 -49.74 17.69
C VAL A 80 0.17 -49.16 18.94
N ILE A 81 0.42 -47.85 18.92
CA ILE A 81 1.13 -47.15 19.99
C ILE A 81 0.24 -46.05 20.53
N VAL A 82 0.07 -46.02 21.85
CA VAL A 82 -0.72 -45.00 22.53
C VAL A 82 0.11 -44.48 23.70
N ARG A 83 0.56 -43.22 23.58
CA ARG A 83 1.41 -42.59 24.60
C ARG A 83 2.67 -43.40 24.85
N GLY A 84 3.35 -43.79 23.77
CA GLY A 84 4.58 -44.53 23.87
C GLY A 84 4.41 -46.02 24.11
N VAL A 85 3.32 -46.41 24.75
CA VAL A 85 3.09 -47.81 25.08
C VAL A 85 2.70 -48.56 23.80
N ASN A 86 3.48 -49.59 23.47
CA ASN A 86 3.20 -50.43 22.32
C ASN A 86 2.17 -51.48 22.72
N PHE A 87 0.94 -51.33 22.24
CA PHE A 87 -0.15 -52.21 22.64
C PHE A 87 -0.14 -53.55 21.93
N ASP A 88 0.59 -53.68 20.83
CA ASP A 88 0.70 -54.98 20.16
C ASP A 88 1.25 -56.05 21.10
N GLU A 89 2.35 -55.74 21.78
CA GLU A 89 2.96 -56.72 22.68
C GLU A 89 2.11 -56.94 23.92
N ARG A 90 1.46 -55.88 24.43
CA ARG A 90 0.61 -56.04 25.61
C ARG A 90 -0.58 -56.94 25.31
N VAL A 91 -1.15 -56.83 24.10
CA VAL A 91 -2.24 -57.71 23.71
C VAL A 91 -1.71 -59.11 23.45
N GLN A 92 -0.50 -59.21 22.90
CA GLN A 92 0.10 -60.53 22.66
C GLN A 92 0.33 -61.29 23.97
N ARG A 93 0.65 -60.57 25.04
CA ARG A 93 0.93 -61.17 26.34
C ARG A 93 -0.33 -61.48 27.15
N LEU A 94 -1.52 -61.31 26.58
CA LEU A 94 -2.76 -61.62 27.26
C LEU A 94 -3.30 -62.98 26.85
N SER A 95 -4.10 -63.57 27.74
CA SER A 95 -4.62 -64.92 27.50
C SER A 95 -5.61 -64.93 26.34
N THR A 96 -6.56 -63.98 26.35
CA THR A 96 -7.58 -63.95 25.30
C THR A 96 -7.13 -63.21 24.05
N GLY A 97 -5.95 -62.61 24.07
CA GLY A 97 -5.45 -61.89 22.90
C GLY A 97 -6.40 -60.76 22.51
N GLY A 98 -6.98 -60.88 21.33
CA GLY A 98 -7.93 -59.90 20.84
C GLY A 98 -7.31 -58.93 19.84
N SER A 99 -8.04 -57.85 19.60
CA SER A 99 -7.62 -56.82 18.66
C SER A 99 -6.87 -55.71 19.38
N PRO A 100 -5.67 -55.34 18.93
CA PRO A 100 -4.98 -54.20 19.56
C PRO A 100 -5.67 -52.88 19.29
N ALA A 101 -6.36 -52.74 18.16
CA ALA A 101 -7.04 -51.48 17.85
C ALA A 101 -8.15 -51.19 18.86
N ARG A 102 -9.03 -52.17 19.08
CA ARG A 102 -10.11 -51.97 20.05
C ARG A 102 -9.55 -51.79 21.46
N TYR A 103 -8.46 -52.47 21.79
CA TYR A 103 -7.84 -52.28 23.10
C TYR A 103 -7.24 -50.88 23.21
N ALA A 104 -6.89 -50.26 22.09
CA ALA A 104 -6.39 -48.89 22.13
C ALA A 104 -7.53 -47.87 22.22
N ILE A 105 -8.68 -48.17 21.58
CA ILE A 105 -9.77 -47.21 21.54
C ILE A 105 -10.42 -47.03 22.91
N VAL A 106 -10.39 -48.07 23.75
CA VAL A 106 -11.02 -48.02 25.07
C VAL A 106 -10.22 -47.14 26.02
N TYR A 107 -9.06 -46.67 25.57
CA TYR A 107 -8.27 -45.72 26.34
C TYR A 107 -8.60 -44.29 25.91
N ARG A 108 -8.40 -43.35 26.82
CA ARG A 108 -8.61 -41.94 26.51
C ARG A 108 -7.62 -41.52 25.43
N ARG A 109 -8.15 -40.93 24.35
CA ARG A 109 -7.39 -40.45 23.20
C ARG A 109 -6.77 -41.59 22.40
N GLY A 110 -7.16 -42.84 22.64
CA GLY A 110 -6.62 -43.96 21.89
C GLY A 110 -6.95 -43.96 20.42
N TRP A 111 -8.00 -43.24 20.01
CA TRP A 111 -8.38 -43.18 18.61
C TRP A 111 -7.32 -42.54 17.73
N ARG A 112 -6.40 -41.76 18.30
CA ARG A 112 -5.42 -41.04 17.49
C ARG A 112 -4.56 -41.99 16.68
N ALA A 113 -4.23 -43.15 17.23
CA ALA A 113 -3.43 -44.13 16.48
C ALA A 113 -4.23 -44.74 15.34
N ILE A 114 -5.47 -45.13 15.62
CA ILE A 114 -6.29 -45.77 14.59
C ILE A 114 -6.65 -44.79 13.49
N ALA A 115 -6.89 -43.53 13.85
CA ALA A 115 -7.22 -42.52 12.84
C ALA A 115 -6.03 -42.27 11.93
N LYS A 116 -4.82 -42.29 12.48
CA LYS A 116 -3.63 -42.17 11.63
C LYS A 116 -3.41 -43.42 10.80
N ALA A 117 -3.83 -44.59 11.31
CA ALA A 117 -3.70 -45.83 10.55
C ALA A 117 -4.62 -45.82 9.33
N LEU A 118 -5.76 -45.14 9.42
CA LEU A 118 -6.73 -45.08 8.32
C LEU A 118 -6.58 -43.83 7.46
N ASP A 119 -5.61 -42.97 7.77
CA ASP A 119 -5.36 -41.74 7.01
C ASP A 119 -6.62 -40.87 6.94
N ILE A 120 -7.40 -40.89 8.02
CA ILE A 120 -8.59 -40.04 8.13
C ILE A 120 -8.16 -38.62 8.41
N ASP A 121 -8.81 -37.66 7.75
CA ASP A 121 -8.50 -36.25 7.94
C ASP A 121 -8.59 -35.87 9.41
N GLU A 122 -7.46 -35.42 9.96
CA GLU A 122 -7.38 -35.06 11.37
C GLU A 122 -7.80 -33.62 11.63
N GLU A 123 -8.05 -32.84 10.58
CA GLU A 123 -8.53 -31.47 10.78
C GLU A 123 -9.96 -31.44 11.29
N ASP A 124 -10.75 -32.46 10.97
CA ASP A 124 -12.13 -32.57 11.43
C ASP A 124 -12.24 -33.24 12.80
N VAL A 125 -11.12 -33.53 13.45
CA VAL A 125 -11.07 -34.15 14.77
C VAL A 125 -11.89 -35.44 14.77
N PRO A 126 -11.38 -36.52 14.17
CA PRO A 126 -12.15 -37.79 14.16
C PRO A 126 -12.03 -38.52 15.50
N ALA A 127 -12.67 -37.95 16.52
CA ALA A 127 -12.57 -38.46 17.89
C ALA A 127 -13.64 -39.52 18.16
N ILE A 128 -13.24 -40.59 18.83
CA ILE A 128 -14.14 -41.66 19.24
C ILE A 128 -13.77 -42.03 20.67
N GLU A 129 -14.66 -41.76 21.62
CA GLU A 129 -14.43 -42.07 23.03
C GLU A 129 -15.59 -42.93 23.54
N VAL A 130 -15.25 -43.99 24.26
CA VAL A 130 -16.25 -44.91 24.80
C VAL A 130 -16.08 -45.01 26.31
N ARG A 131 -15.91 -43.86 26.97
CA ARG A 131 -15.61 -43.80 28.40
C ARG A 131 -16.70 -43.06 29.17
N ALA A 132 -17.95 -43.16 28.73
CA ALA A 132 -19.04 -42.52 29.46
C ALA A 132 -19.34 -43.30 30.74
N VAL A 133 -19.76 -42.58 31.78
CA VAL A 133 -20.00 -43.18 33.08
C VAL A 133 -21.33 -42.73 33.66
N LYS A 134 -21.45 -41.43 33.97
CA LYS A 134 -22.60 -40.94 34.71
C LYS A 134 -23.90 -41.16 33.94
N ARG A 135 -23.92 -40.77 32.66
CA ARG A 135 -25.12 -40.89 31.83
C ARG A 135 -25.05 -42.08 30.90
N ASN A 136 -24.19 -43.06 31.20
CA ASN A 136 -24.11 -44.26 30.38
C ASN A 136 -25.32 -45.14 30.64
N PRO A 137 -26.09 -45.51 29.61
CA PRO A 137 -27.24 -46.39 29.83
C PRO A 137 -26.87 -47.82 30.21
N LEU A 138 -25.59 -48.18 30.11
CA LEU A 138 -25.09 -49.48 30.52
C LEU A 138 -24.14 -49.31 31.70
N GLN A 139 -23.70 -50.43 32.25
CA GLN A 139 -22.65 -50.42 33.25
C GLN A 139 -21.35 -50.00 32.58
N PRO A 140 -20.67 -48.95 33.05
CA PRO A 140 -19.52 -48.43 32.28
C PRO A 140 -18.43 -49.46 32.02
N ALA A 141 -18.03 -50.23 33.02
CA ALA A 141 -17.00 -51.24 32.81
C ALA A 141 -17.47 -52.32 31.83
N LEU A 142 -18.72 -52.76 31.98
CA LEU A 142 -19.28 -53.73 31.03
C LEU A 142 -19.34 -53.13 29.63
N TYR A 143 -19.72 -51.84 29.53
CA TYR A 143 -19.73 -51.15 28.25
C TYR A 143 -18.36 -51.19 27.58
N ARG A 144 -17.32 -50.84 28.34
CA ARG A 144 -15.97 -50.81 27.78
C ARG A 144 -15.48 -52.22 27.42
N ILE A 145 -15.84 -53.22 28.22
CA ILE A 145 -15.43 -54.58 27.92
C ILE A 145 -16.11 -55.09 26.65
N LEU A 146 -17.40 -54.78 26.49
CA LEU A 146 -18.09 -55.11 25.24
C LEU A 146 -17.45 -54.40 24.06
N VAL A 147 -17.01 -53.16 24.26
CA VAL A 147 -16.35 -52.42 23.17
C VAL A 147 -15.05 -53.11 22.77
N ARG A 148 -14.23 -53.48 23.76
CA ARG A 148 -12.88 -53.97 23.44
C ARG A 148 -12.91 -55.36 22.82
N TYR A 149 -13.93 -56.17 23.11
CA TYR A 149 -14.04 -57.49 22.53
C TYR A 149 -14.83 -57.53 21.24
N GLY A 150 -15.24 -56.36 20.72
CA GLY A 150 -16.00 -56.32 19.48
C GLY A 150 -17.34 -57.02 19.59
N ARG A 151 -18.07 -56.80 20.68
CA ARG A 151 -19.36 -57.44 20.91
C ARG A 151 -20.48 -56.53 20.41
N VAL A 152 -20.52 -56.38 19.08
CA VAL A 152 -21.57 -55.58 18.45
C VAL A 152 -22.94 -56.23 18.60
N ASP A 153 -23.00 -57.53 18.90
CA ASP A 153 -24.28 -58.19 19.11
C ASP A 153 -24.87 -57.83 20.46
N LEU A 154 -24.04 -57.74 21.50
CA LEU A 154 -24.54 -57.44 22.83
C LEU A 154 -24.76 -55.95 23.05
N MET A 155 -24.12 -55.10 22.28
CA MET A 155 -24.28 -53.66 22.42
C MET A 155 -25.65 -53.24 21.88
N PRO A 156 -26.53 -52.69 22.72
CA PRO A 156 -27.84 -52.25 22.22
C PRO A 156 -27.71 -51.00 21.37
N VAL A 157 -28.70 -50.83 20.49
CA VAL A 157 -28.76 -49.67 19.59
C VAL A 157 -29.86 -48.70 19.98
N THR A 158 -30.59 -48.96 21.07
CA THR A 158 -31.63 -48.08 21.54
C THR A 158 -31.71 -48.18 23.06
N VAL A 159 -32.03 -47.05 23.70
CA VAL A 159 -32.12 -47.02 25.16
C VAL A 159 -33.17 -47.98 25.68
N ASP A 160 -34.23 -48.22 24.89
CA ASP A 160 -35.26 -49.16 25.30
C ASP A 160 -34.77 -50.60 25.24
N GLU A 161 -33.93 -50.93 24.25
CA GLU A 161 -33.40 -52.28 24.11
C GLU A 161 -32.37 -52.62 25.19
N VAL A 162 -32.00 -51.66 26.04
CA VAL A 162 -31.04 -51.89 27.11
C VAL A 162 -31.64 -52.86 28.12
N PRO A 163 -31.07 -54.04 28.31
CA PRO A 163 -31.61 -54.98 29.30
C PRO A 163 -31.18 -54.60 30.70
N PRO A 164 -32.06 -54.74 31.69
CA PRO A 164 -31.67 -54.39 33.06
C PRO A 164 -30.50 -55.21 33.59
N GLU A 165 -30.29 -56.42 33.07
CA GLU A 165 -29.17 -57.25 33.50
C GLU A 165 -27.82 -56.67 33.09
N MET A 166 -27.80 -55.66 32.21
CA MET A 166 -26.57 -54.99 31.82
C MET A 166 -26.38 -53.64 32.51
N ALA A 167 -27.44 -53.07 33.09
CA ALA A 167 -27.35 -51.73 33.68
C ALA A 167 -27.68 -51.75 35.16
N GLY A 168 -28.95 -51.59 35.50
CA GLY A 168 -29.34 -51.50 36.91
C GLY A 168 -29.07 -52.79 37.66
N GLU A 169 -29.60 -53.90 37.14
CA GLU A 169 -29.39 -55.22 37.72
C GLU A 169 -28.21 -55.93 37.06
N PHE A 170 -27.07 -55.23 37.01
CA PHE A 170 -25.89 -55.77 36.35
C PHE A 170 -25.38 -57.05 37.00
N GLU A 171 -25.66 -57.23 38.30
CA GLU A 171 -25.18 -58.42 38.99
C GLU A 171 -25.83 -59.69 38.45
N ARG A 172 -27.05 -59.58 37.92
CA ARG A 172 -27.76 -60.76 37.42
C ARG A 172 -27.07 -61.38 36.21
N LEU A 173 -26.19 -60.64 35.53
CA LEU A 173 -25.47 -61.19 34.39
C LEU A 173 -24.24 -61.99 34.81
N ILE A 174 -23.59 -61.61 35.91
CA ILE A 174 -22.47 -62.41 36.42
C ILE A 174 -22.99 -63.68 37.07
N GLU A 175 -24.18 -63.63 37.68
CA GLU A 175 -24.78 -64.79 38.32
C GLU A 175 -25.27 -65.84 37.31
N ARG A 176 -25.34 -65.48 36.03
CA ARG A 176 -25.79 -66.43 35.01
C ARG A 176 -24.72 -67.42 34.60
N TYR A 177 -23.44 -67.10 34.80
CA TYR A 177 -22.36 -67.97 34.35
C TYR A 177 -21.45 -68.46 35.45
N ASP A 178 -21.58 -67.94 36.67
CA ASP A 178 -20.80 -68.36 37.84
C ASP A 178 -19.31 -68.37 37.54
N VAL A 179 -18.75 -67.17 37.49
CA VAL A 179 -17.32 -67.00 37.21
C VAL A 179 -16.60 -66.87 38.55
N PRO A 180 -15.37 -67.38 38.69
CA PRO A 180 -14.68 -67.29 39.99
C PRO A 180 -14.38 -65.84 40.34
N ILE A 181 -14.69 -65.46 41.57
CA ILE A 181 -14.55 -64.10 42.04
C ILE A 181 -13.61 -64.08 43.24
N ASP A 182 -12.60 -63.20 43.18
CA ASP A 182 -11.67 -63.04 44.28
C ASP A 182 -12.23 -62.02 45.28
N GLU A 183 -11.63 -62.00 46.48
CA GLU A 183 -12.14 -61.17 47.56
C GLU A 183 -12.15 -59.69 47.19
N LYS A 184 -11.09 -59.21 46.52
CA LYS A 184 -11.04 -57.82 46.10
C LYS A 184 -12.17 -57.49 45.12
N GLU A 185 -12.48 -58.42 44.21
CA GLU A 185 -13.60 -58.18 43.30
C GLU A 185 -14.92 -58.23 44.03
N GLU A 186 -15.02 -59.01 45.11
CA GLU A 186 -16.22 -58.98 45.93
C GLU A 186 -16.37 -57.63 46.63
N ARG A 187 -15.25 -57.06 47.10
CA ARG A 187 -15.30 -55.73 47.71
C ARG A 187 -15.63 -54.66 46.69
N ILE A 188 -15.33 -54.90 45.42
CA ILE A 188 -15.75 -53.95 44.38
C ILE A 188 -17.23 -54.12 44.09
N LEU A 189 -17.72 -55.36 44.02
CA LEU A 189 -19.11 -55.59 43.68
C LEU A 189 -20.04 -55.14 44.80
N GLU A 190 -19.61 -55.25 46.06
CA GLU A 190 -20.47 -54.79 47.16
C GLU A 190 -20.66 -53.27 47.14
N ILE A 191 -19.75 -52.53 46.52
CA ILE A 191 -19.95 -51.09 46.33
C ILE A 191 -20.73 -50.82 45.05
N LEU A 192 -20.49 -51.62 44.00
CA LEU A 192 -21.22 -51.41 42.76
C LEU A 192 -22.68 -51.82 42.87
N ARG A 193 -23.05 -52.61 43.88
CA ARG A 193 -24.45 -52.91 44.12
C ARG A 193 -25.22 -51.71 44.65
N GLU A 194 -24.53 -50.77 45.29
CA GLU A 194 -25.21 -49.55 45.74
C GLU A 194 -25.56 -48.66 44.56
N ASN A 195 -24.57 -48.37 43.71
CA ASN A 195 -24.78 -47.58 42.51
C ASN A 195 -23.85 -48.09 41.41
N PRO A 196 -24.38 -48.74 40.37
CA PRO A 196 -23.51 -49.32 39.34
C PRO A 196 -22.73 -48.30 38.54
N TRP A 197 -23.10 -47.01 38.61
CA TRP A 197 -22.42 -45.95 37.88
C TRP A 197 -21.45 -45.17 38.76
N THR A 198 -20.89 -45.82 39.77
CA THR A 198 -19.92 -45.16 40.63
C THR A 198 -18.59 -45.04 39.89
N PRO A 199 -17.97 -43.87 39.88
CA PRO A 199 -16.66 -43.74 39.20
C PRO A 199 -15.62 -44.63 39.86
N HIS A 200 -14.62 -45.03 39.06
CA HIS A 200 -13.58 -45.92 39.57
C HIS A 200 -12.71 -45.23 40.61
N ASP A 201 -12.52 -43.91 40.50
CA ASP A 201 -11.77 -43.19 41.51
C ASP A 201 -12.48 -43.23 42.86
N GLU A 202 -13.81 -43.19 42.86
CA GLU A 202 -14.54 -43.29 44.13
C GLU A 202 -14.46 -44.69 44.71
N ILE A 203 -14.47 -45.72 43.86
CA ILE A 203 -14.30 -47.09 44.33
C ILE A 203 -12.92 -47.26 44.94
N ALA A 204 -11.91 -46.65 44.33
CA ALA A 204 -10.56 -46.70 44.88
C ALA A 204 -10.47 -45.93 46.18
N ARG A 205 -11.22 -44.82 46.29
CA ARG A 205 -11.19 -44.02 47.51
C ARG A 205 -11.87 -44.74 48.67
N ARG A 206 -12.91 -45.52 48.39
CA ARG A 206 -13.61 -46.25 49.44
C ARG A 206 -13.04 -47.63 49.71
N LEU A 207 -12.17 -48.14 48.83
CA LEU A 207 -11.55 -49.45 49.05
C LEU A 207 -10.09 -49.36 49.49
N GLY A 208 -9.52 -48.16 49.52
CA GLY A 208 -8.15 -47.98 49.95
C GLY A 208 -7.11 -48.26 48.89
N LEU A 209 -7.47 -48.90 47.79
CA LEU A 209 -6.54 -49.20 46.71
C LEU A 209 -6.51 -48.06 45.70
N SER A 210 -5.59 -48.16 44.75
CA SER A 210 -5.46 -47.17 43.70
C SER A 210 -6.38 -47.55 42.53
N VAL A 211 -6.38 -46.71 41.49
CA VAL A 211 -7.29 -46.92 40.37
C VAL A 211 -6.87 -48.13 39.55
N SER A 212 -5.55 -48.28 39.32
CA SER A 212 -5.07 -49.41 38.53
C SER A 212 -5.37 -50.73 39.21
N GLU A 213 -5.40 -50.75 40.54
CA GLU A 213 -5.75 -51.98 41.25
C GLU A 213 -7.23 -52.31 41.08
N VAL A 214 -8.09 -51.32 41.23
CA VAL A 214 -9.53 -51.54 41.10
C VAL A 214 -9.87 -51.99 39.69
N GLU A 215 -9.25 -51.36 38.69
CA GLU A 215 -9.55 -51.72 37.30
C GLU A 215 -8.91 -53.06 36.95
N GLY A 216 -7.60 -53.17 37.09
CA GLY A 216 -6.89 -54.37 36.69
C GLY A 216 -6.74 -54.46 35.18
N GLU A 217 -6.23 -55.59 34.73
CA GLU A 217 -6.05 -55.83 33.31
C GLU A 217 -7.35 -56.32 32.68
N LYS A 218 -7.61 -55.86 31.46
CA LYS A 218 -8.82 -56.23 30.73
C LYS A 218 -8.66 -57.64 30.16
N ASP A 219 -8.59 -58.62 31.07
CA ASP A 219 -8.34 -60.00 30.71
C ASP A 219 -8.82 -60.88 31.86
N PRO A 220 -9.38 -62.07 31.57
CA PRO A 220 -9.81 -62.94 32.68
C PRO A 220 -8.71 -63.28 33.67
N GLU A 221 -7.48 -63.45 33.19
CA GLU A 221 -6.34 -63.81 34.04
C GLU A 221 -5.76 -62.56 34.71
N SER A 222 -6.58 -61.94 35.55
CA SER A 222 -6.18 -60.75 36.30
C SER A 222 -7.16 -60.56 37.45
N SER A 223 -7.08 -59.41 38.11
CA SER A 223 -7.94 -59.08 39.23
C SER A 223 -8.46 -57.65 39.06
N GLY A 224 -9.77 -57.51 39.02
CA GLY A 224 -10.38 -56.21 38.85
C GLY A 224 -11.74 -56.34 38.19
N ILE A 225 -12.42 -55.20 38.08
CA ILE A 225 -13.73 -55.19 37.45
C ILE A 225 -13.62 -55.47 35.96
N TYR A 226 -12.58 -54.93 35.32
CA TYR A 226 -12.30 -55.27 33.92
C TYR A 226 -12.05 -56.77 33.78
N SER A 227 -11.27 -57.34 34.69
CA SER A 227 -10.98 -58.77 34.63
C SER A 227 -12.24 -59.60 34.85
N LEU A 228 -13.10 -59.16 35.77
CA LEU A 228 -14.34 -59.89 36.02
C LEU A 228 -15.26 -59.87 34.80
N TRP A 229 -15.45 -58.68 34.22
CA TRP A 229 -16.32 -58.58 33.04
C TRP A 229 -15.73 -59.36 31.87
N SER A 230 -14.39 -59.37 31.73
CA SER A 230 -13.76 -60.16 30.69
C SER A 230 -14.00 -61.66 30.92
N ARG A 231 -13.91 -62.10 32.17
CA ARG A 231 -14.22 -63.49 32.50
C ARG A 231 -15.66 -63.83 32.17
N VAL A 232 -16.58 -62.87 32.35
CA VAL A 232 -17.99 -63.15 32.07
C VAL A 232 -18.28 -63.09 30.57
N VAL A 233 -17.75 -62.08 29.88
CA VAL A 233 -18.11 -61.86 28.49
C VAL A 233 -17.56 -62.97 27.59
N VAL A 234 -16.34 -63.43 27.86
CA VAL A 234 -15.73 -64.46 27.01
C VAL A 234 -16.58 -65.74 26.99
N ASN A 235 -17.24 -66.04 28.10
CA ASN A 235 -18.06 -67.24 28.19
C ASN A 235 -19.43 -67.08 27.55
N ILE A 236 -19.68 -65.96 26.87
CA ILE A 236 -20.94 -65.72 26.18
C ILE A 236 -20.75 -66.02 24.69
N GLU A 237 -21.63 -66.86 24.14
CA GLU A 237 -21.53 -67.19 22.72
C GLU A 237 -21.87 -65.98 21.87
N TYR A 238 -21.15 -65.85 20.75
CA TYR A 238 -21.33 -64.70 19.87
C TYR A 238 -22.59 -64.88 19.03
N ASP A 239 -23.57 -64.01 19.25
CA ASP A 239 -24.81 -64.05 18.48
C ASP A 239 -24.62 -63.34 17.16
N GLU A 240 -24.93 -64.02 16.06
CA GLU A 240 -24.71 -63.46 14.73
C GLU A 240 -25.93 -62.72 14.21
N ARG A 241 -27.13 -63.25 14.45
CA ARG A 241 -28.35 -62.61 13.99
C ARG A 241 -28.50 -61.21 14.58
N THR A 242 -28.29 -61.08 15.90
CA THR A 242 -28.37 -59.76 16.53
C THR A 242 -27.32 -58.81 15.96
N ALA A 243 -26.12 -59.32 15.69
CA ALA A 243 -25.08 -58.51 15.07
C ALA A 243 -25.55 -57.97 13.72
N LYS A 244 -26.10 -58.85 12.88
CA LYS A 244 -26.52 -58.46 11.54
C LYS A 244 -27.66 -57.44 11.60
N ARG A 245 -28.62 -57.68 12.50
CA ARG A 245 -29.75 -56.74 12.64
C ARG A 245 -29.29 -55.38 13.13
N HIS A 246 -28.36 -55.34 14.10
CA HIS A 246 -27.83 -54.07 14.56
C HIS A 246 -27.09 -53.35 13.44
N VAL A 247 -26.30 -54.09 12.66
CA VAL A 247 -25.56 -53.48 11.56
C VAL A 247 -26.53 -52.87 10.55
N LYS A 248 -27.64 -53.58 10.27
CA LYS A 248 -28.59 -53.07 9.30
C LYS A 248 -29.32 -51.83 9.82
N ARG A 249 -29.64 -51.79 11.12
CA ARG A 249 -30.48 -50.72 11.63
C ARG A 249 -29.73 -49.48 12.08
N ARG A 250 -28.48 -49.61 12.52
CA ARG A 250 -27.81 -48.52 13.23
C ARG A 250 -27.56 -47.29 12.36
N ASP A 251 -27.40 -47.46 11.05
CA ASP A 251 -27.16 -46.29 10.20
C ASP A 251 -28.39 -45.38 10.15
N ARG A 252 -29.55 -45.96 9.87
CA ARG A 252 -30.77 -45.16 9.88
C ARG A 252 -31.12 -44.70 11.28
N LEU A 253 -30.76 -45.48 12.32
CA LEU A 253 -30.97 -45.01 13.67
C LEU A 253 -30.14 -43.75 13.95
N LEU A 254 -28.91 -43.72 13.43
CA LEU A 254 -28.08 -42.53 13.61
C LEU A 254 -28.65 -41.33 12.86
N GLU A 255 -29.15 -41.55 11.64
CA GLU A 255 -29.77 -40.44 10.92
C GLU A 255 -31.01 -39.94 11.64
N GLU A 256 -31.80 -40.86 12.22
CA GLU A 256 -32.96 -40.47 13.00
C GLU A 256 -32.57 -39.67 14.24
N LEU A 257 -31.49 -40.09 14.91
CA LEU A 257 -31.02 -39.35 16.07
C LEU A 257 -30.53 -37.95 15.67
N TYR A 258 -29.92 -37.83 14.49
CA TYR A 258 -29.51 -36.51 14.03
C TYR A 258 -30.73 -35.63 13.74
N GLU A 259 -31.78 -36.22 13.16
CA GLU A 259 -33.02 -35.47 12.97
C GLU A 259 -33.61 -35.02 14.32
N HIS A 260 -33.56 -35.90 15.32
CA HIS A 260 -34.02 -35.53 16.66
C HIS A 260 -33.18 -34.39 17.23
N LEU A 261 -31.87 -34.44 17.01
CA LEU A 261 -30.99 -33.37 17.49
C LEU A 261 -31.35 -32.04 16.85
N GLU A 262 -31.59 -32.04 15.54
CA GLU A 262 -31.96 -30.81 14.86
C GLU A 262 -33.32 -30.30 15.35
N GLU A 263 -34.27 -31.22 15.57
CA GLU A 263 -35.56 -30.84 16.13
C GLU A 263 -35.39 -30.15 17.48
N LEU A 264 -34.65 -30.76 18.40
CA LEU A 264 -34.49 -30.18 19.73
C LEU A 264 -33.70 -28.89 19.69
N SER A 265 -32.74 -28.76 18.76
CA SER A 265 -31.98 -27.52 18.66
C SER A 265 -32.86 -26.39 18.14
N GLU A 266 -33.66 -26.65 17.11
CA GLU A 266 -34.60 -25.63 16.63
C GLU A 266 -35.69 -25.33 17.65
N ARG A 267 -35.96 -26.25 18.57
CA ARG A 267 -36.94 -26.00 19.61
C ARG A 267 -36.37 -25.15 20.74
N TYR A 268 -35.09 -25.38 21.10
CA TYR A 268 -34.48 -24.69 22.23
C TYR A 268 -33.59 -23.52 21.84
N LEU A 269 -33.10 -23.47 20.60
CA LEU A 269 -32.21 -22.41 20.17
C LEU A 269 -32.68 -21.65 18.94
N ARG A 270 -33.70 -22.15 18.24
CA ARG A 270 -34.22 -21.54 17.01
C ARG A 270 -33.22 -21.56 15.86
N HIS A 271 -32.26 -22.49 15.88
CA HIS A 271 -31.32 -22.65 14.78
C HIS A 271 -30.74 -24.05 14.83
N PRO A 272 -30.45 -24.66 13.68
CA PRO A 272 -29.95 -26.02 13.68
C PRO A 272 -28.44 -26.08 13.92
N LEU A 273 -28.00 -27.24 14.41
CA LEU A 273 -26.58 -27.51 14.65
C LEU A 273 -26.03 -28.26 13.43
N THR A 274 -25.44 -27.52 12.50
CA THR A 274 -24.90 -28.14 11.29
C THR A 274 -23.66 -28.96 11.61
N ARG A 275 -23.30 -29.84 10.68
CA ARG A 275 -22.10 -30.66 10.88
C ARG A 275 -20.85 -29.80 10.99
N ARG A 276 -20.77 -28.73 10.19
CA ARG A 276 -19.59 -27.86 10.25
C ARG A 276 -19.49 -27.17 11.60
N TRP A 277 -20.61 -26.69 12.13
CA TRP A 277 -20.60 -26.12 13.48
C TRP A 277 -20.15 -27.15 14.50
N ILE A 278 -20.56 -28.41 14.33
CA ILE A 278 -20.16 -29.45 15.26
C ILE A 278 -18.65 -29.69 15.19
N VAL A 279 -18.10 -29.71 13.98
CA VAL A 279 -16.65 -29.88 13.83
C VAL A 279 -15.90 -28.72 14.46
N GLU A 280 -16.36 -27.48 14.22
CA GLU A 280 -15.67 -26.33 14.79
C GLU A 280 -15.78 -26.31 16.31
N HIS A 281 -16.92 -26.77 16.86
CA HIS A 281 -17.05 -26.83 18.32
C HIS A 281 -16.16 -27.92 18.89
N LYS A 282 -16.04 -29.05 18.19
CA LYS A 282 -15.08 -30.07 18.60
C LYS A 282 -13.67 -29.52 18.62
N ARG A 283 -13.30 -28.76 17.60
CA ARG A 283 -11.99 -28.11 17.58
C ARG A 283 -11.82 -27.19 18.79
N ASP A 284 -12.77 -26.27 18.99
CA ASP A 284 -12.65 -25.31 20.08
C ASP A 284 -12.52 -26.02 21.42
N ILE A 285 -13.34 -27.05 21.62
CA ILE A 285 -13.40 -27.74 22.89
C ILE A 285 -12.17 -28.63 23.08
N MET A 286 -11.57 -29.09 21.99
CA MET A 286 -10.48 -30.05 22.02
C MET A 286 -9.09 -29.45 21.94
N ARG A 287 -8.95 -28.25 21.36
CA ARG A 287 -7.62 -27.64 21.19
C ARG A 287 -6.99 -27.23 22.51
N ARG A 288 -7.71 -27.34 23.63
CA ARG A 288 -7.16 -27.01 24.93
C ARG A 288 -6.07 -27.99 25.36
N TYR A 289 -6.01 -29.18 24.77
CA TYR A 289 -4.96 -30.13 25.07
C TYR A 289 -3.83 -29.97 24.07
N LEU A 290 -2.59 -30.11 24.56
CA LEU A 290 -1.43 -29.90 23.70
C LEU A 290 -1.35 -30.91 22.56
N GLU A 291 -2.02 -32.05 22.68
CA GLU A 291 -1.95 -33.05 21.63
C GLU A 291 -2.61 -32.58 20.34
N GLN A 292 -3.65 -31.74 20.45
CA GLN A 292 -4.30 -31.20 19.27
C GLN A 292 -3.44 -30.14 18.59
N ARG A 293 -2.75 -29.32 19.39
CA ARG A 293 -1.80 -28.37 18.82
C ARG A 293 -0.69 -29.09 18.09
N ILE A 294 -0.28 -30.26 18.59
CA ILE A 294 0.70 -31.07 17.87
C ILE A 294 0.17 -31.46 16.50
N VAL A 295 -1.11 -31.84 16.44
CA VAL A 295 -1.70 -32.24 15.16
C VAL A 295 -1.76 -31.05 14.20
N GLU A 296 -2.14 -29.87 14.70
CA GLU A 296 -2.15 -28.69 13.85
C GLU A 296 -0.75 -28.37 13.33
N CYS A 297 0.25 -28.47 14.19
CA CYS A 297 1.62 -28.17 13.78
C CYS A 297 2.11 -29.19 12.75
N ALA A 298 1.80 -30.47 12.94
CA ALA A 298 2.20 -31.49 11.98
C ALA A 298 1.50 -31.29 10.64
N LEU A 299 0.22 -30.93 10.65
CA LEU A 299 -0.48 -30.68 9.40
C LEU A 299 0.09 -29.46 8.68
N LYS A 300 0.43 -28.40 9.42
CA LYS A 300 1.02 -27.24 8.76
C LYS A 300 2.43 -27.55 8.24
N LEU A 301 3.16 -28.42 8.91
CA LEU A 301 4.47 -28.81 8.40
C LEU A 301 4.35 -29.68 7.16
N GLN A 302 3.31 -30.52 7.08
CA GLN A 302 3.11 -31.33 5.89
C GLN A 302 2.64 -30.48 4.71
N ASP A 303 1.73 -29.54 4.96
CA ASP A 303 1.14 -28.77 3.88
C ASP A 303 2.07 -27.65 3.42
N ARG A 304 2.48 -26.78 4.34
CA ARG A 304 3.23 -25.58 3.95
C ARG A 304 4.68 -25.91 3.56
N TYR A 305 5.28 -26.91 4.21
CA TYR A 305 6.70 -27.19 4.02
C TYR A 305 6.97 -28.55 3.41
N GLY A 306 5.94 -29.35 3.12
CA GLY A 306 6.13 -30.59 2.40
C GLY A 306 6.94 -31.63 3.14
N ILE A 307 6.90 -31.62 4.47
CA ILE A 307 7.62 -32.61 5.26
C ILE A 307 6.78 -33.89 5.34
N ARG A 308 7.45 -35.03 5.37
CA ARG A 308 6.78 -36.31 5.52
C ARG A 308 5.92 -36.32 6.78
N GLU A 309 4.87 -37.15 6.76
CA GLU A 309 3.90 -37.14 7.85
C GLU A 309 4.52 -37.53 9.18
N ASP A 310 5.22 -38.66 9.21
CA ASP A 310 5.79 -39.13 10.48
C ASP A 310 6.86 -38.16 11.00
N VAL A 311 7.67 -37.62 10.10
CA VAL A 311 8.72 -36.69 10.52
C VAL A 311 8.11 -35.40 11.05
N ALA A 312 7.08 -34.90 10.39
CA ALA A 312 6.42 -33.69 10.87
C ALA A 312 5.75 -33.93 12.22
N LEU A 313 5.13 -35.10 12.40
CA LEU A 313 4.52 -35.43 13.68
C LEU A 313 5.57 -35.50 14.79
N CYS A 314 6.72 -36.12 14.50
CA CYS A 314 7.76 -36.23 15.51
C CYS A 314 8.36 -34.87 15.85
N LEU A 315 8.52 -34.00 14.84
CA LEU A 315 8.99 -32.65 15.11
C LEU A 315 7.99 -31.87 15.95
N ALA A 316 6.70 -31.99 15.64
CA ALA A 316 5.69 -31.29 16.42
C ALA A 316 5.65 -31.79 17.86
N ARG A 317 5.83 -33.10 18.05
CA ARG A 317 5.90 -33.65 19.40
C ARG A 317 7.09 -33.10 20.16
N ALA A 318 8.28 -33.19 19.57
CA ALA A 318 9.50 -32.81 20.26
C ALA A 318 9.63 -31.31 20.53
N PHE A 319 8.71 -30.49 19.99
CA PHE A 319 8.84 -29.05 20.16
C PHE A 319 7.51 -28.40 20.52
N ASP A 320 6.63 -29.14 21.21
CA ASP A 320 5.37 -28.61 21.73
C ASP A 320 4.50 -28.01 20.63
N GLY A 321 4.67 -28.48 19.40
CA GLY A 321 3.86 -27.99 18.29
C GLY A 321 4.04 -26.53 17.98
N SER A 322 5.23 -25.98 18.19
CA SER A 322 5.53 -24.58 17.92
C SER A 322 6.39 -24.50 16.67
N ILE A 323 5.81 -24.01 15.57
CA ILE A 323 6.56 -23.83 14.34
C ILE A 323 7.66 -22.80 14.54
N SER A 324 7.35 -21.71 15.25
CA SER A 324 8.33 -20.65 15.47
C SER A 324 9.57 -21.15 16.19
N MET A 325 9.41 -22.10 17.11
CA MET A 325 10.57 -22.63 17.81
CA MET A 325 10.57 -22.64 17.81
C MET A 325 11.38 -23.58 16.92
N ILE A 326 10.70 -24.34 16.06
CA ILE A 326 11.43 -25.21 15.14
C ILE A 326 12.21 -24.38 14.13
N ALA A 327 11.68 -23.21 13.74
CA ALA A 327 12.36 -22.35 12.78
C ALA A 327 13.59 -21.68 13.37
N THR A 328 13.83 -21.82 14.67
CA THR A 328 15.03 -21.28 15.30
C THR A 328 15.87 -22.36 15.97
N THR A 329 15.60 -23.64 15.68
CA THR A 329 16.35 -24.74 16.26
C THR A 329 17.42 -25.22 15.30
N PRO A 330 18.66 -25.37 15.73
CA PRO A 330 19.73 -25.79 14.81
C PRO A 330 19.51 -27.20 14.29
N TYR A 331 20.24 -27.51 13.21
CA TYR A 331 20.03 -28.75 12.49
C TYR A 331 20.37 -29.98 13.33
N ARG A 332 21.44 -29.88 14.14
CA ARG A 332 21.87 -31.04 14.92
C ARG A 332 20.83 -31.43 15.97
N THR A 333 20.17 -30.45 16.58
CA THR A 333 19.11 -30.76 17.54
C THR A 333 17.93 -31.42 16.84
N LEU A 334 17.58 -30.95 15.65
CA LEU A 334 16.49 -31.55 14.90
C LEU A 334 16.83 -32.98 14.51
N LYS A 335 18.08 -33.24 14.15
CA LYS A 335 18.50 -34.61 13.87
C LYS A 335 18.50 -35.46 15.13
N ASP A 336 18.78 -34.86 16.28
CA ASP A 336 18.70 -35.59 17.54
C ASP A 336 17.27 -36.02 17.82
N VAL A 337 16.31 -35.10 17.68
CA VAL A 337 14.93 -35.43 17.99
C VAL A 337 14.29 -36.26 16.88
N CYS A 338 14.74 -36.08 15.63
CA CYS A 338 14.21 -36.83 14.49
C CYS A 338 15.37 -37.35 13.66
N PRO A 339 15.83 -38.58 13.92
CA PRO A 339 16.97 -39.11 13.16
C PRO A 339 16.67 -39.33 11.69
N ASP A 340 15.42 -39.52 11.31
CA ASP A 340 15.05 -39.74 9.92
C ASP A 340 14.85 -38.44 9.14
N LEU A 341 14.91 -37.29 9.81
CA LEU A 341 14.73 -36.02 9.13
C LEU A 341 15.84 -35.80 8.09
N THR A 342 15.46 -35.29 6.93
CA THR A 342 16.42 -34.98 5.89
C THR A 342 16.87 -33.52 6.00
N LEU A 343 18.03 -33.24 5.43
CA LEU A 343 18.57 -31.88 5.46
C LEU A 343 17.66 -30.92 4.70
N GLU A 344 17.05 -31.38 3.61
CA GLU A 344 16.17 -30.50 2.84
C GLU A 344 14.90 -30.17 3.61
N GLU A 345 14.36 -31.13 4.36
CA GLU A 345 13.21 -30.85 5.20
C GLU A 345 13.54 -29.82 6.27
N ALA A 346 14.71 -29.97 6.91
CA ALA A 346 15.13 -29.01 7.93
C ALA A 346 15.31 -27.62 7.33
N LYS A 347 15.88 -27.55 6.12
CA LYS A 347 16.02 -26.26 5.44
C LYS A 347 14.66 -25.67 5.10
N SER A 348 13.68 -26.52 4.75
CA SER A 348 12.36 -26.02 4.40
C SER A 348 11.64 -25.47 5.63
N VAL A 349 11.79 -26.11 6.78
CA VAL A 349 11.10 -25.63 7.97
C VAL A 349 11.86 -24.49 8.63
N ASN A 350 13.18 -24.60 8.74
CA ASN A 350 14.01 -23.52 9.29
C ASN A 350 14.48 -22.66 8.13
N ARG A 351 13.78 -21.55 7.89
CA ARG A 351 14.13 -20.69 6.75
C ARG A 351 15.51 -20.08 6.91
N THR A 352 15.93 -19.78 8.15
CA THR A 352 17.26 -19.23 8.37
C THR A 352 18.34 -20.26 8.01
N LEU A 353 18.13 -21.52 8.39
CA LEU A 353 19.08 -22.57 8.01
C LEU A 353 19.21 -22.68 6.50
N ALA A 354 18.09 -22.61 5.78
CA ALA A 354 18.14 -22.67 4.32
C ALA A 354 18.89 -21.47 3.75
N THR A 355 18.56 -20.26 4.22
CA THR A 355 19.24 -19.06 3.73
C THR A 355 20.74 -19.14 3.99
N LEU A 356 21.15 -19.73 5.11
CA LEU A 356 22.57 -19.85 5.40
C LEU A 356 23.24 -20.89 4.50
N ILE A 357 22.64 -22.08 4.38
CA ILE A 357 23.27 -23.17 3.64
C ILE A 357 23.31 -22.84 2.15
N ASP A 358 22.20 -22.36 1.60
CA ASP A 358 22.06 -22.18 0.16
C ASP A 358 22.60 -20.82 -0.31
N GLU A 359 21.97 -19.73 0.15
CA GLU A 359 22.36 -18.41 -0.32
C GLU A 359 23.76 -18.00 0.11
N HIS A 360 24.34 -18.67 1.12
CA HIS A 360 25.66 -18.30 1.62
C HIS A 360 26.66 -19.44 1.65
N GLY A 361 26.26 -20.66 1.29
CA GLY A 361 27.22 -21.74 1.14
C GLY A 361 27.93 -22.14 2.41
N LEU A 362 27.22 -22.16 3.53
CA LEU A 362 27.79 -22.60 4.79
C LEU A 362 27.50 -24.09 5.00
N SER A 363 28.39 -24.74 5.75
CA SER A 363 28.13 -26.11 6.16
C SER A 363 27.02 -26.14 7.19
N PRO A 364 26.36 -27.29 7.39
CA PRO A 364 25.33 -27.37 8.43
C PRO A 364 25.82 -26.95 9.81
N ASP A 365 27.06 -27.29 10.16
CA ASP A 365 27.60 -26.88 11.45
C ASP A 365 27.88 -25.39 11.49
N ALA A 366 28.44 -24.84 10.40
CA ALA A 366 28.66 -23.39 10.34
C ALA A 366 27.35 -22.63 10.39
N ALA A 367 26.28 -23.20 9.84
CA ALA A 367 24.97 -22.56 9.93
C ALA A 367 24.40 -22.67 11.35
N ASP A 368 24.56 -23.85 11.97
CA ASP A 368 24.09 -24.02 13.35
C ASP A 368 24.80 -23.07 14.30
N GLU A 369 26.04 -22.71 14.02
CA GLU A 369 26.72 -21.69 14.81
C GLU A 369 25.89 -20.41 14.89
N LEU A 370 25.58 -19.84 13.72
CA LEU A 370 24.80 -18.61 13.69
C LEU A 370 23.40 -18.82 14.22
N ILE A 371 22.82 -20.01 14.01
CA ILE A 371 21.48 -20.28 14.52
C ILE A 371 21.46 -20.23 16.05
N GLU A 372 22.43 -20.87 16.69
CA GLU A 372 22.48 -20.87 18.14
C GLU A 372 22.81 -19.48 18.68
N HIS A 373 23.75 -18.78 18.05
CA HIS A 373 24.20 -17.51 18.62
C HIS A 373 23.30 -16.34 18.26
N PHE A 374 22.43 -16.47 17.26
CA PHE A 374 21.61 -15.34 16.83
C PHE A 374 20.19 -15.72 16.43
N GLU A 375 19.82 -17.01 16.50
CA GLU A 375 18.43 -17.47 16.37
C GLU A 375 17.89 -17.33 14.95
N SER A 376 17.95 -16.13 14.36
CA SER A 376 17.35 -15.93 13.05
C SER A 376 18.18 -14.92 12.27
N ILE A 377 17.86 -14.80 10.97
CA ILE A 377 18.50 -13.79 10.14
C ILE A 377 18.18 -12.40 10.64
N ALA A 378 16.92 -12.18 11.05
CA ALA A 378 16.57 -10.92 11.71
C ALA A 378 17.35 -10.75 13.00
N GLY A 379 17.67 -11.85 13.69
CA GLY A 379 18.52 -11.77 14.86
C GLY A 379 19.91 -11.27 14.53
N ILE A 380 20.49 -11.77 13.43
CA ILE A 380 21.78 -11.28 12.98
C ILE A 380 21.69 -9.81 12.62
N LEU A 381 20.60 -9.41 11.97
CA LEU A 381 20.41 -8.01 11.62
C LEU A 381 20.23 -7.12 12.84
N ALA A 382 19.76 -7.67 13.96
CA ALA A 382 19.58 -6.90 15.18
C ALA A 382 20.85 -6.81 16.02
N THR A 383 21.74 -7.80 15.92
CA THR A 383 22.94 -7.84 16.72
C THR A 383 23.99 -6.84 16.22
N ASP A 384 24.62 -6.13 17.15
CA ASP A 384 25.66 -5.17 16.80
C ASP A 384 26.81 -5.88 16.09
N LEU A 385 27.49 -5.13 15.22
CA LEU A 385 28.62 -5.70 14.49
C LEU A 385 29.79 -6.00 15.42
N GLU A 386 30.08 -5.09 16.35
CA GLU A 386 31.18 -5.30 17.28
C GLU A 386 30.97 -6.53 18.14
N GLU A 387 29.72 -6.86 18.45
CA GLU A 387 29.44 -8.08 19.20
C GLU A 387 29.88 -9.32 18.41
N ILE A 388 29.57 -9.35 17.11
CA ILE A 388 29.95 -10.50 16.30
C ILE A 388 31.47 -10.55 16.12
N GLU A 389 32.11 -9.37 15.97
CA GLU A 389 33.56 -9.34 15.89
C GLU A 389 34.21 -9.89 17.16
N ARG A 390 33.68 -9.50 18.32
CA ARG A 390 34.17 -10.02 19.59
C ARG A 390 33.99 -11.53 19.65
N MET A 391 32.81 -12.02 19.25
CA MET A 391 32.56 -13.46 19.27
C MET A 391 33.53 -14.20 18.36
N TYR A 392 33.92 -13.59 17.24
CA TYR A 392 34.85 -14.24 16.32
C TYR A 392 36.26 -14.24 16.87
N GLU A 393 36.74 -13.09 17.34
CA GLU A 393 38.10 -12.98 17.85
C GLU A 393 38.32 -13.89 19.05
N GLU A 394 37.28 -14.17 19.83
CA GLU A 394 37.40 -15.06 20.98
C GLU A 394 37.34 -16.53 20.61
N GLY A 395 37.32 -16.85 19.32
CA GLY A 395 37.26 -18.23 18.90
C GLY A 395 35.93 -18.92 19.14
N ARG A 396 34.90 -18.17 19.52
CA ARG A 396 33.56 -18.70 19.69
C ARG A 396 32.77 -18.72 18.39
N LEU A 397 33.29 -18.11 17.34
CA LEU A 397 32.61 -18.04 16.04
C LEU A 397 33.63 -18.32 14.96
N SER A 398 33.35 -19.32 14.12
CA SER A 398 34.29 -19.72 13.08
C SER A 398 34.43 -18.62 12.03
N GLU A 399 35.47 -18.76 11.20
CA GLU A 399 35.71 -17.79 10.13
C GLU A 399 34.54 -17.76 9.16
N GLU A 400 34.08 -18.93 8.74
CA GLU A 400 32.97 -19.00 7.78
C GLU A 400 31.73 -18.30 8.32
N ALA A 401 31.31 -18.66 9.54
CA ALA A 401 30.12 -18.07 10.12
C ALA A 401 30.27 -16.57 10.32
N TYR A 402 31.47 -16.13 10.74
CA TYR A 402 31.69 -14.69 10.93
C TYR A 402 31.56 -13.93 9.63
N ARG A 403 32.23 -14.41 8.58
CA ARG A 403 32.15 -13.72 7.29
C ARG A 403 30.72 -13.74 6.77
N ALA A 404 30.01 -14.86 6.93
CA ALA A 404 28.63 -14.92 6.48
C ALA A 404 27.76 -13.92 7.23
N ALA A 405 27.94 -13.81 8.54
CA ALA A 405 27.15 -12.86 9.32
C ALA A 405 27.45 -11.42 8.92
N VAL A 406 28.74 -11.11 8.70
CA VAL A 406 29.09 -9.75 8.29
C VAL A 406 28.49 -9.43 6.93
N GLU A 407 28.49 -10.39 6.01
CA GLU A 407 27.89 -10.16 4.71
C GLU A 407 26.38 -10.01 4.82
N ILE A 408 25.74 -10.78 5.69
CA ILE A 408 24.31 -10.64 5.90
C ILE A 408 23.98 -9.24 6.41
N GLN A 409 24.79 -8.74 7.35
CA GLN A 409 24.58 -7.40 7.87
C GLN A 409 24.79 -6.35 6.78
N LEU A 410 25.84 -6.49 5.99
CA LEU A 410 26.14 -5.49 4.98
C LEU A 410 25.11 -5.49 3.85
N ALA A 411 24.53 -6.64 3.54
CA ALA A 411 23.54 -6.72 2.47
C ALA A 411 22.34 -5.81 2.76
N GLU A 412 21.88 -5.80 4.01
CA GLU A 412 20.69 -5.03 4.37
C GLU A 412 20.87 -3.54 4.12
N LEU A 413 22.11 -3.06 4.02
CA LEU A 413 22.37 -1.65 3.74
C LEU A 413 22.83 -1.38 2.32
N THR A 414 23.57 -2.31 1.71
CA THR A 414 24.07 -2.08 0.36
C THR A 414 22.97 -2.14 -0.69
N LYS A 415 21.83 -2.78 -0.39
CA LYS A 415 20.74 -2.85 -1.35
C LYS A 415 20.01 -1.52 -1.53
N LYS A 416 20.48 -0.45 -0.89
CA LYS A 416 19.89 0.87 -1.04
C LYS A 416 20.81 1.74 -1.88
N GLU A 417 20.22 2.60 -2.70
CA GLU A 417 20.99 3.41 -3.63
C GLU A 417 21.89 4.39 -2.88
N GLY A 418 23.15 4.46 -3.31
CA GLY A 418 24.12 5.36 -2.73
C GLY A 418 24.91 4.81 -1.56
N VAL A 419 24.56 3.61 -1.08
CA VAL A 419 25.21 3.00 0.08
C VAL A 419 26.22 1.99 -0.45
N GLY A 420 27.49 2.37 -0.45
CA GLY A 420 28.55 1.46 -0.82
C GLY A 420 28.84 0.46 0.29
N ARG A 421 29.97 -0.23 0.15
CA ARG A 421 30.39 -1.15 1.19
C ARG A 421 31.16 -0.41 2.29
N LYS A 422 31.99 0.56 1.92
CA LYS A 422 32.70 1.36 2.91
C LYS A 422 31.71 2.14 3.78
N THR A 423 30.69 2.74 3.16
CA THR A 423 29.70 3.49 3.91
C THR A 423 28.85 2.59 4.78
N ALA A 424 28.50 1.40 4.28
CA ALA A 424 27.76 0.45 5.09
C ALA A 424 28.58 0.01 6.30
N GLU A 425 29.88 -0.24 6.10
CA GLU A 425 30.72 -0.61 7.23
C GLU A 425 30.82 0.53 8.24
N ARG A 426 30.96 1.77 7.75
CA ARG A 426 31.03 2.90 8.67
C ARG A 426 29.73 3.06 9.45
N LEU A 427 28.59 2.83 8.79
CA LEU A 427 27.31 2.90 9.48
C LEU A 427 27.19 1.81 10.55
N LEU A 428 27.60 0.59 10.22
CA LEU A 428 27.57 -0.47 11.21
C LEU A 428 28.51 -0.18 12.38
N ARG A 429 29.63 0.49 12.12
CA ARG A 429 30.52 0.91 13.20
C ARG A 429 29.83 1.95 14.09
N ALA A 430 29.23 2.97 13.48
CA ALA A 430 28.70 4.09 14.25
C ALA A 430 27.42 3.71 15.00
N PHE A 431 26.64 2.76 14.47
CA PHE A 431 25.34 2.46 15.06
C PHE A 431 25.12 0.97 15.34
N GLY A 432 26.15 0.14 15.23
CA GLY A 432 26.05 -1.22 15.71
C GLY A 432 25.46 -2.22 14.72
N ASN A 433 24.18 -2.11 14.43
CA ASN A 433 23.46 -3.10 13.65
C ASN A 433 22.58 -2.39 12.63
N PRO A 434 22.24 -3.06 11.52
CA PRO A 434 21.42 -2.39 10.49
C PRO A 434 20.01 -2.06 10.94
N GLU A 435 19.40 -2.88 11.81
CA GLU A 435 18.07 -2.57 12.31
C GLU A 435 18.07 -1.24 13.06
N ARG A 436 19.15 -0.96 13.81
CA ARG A 436 19.26 0.34 14.45
C ARG A 436 19.34 1.47 13.43
N VAL A 437 19.99 1.21 12.28
CA VAL A 437 20.03 2.23 11.24
C VAL A 437 18.65 2.47 10.66
N LYS A 438 17.88 1.40 10.46
CA LYS A 438 16.49 1.54 10.06
C LYS A 438 15.72 2.39 11.06
N GLN A 439 15.89 2.10 12.35
CA GLN A 439 15.16 2.83 13.39
C GLN A 439 15.54 4.31 13.39
N LEU A 440 16.82 4.61 13.26
CA LEU A 440 17.27 6.00 13.21
C LEU A 440 16.74 6.71 11.97
N ALA A 441 16.60 5.97 10.86
CA ALA A 441 16.07 6.58 9.65
C ALA A 441 14.58 6.88 9.79
N ARG A 442 13.82 5.94 10.35
CA ARG A 442 12.39 6.19 10.56
C ARG A 442 12.15 7.32 11.54
N GLU A 443 13.04 7.49 12.52
CA GLU A 443 12.94 8.60 13.46
C GLU A 443 13.39 9.93 12.86
N PHE A 444 13.75 9.95 11.58
CA PHE A 444 14.16 11.17 10.87
C PHE A 444 15.39 11.81 11.52
N GLU A 445 16.25 11.00 12.14
CA GLU A 445 17.49 11.50 12.74
C GLU A 445 18.49 11.75 11.61
N ILE A 446 18.23 12.83 10.87
CA ILE A 446 18.98 13.08 9.63
C ILE A 446 20.39 13.54 9.94
N GLU A 447 20.53 14.48 10.89
CA GLU A 447 21.87 14.95 11.23
C GLU A 447 22.70 13.87 11.91
N LYS A 448 22.04 12.95 12.63
CA LYS A 448 22.76 11.84 13.25
C LYS A 448 23.36 10.92 12.19
N LEU A 449 22.59 10.63 11.13
CA LEU A 449 23.11 9.76 10.08
C LEU A 449 24.12 10.48 9.20
N ALA A 450 23.92 11.78 8.97
CA ALA A 450 24.81 12.55 8.12
C ALA A 450 26.20 12.70 8.72
N SER A 451 26.38 12.42 10.01
CA SER A 451 27.70 12.54 10.62
C SER A 451 28.65 11.45 10.12
N VAL A 452 28.12 10.29 9.75
CA VAL A 452 28.96 9.20 9.28
C VAL A 452 29.54 9.55 7.92
N GLU A 453 30.83 9.29 7.74
CA GLU A 453 31.50 9.59 6.48
C GLU A 453 30.93 8.71 5.37
N GLY A 454 30.58 9.35 4.25
CA GLY A 454 30.02 8.65 3.11
C GLY A 454 28.51 8.68 3.02
N VAL A 455 27.82 9.26 4.00
CA VAL A 455 26.37 9.38 3.96
C VAL A 455 26.06 10.73 3.32
N GLY A 456 25.78 10.71 2.01
CA GLY A 456 25.47 11.90 1.26
C GLY A 456 23.97 12.07 1.04
N GLU A 457 23.64 13.02 0.17
CA GLU A 457 22.24 13.32 -0.12
C GLU A 457 21.49 12.07 -0.60
N ARG A 458 22.11 11.31 -1.51
CA ARG A 458 21.43 10.14 -2.05
C ARG A 458 21.21 9.07 -0.97
N VAL A 459 22.17 8.91 -0.07
CA VAL A 459 22.03 7.94 1.02
C VAL A 459 20.84 8.31 1.90
N LEU A 460 20.76 9.57 2.30
CA LEU A 460 19.64 10.03 3.13
C LEU A 460 18.31 9.85 2.40
N ARG A 461 18.25 10.25 1.13
CA ARG A 461 17.01 10.12 0.37
C ARG A 461 16.59 8.67 0.23
N SER A 462 17.56 7.75 0.17
CA SER A 462 17.22 6.34 0.08
C SER A 462 16.84 5.74 1.43
N LEU A 463 17.33 6.32 2.52
CA LEU A 463 17.12 5.75 3.86
C LEU A 463 15.98 6.41 4.63
N VAL A 464 15.89 7.74 4.62
CA VAL A 464 14.92 8.46 5.44
C VAL A 464 13.62 8.60 4.63
N PRO A 465 12.53 7.93 5.03
CA PRO A 465 11.30 7.99 4.23
C PRO A 465 10.69 9.38 4.21
N GLY A 466 10.69 10.00 3.03
CA GLY A 466 10.13 11.33 2.85
C GLY A 466 11.12 12.46 2.81
N TYR A 467 12.38 12.21 3.21
CA TYR A 467 13.39 13.25 3.16
C TYR A 467 13.63 13.72 1.73
N ALA A 468 13.54 12.81 0.76
CA ALA A 468 13.77 13.18 -0.64
C ALA A 468 12.76 14.21 -1.10
N SER A 469 11.47 13.98 -0.80
CA SER A 469 10.42 14.88 -1.29
C SER A 469 10.56 16.28 -0.71
N LEU A 470 11.07 16.40 0.52
CA LEU A 470 11.19 17.70 1.16
C LEU A 470 12.47 18.43 0.81
N ILE A 471 13.61 17.71 0.73
CA ILE A 471 14.88 18.36 0.47
C ILE A 471 14.94 18.92 -0.95
N SER A 472 14.15 18.37 -1.87
CA SER A 472 14.17 18.81 -3.26
C SER A 472 13.49 20.15 -3.48
N ILE A 473 12.79 20.69 -2.49
CA ILE A 473 12.10 21.96 -2.62
C ILE A 473 13.07 23.08 -2.29
N ARG A 474 13.06 24.14 -3.11
CA ARG A 474 13.96 25.26 -2.90
C ARG A 474 13.70 25.93 -1.56
N GLY A 475 14.78 26.24 -0.85
CA GLY A 475 14.70 26.89 0.46
C GLY A 475 14.70 25.94 1.63
N ILE A 476 14.01 24.80 1.50
CA ILE A 476 13.97 23.79 2.55
C ILE A 476 15.34 23.11 2.60
N ASP A 477 16.11 23.37 3.64
CA ASP A 477 17.41 22.76 3.82
C ASP A 477 17.29 21.48 4.65
N ARG A 478 18.43 20.90 5.02
CA ARG A 478 18.42 19.64 5.76
C ARG A 478 17.82 19.82 7.15
N GLU A 479 18.23 20.86 7.87
CA GLU A 479 17.73 21.08 9.22
C GLU A 479 16.23 21.32 9.22
N ARG A 480 15.73 22.11 8.27
CA ARG A 480 14.31 22.41 8.23
C ARG A 480 13.50 21.15 7.88
N ALA A 481 14.03 20.31 6.99
CA ALA A 481 13.34 19.07 6.64
C ALA A 481 13.28 18.14 7.84
N GLU A 482 14.39 17.99 8.57
CA GLU A 482 14.39 17.19 9.79
C GLU A 482 13.40 17.74 10.81
N ARG A 483 13.38 19.06 10.98
CA ARG A 483 12.46 19.69 11.91
C ARG A 483 11.02 19.37 11.56
N LEU A 484 10.66 19.53 10.30
CA LEU A 484 9.29 19.28 9.87
C LEU A 484 8.91 17.82 10.04
N LEU A 485 9.80 16.91 9.62
CA LEU A 485 9.51 15.49 9.73
C LEU A 485 9.35 15.06 11.19
N LYS A 486 10.15 15.64 12.09
CA LYS A 486 10.04 15.29 13.51
C LYS A 486 8.78 15.89 14.12
N LYS A 487 8.43 17.11 13.72
CA LYS A 487 7.27 17.78 14.30
C LYS A 487 5.98 17.09 13.90
N TYR A 488 5.79 16.85 12.60
CA TYR A 488 4.52 16.29 12.15
C TYR A 488 4.49 14.77 12.13
N GLY A 489 5.65 14.12 11.98
CA GLY A 489 5.70 12.68 12.02
C GLY A 489 5.56 12.00 10.68
N GLY A 490 6.43 12.35 9.74
CA GLY A 490 6.42 11.76 8.42
C GLY A 490 5.97 12.76 7.36
N TYR A 491 6.32 12.45 6.11
CA TYR A 491 5.97 13.33 5.01
C TYR A 491 4.47 13.37 4.78
N SER A 492 3.76 12.27 5.05
CA SER A 492 2.32 12.25 4.89
C SER A 492 1.64 13.29 5.79
N LYS A 493 2.05 13.35 7.06
CA LYS A 493 1.45 14.29 7.98
C LYS A 493 1.90 15.73 7.71
N VAL A 494 3.08 15.91 7.12
CA VAL A 494 3.49 17.24 6.71
C VAL A 494 2.64 17.71 5.54
N ARG A 495 2.29 16.79 4.63
CA ARG A 495 1.45 17.16 3.50
C ARG A 495 0.01 17.40 3.95
N GLU A 496 -0.48 16.62 4.90
CA GLU A 496 -1.84 16.77 5.42
C GLU A 496 -1.98 17.93 6.39
N ALA A 497 -0.90 18.64 6.70
CA ALA A 497 -0.96 19.75 7.64
C ALA A 497 -1.68 20.94 7.02
N GLY A 498 -2.19 21.82 7.90
CA GLY A 498 -2.87 23.00 7.44
C GLY A 498 -1.91 24.06 6.94
N VAL A 499 -2.43 24.93 6.07
CA VAL A 499 -1.61 25.97 5.47
C VAL A 499 -1.14 26.96 6.53
N GLU A 500 -1.99 27.26 7.51
CA GLU A 500 -1.66 28.25 8.53
C GLU A 500 -0.51 27.77 9.41
N GLU A 501 -0.52 26.50 9.84
CA GLU A 501 0.54 26.02 10.69
C GLU A 501 1.84 25.81 9.92
N LEU A 502 1.75 25.52 8.62
CA LEU A 502 2.95 25.49 7.80
C LEU A 502 3.53 26.89 7.63
N ARG A 503 2.66 27.90 7.52
CA ARG A 503 3.15 29.28 7.50
C ARG A 503 3.77 29.68 8.82
N GLU A 504 3.24 29.17 9.93
CA GLU A 504 3.83 29.45 11.24
C GLU A 504 5.23 28.85 11.36
N ASP A 505 5.49 27.74 10.66
CA ASP A 505 6.82 27.14 10.67
C ASP A 505 7.84 27.93 9.86
N GLY A 506 7.42 28.98 9.15
CA GLY A 506 8.32 29.77 8.36
C GLY A 506 8.39 29.39 6.90
N LEU A 507 7.48 28.55 6.41
CA LEU A 507 7.50 28.12 5.02
C LEU A 507 6.90 29.20 4.14
N THR A 508 7.58 29.50 3.03
CA THR A 508 7.06 30.45 2.05
C THR A 508 5.82 29.88 1.37
N ASP A 509 4.98 30.77 0.85
CA ASP A 509 3.80 30.34 0.10
C ASP A 509 4.20 29.49 -1.09
N ALA A 510 5.33 29.80 -1.74
CA ALA A 510 5.82 28.97 -2.83
C ALA A 510 6.20 27.58 -2.34
N GLN A 511 6.82 27.49 -1.16
CA GLN A 511 7.19 26.19 -0.62
C GLN A 511 5.96 25.37 -0.28
N ILE A 512 4.92 26.00 0.28
CA ILE A 512 3.71 25.26 0.61
C ILE A 512 2.98 24.84 -0.65
N ARG A 513 2.97 25.70 -1.68
CA ARG A 513 2.38 25.34 -2.96
C ARG A 513 3.08 24.13 -3.57
N GLU A 514 4.41 24.14 -3.55
CA GLU A 514 5.16 23.00 -4.10
C GLU A 514 4.95 21.75 -3.25
N LEU A 515 4.81 21.91 -1.93
CA LEU A 515 4.65 20.76 -1.05
C LEU A 515 3.30 20.09 -1.25
N LYS A 516 2.22 20.86 -1.17
CA LYS A 516 0.88 20.30 -1.27
C LYS A 516 0.42 20.10 -2.70
N GLY A 517 1.26 20.43 -3.68
CA GLY A 517 0.91 20.26 -5.09
C GLY A 517 -0.31 21.05 -5.51
N LEU A 518 -0.32 22.34 -5.18
CA LEU A 518 -1.47 23.20 -5.45
C LEU A 518 -1.16 24.27 -6.48
N LYS A 519 -0.09 24.10 -7.27
CA LYS A 519 0.21 25.07 -8.32
C LYS A 519 -0.88 25.11 -9.37
N THR A 520 -1.55 23.97 -9.62
CA THR A 520 -2.65 23.97 -10.57
C THR A 520 -3.86 24.71 -10.02
N LEU A 521 -4.19 24.49 -8.75
CA LEU A 521 -5.38 25.11 -8.18
C LEU A 521 -5.16 26.58 -7.83
N GLU A 522 -3.94 26.98 -7.46
CA GLU A 522 -3.71 28.39 -7.21
C GLU A 522 -3.68 29.22 -8.50
N SER A 523 -3.79 28.59 -9.66
CA SER A 523 -4.02 29.34 -10.88
C SER A 523 -5.49 29.71 -11.02
N ILE A 524 -6.39 28.81 -10.59
CA ILE A 524 -7.82 29.08 -10.64
C ILE A 524 -8.21 30.05 -9.54
N VAL A 525 -7.89 29.71 -8.29
CA VAL A 525 -8.21 30.56 -7.14
C VAL A 525 -6.97 31.37 -6.80
N GLY A 526 -7.19 32.58 -6.30
CA GLY A 526 -6.08 33.49 -6.09
C GLY A 526 -5.20 33.14 -4.90
N ASP A 527 -5.76 32.46 -3.91
CA ASP A 527 -5.06 32.19 -2.66
C ASP A 527 -4.81 30.69 -2.50
N LEU A 528 -4.05 30.36 -1.46
CA LEU A 528 -3.68 28.99 -1.16
C LEU A 528 -4.71 28.27 -0.29
N GLU A 529 -5.39 29.00 0.61
CA GLU A 529 -6.30 28.36 1.56
C GLU A 529 -7.48 27.71 0.85
N LYS A 530 -8.10 28.44 -0.08
CA LYS A 530 -9.24 27.88 -0.80
C LYS A 530 -8.82 26.75 -1.72
N ALA A 531 -7.62 26.84 -2.31
CA ALA A 531 -7.11 25.73 -3.11
C ALA A 531 -6.93 24.49 -2.26
N ASP A 532 -6.39 24.64 -1.04
CA ASP A 532 -6.23 23.49 -0.16
C ASP A 532 -7.57 22.93 0.27
N GLU A 533 -8.55 23.79 0.52
CA GLU A 533 -9.89 23.32 0.90
C GLU A 533 -10.52 22.53 -0.24
N LEU A 534 -10.37 23.02 -1.48
CA LEU A 534 -10.89 22.30 -2.63
C LEU A 534 -10.20 20.96 -2.81
N LYS A 535 -8.88 20.93 -2.65
CA LYS A 535 -8.15 19.66 -2.73
C LYS A 535 -8.59 18.71 -1.63
N ARG A 536 -8.93 19.23 -0.45
CA ARG A 536 -9.37 18.38 0.65
C ARG A 536 -10.72 17.75 0.34
N LYS A 537 -11.75 18.56 0.08
CA LYS A 537 -13.08 18.01 -0.06
C LYS A 537 -13.24 17.25 -1.38
N TYR A 538 -12.83 17.87 -2.49
CA TYR A 538 -13.13 17.30 -3.80
C TYR A 538 -12.01 16.42 -4.34
N GLY A 539 -10.79 16.56 -3.84
CA GLY A 539 -9.71 15.68 -4.25
C GLY A 539 -8.67 16.31 -5.16
N SER A 540 -8.85 16.15 -6.46
CA SER A 540 -7.90 16.63 -7.45
C SER A 540 -8.56 17.71 -8.30
N ALA A 541 -7.70 18.54 -8.92
CA ALA A 541 -8.18 19.59 -9.82
C ALA A 541 -9.07 19.02 -10.92
N SER A 542 -8.76 17.80 -11.39
CA SER A 542 -9.58 17.16 -12.40
C SER A 542 -11.02 17.01 -11.95
N ALA A 543 -11.23 16.61 -10.69
CA ALA A 543 -12.59 16.48 -10.18
C ALA A 543 -13.29 17.82 -10.10
N VAL A 544 -12.53 18.90 -9.86
CA VAL A 544 -13.13 20.24 -9.85
C VAL A 544 -13.55 20.65 -11.25
N ARG A 545 -12.72 20.33 -12.26
CA ARG A 545 -13.07 20.68 -13.63
C ARG A 545 -14.31 19.94 -14.11
N ARG A 546 -14.53 18.72 -13.63
CA ARG A 546 -15.68 17.93 -14.04
C ARG A 546 -16.96 18.30 -13.31
N LEU A 547 -16.89 19.18 -12.31
CA LEU A 547 -18.09 19.54 -11.56
C LEU A 547 -19.10 20.23 -12.48
N PRO A 548 -20.39 20.06 -12.20
CA PRO A 548 -21.42 20.72 -13.03
C PRO A 548 -21.35 22.23 -12.88
N VAL A 549 -22.00 22.91 -13.82
CA VAL A 549 -21.93 24.37 -13.85
C VAL A 549 -22.58 24.98 -12.61
N GLU A 550 -23.62 24.34 -12.08
CA GLU A 550 -24.31 24.90 -10.93
C GLU A 550 -23.50 24.71 -9.65
N GLU A 551 -22.97 23.51 -9.42
CA GLU A 551 -22.16 23.29 -8.23
C GLU A 551 -20.88 24.12 -8.27
N LEU A 552 -20.36 24.39 -9.47
CA LEU A 552 -19.22 25.30 -9.56
C LEU A 552 -19.65 26.75 -9.33
N ARG A 553 -20.86 27.11 -9.78
CA ARG A 553 -21.36 28.45 -9.54
C ARG A 553 -21.64 28.66 -8.05
N GLU A 554 -22.27 27.68 -7.41
CA GLU A 554 -22.39 27.70 -5.95
C GLU A 554 -21.01 27.58 -5.34
N LEU A 555 -20.76 28.37 -4.29
CA LEU A 555 -19.44 28.43 -3.66
C LEU A 555 -18.35 28.77 -4.67
N GLY A 556 -18.73 29.40 -5.78
CA GLY A 556 -17.81 29.73 -6.85
C GLY A 556 -17.77 31.23 -7.09
N PHE A 557 -16.78 31.65 -7.87
CA PHE A 557 -16.45 33.06 -7.97
C PHE A 557 -17.05 33.74 -9.20
N SER A 558 -16.90 33.16 -10.39
CA SER A 558 -17.33 33.85 -11.60
C SER A 558 -17.68 32.84 -12.69
N ASP A 559 -18.55 33.27 -13.60
CA ASP A 559 -18.87 32.45 -14.76
C ASP A 559 -17.70 32.39 -15.73
N ASP A 560 -16.98 33.50 -15.89
CA ASP A 560 -15.76 33.48 -16.70
C ASP A 560 -14.73 32.54 -16.11
N GLU A 561 -14.66 32.47 -14.77
CA GLU A 561 -13.77 31.50 -14.14
C GLU A 561 -14.19 30.07 -14.47
N ILE A 562 -15.50 29.81 -14.52
CA ILE A 562 -15.95 28.46 -14.88
C ILE A 562 -15.60 28.15 -16.33
N ALA A 563 -15.73 29.13 -17.21
CA ALA A 563 -15.37 28.92 -18.61
C ALA A 563 -13.86 28.69 -18.76
N GLU A 564 -13.05 29.35 -17.92
CA GLU A 564 -11.61 29.14 -17.95
C GLU A 564 -11.23 27.79 -17.35
N ILE A 565 -11.99 27.31 -16.37
CA ILE A 565 -11.68 26.03 -15.73
C ILE A 565 -11.88 24.89 -16.71
N LYS A 566 -13.02 24.86 -17.39
CA LYS A 566 -13.35 23.78 -18.31
C LYS A 566 -12.70 23.94 -19.68
N GLY A 567 -11.91 24.99 -19.88
CA GLY A 567 -11.26 25.20 -21.16
C GLY A 567 -12.23 25.44 -22.29
N ILE A 568 -13.20 26.31 -22.06
CA ILE A 568 -14.20 26.63 -23.08
C ILE A 568 -13.61 27.64 -24.06
N PRO A 569 -13.65 27.38 -25.37
CA PRO A 569 -13.10 28.35 -26.31
C PRO A 569 -13.85 29.66 -26.28
N LYS A 570 -13.19 30.70 -26.80
CA LYS A 570 -13.79 32.04 -26.79
C LYS A 570 -15.07 32.08 -27.61
N LYS A 571 -15.03 31.50 -28.82
CA LYS A 571 -16.21 31.49 -29.69
C LYS A 571 -17.37 30.77 -29.02
N LEU A 572 -17.10 29.60 -28.43
CA LEU A 572 -18.17 28.83 -27.79
C LEU A 572 -18.67 29.49 -26.51
N ARG A 573 -17.81 30.24 -25.81
CA ARG A 573 -18.25 30.89 -24.59
C ARG A 573 -19.01 32.18 -24.87
N GLU A 574 -18.76 32.82 -26.01
CA GLU A 574 -19.46 34.05 -26.36
C GLU A 574 -20.66 33.81 -27.27
N ALA A 575 -20.81 32.61 -27.83
CA ALA A 575 -21.95 32.32 -28.69
C ALA A 575 -23.14 31.73 -27.95
N PHE A 576 -22.95 31.26 -26.71
CA PHE A 576 -24.03 30.62 -25.96
C PHE A 576 -23.92 31.04 -24.50
N ASP A 577 -24.78 30.45 -23.67
CA ASP A 577 -24.69 30.58 -22.23
C ASP A 577 -23.79 29.49 -21.65
N LEU A 578 -23.47 29.62 -20.36
CA LEU A 578 -22.54 28.68 -19.74
C LEU A 578 -23.05 27.25 -19.79
N GLU A 579 -24.33 27.04 -19.47
CA GLU A 579 -24.88 25.69 -19.44
C GLU A 579 -24.72 24.99 -20.78
N THR A 580 -25.27 25.60 -21.84
CA THR A 580 -25.27 24.93 -23.14
C THR A 580 -23.86 24.83 -23.71
N ALA A 581 -23.02 25.86 -23.52
CA ALA A 581 -21.66 25.81 -24.05
C ALA A 581 -20.86 24.72 -23.36
N ALA A 582 -20.93 24.65 -22.03
CA ALA A 582 -20.20 23.62 -21.30
C ALA A 582 -20.73 22.22 -21.64
N GLU A 583 -22.04 22.10 -21.85
CA GLU A 583 -22.59 20.80 -22.21
C GLU A 583 -22.13 20.37 -23.60
N LEU A 584 -22.12 21.30 -24.57
CA LEU A 584 -21.63 20.98 -25.89
C LEU A 584 -20.16 20.59 -25.85
N TYR A 585 -19.36 21.31 -25.06
CA TYR A 585 -17.93 21.02 -24.98
C TYR A 585 -17.69 19.66 -24.34
N GLU A 586 -18.39 19.36 -23.24
CA GLU A 586 -18.23 18.09 -22.55
C GLU A 586 -18.92 16.93 -23.28
N ARG A 587 -19.70 17.20 -24.32
CA ARG A 587 -20.27 16.13 -25.11
C ARG A 587 -19.54 15.89 -26.43
N TYR A 588 -18.84 16.89 -26.96
CA TYR A 588 -18.14 16.73 -28.22
C TYR A 588 -16.64 17.00 -28.14
N GLY A 589 -16.16 17.66 -27.10
CA GLY A 589 -14.71 17.84 -26.93
C GLY A 589 -14.06 18.97 -27.67
N SER A 590 -14.33 19.09 -28.97
CA SER A 590 -13.67 20.09 -29.82
C SER A 590 -14.71 20.90 -30.56
N LEU A 591 -14.42 22.20 -30.74
CA LEU A 591 -15.31 23.08 -31.48
C LEU A 591 -15.50 22.62 -32.91
N LYS A 592 -14.45 22.07 -33.52
CA LYS A 592 -14.59 21.52 -34.87
C LYS A 592 -15.61 20.38 -34.90
N GLU A 593 -15.59 19.52 -33.87
CA GLU A 593 -16.58 18.46 -33.79
C GLU A 593 -17.98 19.04 -33.61
N ILE A 594 -18.10 20.13 -32.86
CA ILE A 594 -19.38 20.83 -32.74
C ILE A 594 -19.87 21.27 -34.11
N GLY A 595 -18.97 21.89 -34.90
CA GLY A 595 -19.37 22.35 -36.22
C GLY A 595 -19.67 21.21 -37.18
N ARG A 596 -19.07 20.04 -36.95
CA ARG A 596 -19.29 18.94 -37.89
C ARG A 596 -20.55 18.15 -37.60
N ARG A 597 -20.86 17.91 -36.31
CA ARG A 597 -21.98 17.05 -35.95
C ARG A 597 -23.26 17.81 -35.67
N LEU A 598 -23.22 19.15 -35.60
CA LEU A 598 -24.42 19.94 -35.41
C LEU A 598 -24.71 20.73 -36.68
N SER A 599 -25.99 21.02 -36.89
CA SER A 599 -26.42 21.72 -38.10
C SER A 599 -26.39 23.22 -37.90
N TYR A 600 -26.28 23.95 -39.01
CA TYR A 600 -26.26 25.41 -38.96
C TYR A 600 -27.52 25.95 -38.30
N ASP A 601 -28.66 25.32 -38.56
CA ASP A 601 -29.90 25.72 -37.90
C ASP A 601 -29.85 25.42 -36.40
N ASP A 602 -29.30 24.25 -36.03
CA ASP A 602 -29.22 23.89 -34.62
C ASP A 602 -28.39 24.89 -33.83
N LEU A 603 -27.37 25.46 -34.44
CA LEU A 603 -26.57 26.48 -33.76
C LEU A 603 -27.38 27.75 -33.56
N LEU A 604 -28.13 28.17 -34.58
CA LEU A 604 -28.95 29.36 -34.47
C LEU A 604 -30.07 29.17 -33.43
N GLU A 605 -30.66 27.98 -33.38
CA GLU A 605 -31.74 27.73 -32.43
C GLU A 605 -31.28 27.86 -30.99
N LEU A 606 -29.99 27.64 -30.73
CA LEU A 606 -29.46 27.72 -29.38
C LEU A 606 -29.03 29.12 -28.99
N GLY A 607 -29.04 30.08 -29.91
CA GLY A 607 -28.77 31.46 -29.59
C GLY A 607 -27.49 32.01 -30.19
N ALA A 608 -27.12 31.53 -31.37
CA ALA A 608 -25.88 31.91 -32.02
C ALA A 608 -26.16 32.89 -33.14
N THR A 609 -25.37 33.97 -33.18
CA THR A 609 -25.41 34.89 -34.32
C THR A 609 -25.06 34.13 -35.60
N PRO A 610 -25.71 34.44 -36.73
CA PRO A 610 -25.33 33.77 -37.99
C PRO A 610 -23.83 33.77 -38.26
N LYS A 611 -23.14 34.89 -38.05
CA LYS A 611 -21.69 34.91 -38.19
C LYS A 611 -21.03 34.10 -37.07
N ALA A 612 -21.52 34.23 -35.84
CA ALA A 612 -21.01 33.41 -34.74
C ALA A 612 -21.26 31.93 -35.00
N ALA A 613 -22.46 31.60 -35.49
CA ALA A 613 -22.76 30.20 -35.79
C ALA A 613 -21.89 29.67 -36.93
N ALA A 614 -21.55 30.53 -37.90
CA ALA A 614 -20.64 30.12 -38.97
C ALA A 614 -19.23 29.93 -38.45
N GLU A 615 -18.81 30.75 -37.47
CA GLU A 615 -17.49 30.57 -36.90
C GLU A 615 -17.41 29.34 -36.01
N ILE A 616 -18.53 28.97 -35.37
CA ILE A 616 -18.58 27.70 -34.65
C ILE A 616 -18.45 26.54 -35.63
N LYS A 617 -19.06 26.69 -36.80
CA LYS A 617 -18.78 25.78 -37.91
C LYS A 617 -17.32 25.88 -38.30
N GLY A 618 -16.79 24.79 -38.87
CA GLY A 618 -15.39 24.73 -39.24
C GLY A 618 -14.96 25.82 -40.19
N PRO A 619 -13.65 26.10 -40.24
CA PRO A 619 -13.16 27.13 -41.17
C PRO A 619 -13.47 26.83 -42.63
N GLU A 620 -13.76 25.57 -42.97
CA GLU A 620 -14.21 25.26 -44.32
C GLU A 620 -15.56 25.91 -44.62
N PHE A 621 -16.42 25.99 -43.61
CA PHE A 621 -17.71 26.66 -43.77
C PHE A 621 -17.54 28.14 -44.07
N LYS A 622 -16.70 28.82 -43.29
CA LYS A 622 -16.48 30.26 -43.49
C LYS A 622 -15.83 30.54 -44.84
N PHE A 623 -15.04 29.61 -45.37
CA PHE A 623 -14.42 29.79 -46.67
C PHE A 623 -15.46 29.74 -47.78
N LEU A 624 -16.37 28.77 -47.72
CA LEU A 624 -17.39 28.65 -48.76
C LEU A 624 -18.33 29.84 -48.78
N LEU A 625 -18.75 30.33 -47.61
CA LEU A 625 -19.64 31.49 -47.58
C LEU A 625 -18.97 32.73 -48.13
N ASN A 626 -17.64 32.81 -48.09
CA ASN A 626 -16.97 34.02 -48.52
C ASN A 626 -16.99 34.20 -50.04
N ILE A 627 -17.36 33.19 -50.81
CA ILE A 627 -17.40 33.34 -52.27
C ILE A 627 -18.81 33.77 -52.67
N GLU A 628 -19.26 33.37 -53.87
CA GLU A 628 -20.59 33.72 -54.35
C GLU A 628 -21.72 33.15 -53.50
N GLY A 629 -21.56 33.19 -52.17
CA GLY A 629 -22.58 32.71 -51.26
C GLY A 629 -23.18 31.39 -51.67
N VAL A 630 -22.41 30.31 -51.52
CA VAL A 630 -22.88 28.97 -51.94
C VAL A 630 -24.21 28.63 -51.28
N GLY A 631 -24.47 29.21 -50.12
CA GLY A 631 -25.69 28.94 -49.40
C GLY A 631 -25.40 28.29 -48.07
N PRO A 632 -25.65 29.01 -46.97
CA PRO A 632 -25.41 28.43 -45.64
C PRO A 632 -26.11 27.10 -45.46
N LYS A 633 -27.30 26.95 -46.03
CA LYS A 633 -28.00 25.68 -46.01
C LYS A 633 -27.28 24.66 -46.90
N LEU A 634 -26.89 25.08 -48.09
CA LEU A 634 -26.29 24.19 -49.08
C LEU A 634 -24.84 23.88 -48.78
N ALA A 635 -24.06 24.89 -48.37
CA ALA A 635 -22.66 24.68 -48.02
C ALA A 635 -22.51 23.54 -47.02
N GLU A 636 -23.47 23.41 -46.10
CA GLU A 636 -23.48 22.27 -45.20
C GLU A 636 -23.57 20.96 -45.97
N ARG A 637 -24.53 20.85 -46.89
CA ARG A 637 -24.68 19.65 -47.69
C ARG A 637 -23.48 19.40 -48.60
N ILE A 638 -22.80 20.47 -49.01
CA ILE A 638 -21.53 20.30 -49.73
C ILE A 638 -20.50 19.65 -48.82
N LEU A 639 -20.41 20.10 -47.57
CA LEU A 639 -19.48 19.50 -46.61
C LEU A 639 -19.92 18.12 -46.17
N GLU A 640 -21.22 17.80 -46.25
CA GLU A 640 -21.67 16.46 -45.90
C GLU A 640 -21.20 15.42 -46.90
N ALA A 641 -20.93 15.82 -48.14
CA ALA A 641 -20.48 14.87 -49.15
C ALA A 641 -19.02 14.48 -48.95
N VAL A 642 -18.14 15.45 -48.82
CA VAL A 642 -16.71 15.19 -48.66
C VAL A 642 -16.38 15.05 -47.17
N ASP A 643 -17.43 14.99 -46.34
CA ASP A 643 -17.28 14.83 -44.89
C ASP A 643 -16.36 15.90 -44.30
N TYR A 644 -16.64 17.16 -44.65
CA TYR A 644 -15.93 18.32 -44.10
C TYR A 644 -14.43 18.21 -44.34
N ASP A 645 -14.05 17.87 -45.57
CA ASP A 645 -12.65 17.73 -45.96
C ASP A 645 -12.43 18.51 -47.24
N LEU A 646 -11.58 19.53 -47.19
CA LEU A 646 -11.29 20.34 -48.36
C LEU A 646 -10.45 19.60 -49.40
N GLU A 647 -9.70 18.59 -49.00
CA GLU A 647 -8.81 17.90 -49.92
C GLU A 647 -9.61 17.12 -50.98
N ARG A 648 -10.63 16.37 -50.54
CA ARG A 648 -11.43 15.59 -51.48
C ARG A 648 -12.32 16.46 -52.36
N LEU A 649 -12.49 17.75 -52.02
CA LEU A 649 -13.29 18.63 -52.86
C LEU A 649 -12.60 18.95 -54.18
N ALA A 650 -11.28 19.06 -54.18
CA ALA A 650 -10.53 19.32 -55.40
C ALA A 650 -10.19 18.06 -56.18
N SER A 651 -10.48 16.88 -55.63
CA SER A 651 -10.06 15.63 -56.27
C SER A 651 -10.94 15.29 -57.48
N LEU A 652 -12.24 15.19 -57.28
CA LEU A 652 -13.13 14.65 -58.30
C LEU A 652 -13.68 15.74 -59.22
N ASN A 653 -14.16 15.29 -60.38
CA ASN A 653 -14.68 16.19 -61.40
C ASN A 653 -15.94 16.90 -60.89
N PRO A 654 -16.10 18.20 -61.14
CA PRO A 654 -17.34 18.90 -60.78
C PRO A 654 -18.63 18.19 -61.18
N GLU A 655 -18.62 17.35 -62.21
CA GLU A 655 -19.84 16.59 -62.52
C GLU A 655 -20.15 15.58 -61.42
N GLU A 656 -19.13 14.96 -60.85
CA GLU A 656 -19.35 14.09 -59.70
C GLU A 656 -19.69 14.90 -58.46
N LEU A 657 -19.34 16.19 -58.43
CA LEU A 657 -19.76 17.06 -57.35
C LEU A 657 -21.26 17.31 -57.42
N ALA A 658 -21.78 17.55 -58.63
CA ALA A 658 -23.22 17.68 -58.86
C ALA A 658 -23.98 16.40 -58.62
N GLU A 659 -23.28 15.26 -58.52
CA GLU A 659 -23.93 13.98 -58.29
C GLU A 659 -24.40 13.84 -56.85
N LYS A 660 -23.49 14.09 -55.90
CA LYS A 660 -23.81 13.86 -54.49
C LYS A 660 -24.79 14.90 -53.96
N VAL A 661 -24.64 16.14 -54.38
CA VAL A 661 -25.48 17.24 -53.91
C VAL A 661 -26.69 17.37 -54.83
N GLU A 662 -27.84 17.76 -54.25
CA GLU A 662 -29.13 17.87 -54.93
C GLU A 662 -29.08 19.02 -55.93
N GLY A 663 -29.09 20.25 -55.39
CA GLY A 663 -29.17 21.45 -56.18
C GLY A 663 -27.86 22.17 -56.35
N LEU A 664 -27.23 21.98 -57.52
CA LEU A 664 -25.95 22.61 -57.82
C LEU A 664 -25.95 23.14 -59.25
N GLY A 665 -25.44 24.36 -59.42
CA GLY A 665 -25.24 24.92 -60.74
C GLY A 665 -23.85 24.53 -61.22
N GLU A 666 -23.77 24.10 -62.47
CA GLU A 666 -22.53 23.50 -62.96
C GLU A 666 -21.40 24.52 -63.06
N GLU A 667 -21.71 25.74 -63.50
CA GLU A 667 -20.68 26.79 -63.52
C GLU A 667 -20.15 27.05 -62.13
N LEU A 668 -21.03 27.06 -61.13
CA LEU A 668 -20.61 27.19 -59.74
C LEU A 668 -19.80 25.98 -59.27
N ALA A 669 -20.11 24.79 -59.81
CA ALA A 669 -19.42 23.58 -59.37
C ALA A 669 -17.93 23.64 -59.67
N GLU A 670 -17.55 24.23 -60.81
CA GLU A 670 -16.13 24.36 -61.11
C GLU A 670 -15.47 25.46 -60.29
N ARG A 671 -16.20 26.52 -59.96
CA ARG A 671 -15.61 27.63 -59.23
C ARG A 671 -15.21 27.22 -57.81
N VAL A 672 -16.00 26.35 -57.19
CA VAL A 672 -15.66 25.90 -55.83
C VAL A 672 -14.50 24.91 -55.87
N VAL A 673 -14.42 24.09 -56.91
CA VAL A 673 -13.28 23.19 -57.04
C VAL A 673 -12.02 23.98 -57.37
N TYR A 674 -12.15 25.01 -58.21
CA TYR A 674 -11.02 25.90 -58.47
C TYR A 674 -10.63 26.65 -57.21
N ALA A 675 -11.61 26.99 -56.36
CA ALA A 675 -11.30 27.59 -55.07
C ALA A 675 -10.73 26.55 -54.11
N ALA A 676 -11.08 25.28 -54.30
CA ALA A 676 -10.48 24.22 -53.50
C ALA A 676 -9.03 24.00 -53.90
N ARG A 677 -8.75 24.00 -55.20
CA ARG A 677 -7.38 23.95 -55.68
C ARG A 677 -6.62 25.21 -55.28
N GLU A 678 -7.34 26.31 -55.08
CA GLU A 678 -6.70 27.54 -54.59
C GLU A 678 -6.19 27.37 -53.18
N ARG A 679 -6.90 26.59 -52.36
CA ARG A 679 -6.49 26.39 -50.97
C ARG A 679 -5.34 25.40 -50.87
N VAL A 680 -5.33 24.35 -51.70
CA VAL A 680 -4.25 23.37 -51.62
C VAL A 680 -2.93 24.00 -52.03
N GLU A 681 -2.97 25.04 -52.87
CA GLU A 681 -1.75 25.79 -53.15
C GLU A 681 -1.33 26.62 -51.94
N SER A 682 -2.30 27.10 -51.16
CA SER A 682 -1.98 27.86 -49.96
C SER A 682 -1.50 26.95 -48.84
N ARG A 683 -2.02 25.71 -48.77
CA ARG A 683 -1.59 24.81 -47.70
C ARG A 683 -0.17 24.32 -47.95
N ARG A 684 0.16 24.04 -49.21
CA ARG A 684 1.50 23.58 -49.55
C ARG A 684 2.54 24.70 -49.51
N LYS A 685 2.11 25.96 -49.55
CA LYS A 685 3.07 27.04 -49.48
C LYS A 685 3.73 27.11 -48.11
N SER A 686 2.95 26.89 -47.05
CA SER A 686 3.47 26.92 -45.68
C SER A 686 3.79 25.55 -45.11
N GLY A 687 3.38 24.47 -45.77
CA GLY A 687 3.60 23.14 -45.23
C GLY A 687 4.45 22.21 -46.07
N ARG A 688 5.20 22.77 -47.03
CA ARG A 688 6.09 22.00 -47.90
C ARG A 688 7.46 21.78 -47.28
N GLN A 689 7.59 22.02 -45.97
CA GLN A 689 8.89 22.00 -45.32
C GLN A 689 9.21 20.60 -44.80
N GLU A 690 10.29 20.02 -45.32
CA GLU A 690 10.97 18.90 -44.70
C GLU A 690 12.39 19.33 -44.39
N ARG A 691 12.87 18.97 -43.19
CA ARG A 691 14.10 19.53 -42.67
C ARG A 691 15.29 19.20 -43.57
N SER A 692 16.17 20.18 -43.75
CA SER A 692 17.39 19.99 -44.52
C SER A 692 18.42 19.26 -43.66
N GLU A 693 19.65 19.12 -44.18
CA GLU A 693 20.67 18.39 -43.44
C GLU A 693 21.04 19.10 -42.15
N GLU A 694 21.29 20.40 -42.21
CA GLU A 694 21.64 21.15 -41.00
C GLU A 694 20.47 21.19 -40.02
N GLU A 695 19.24 21.29 -40.54
CA GLU A 695 18.08 21.29 -39.66
C GLU A 695 17.89 19.94 -38.97
N TRP A 696 18.12 18.83 -39.70
CA TRP A 696 18.06 17.52 -39.05
C TRP A 696 19.17 17.37 -38.02
N LYS A 697 20.37 17.89 -38.33
CA LYS A 697 21.46 17.85 -37.36
C LYS A 697 21.10 18.59 -36.08
N GLU A 698 20.51 19.77 -36.22
CA GLU A 698 20.12 20.54 -35.03
C GLU A 698 18.99 19.86 -34.28
N TRP A 699 18.03 19.27 -35.00
CA TRP A 699 16.94 18.55 -34.33
C TRP A 699 17.47 17.35 -33.56
N LEU A 700 18.47 16.67 -34.11
CA LEU A 700 19.09 15.56 -33.39
C LEU A 700 19.83 16.06 -32.16
N GLU A 701 20.64 17.12 -32.33
CA GLU A 701 21.35 17.69 -31.19
C GLU A 701 20.38 18.14 -30.10
N ARG A 702 19.16 18.49 -30.47
CA ARG A 702 18.14 18.81 -29.47
C ARG A 702 17.60 17.54 -28.82
N LYS A 703 17.28 16.52 -29.62
CA LYS A 703 16.54 15.40 -29.07
C LYS A 703 17.42 14.39 -28.35
N VAL A 704 18.68 14.26 -28.72
CA VAL A 704 19.52 13.25 -28.06
C VAL A 704 20.85 13.84 -27.60
N GLY A 705 21.02 15.15 -27.75
CA GLY A 705 22.24 15.79 -27.34
C GLY A 705 23.33 15.68 -28.40
N GLU A 706 24.33 16.57 -28.28
CA GLU A 706 25.36 16.68 -29.30
C GLU A 706 26.09 15.35 -29.53
N GLY A 707 26.51 14.70 -28.45
CA GLY A 707 27.26 13.46 -28.57
C GLY A 707 26.51 12.35 -29.29
N ARG A 708 25.31 12.02 -28.80
CA ARG A 708 24.54 10.98 -29.46
C ARG A 708 24.11 11.41 -30.86
N ALA A 709 23.91 12.70 -31.08
CA ALA A 709 23.58 13.19 -32.42
C ALA A 709 24.71 12.87 -33.39
N ARG A 710 25.96 13.20 -33.01
CA ARG A 710 27.07 12.93 -33.91
C ARG A 710 27.37 11.43 -34.00
N ARG A 711 27.03 10.66 -32.96
CA ARG A 711 27.16 9.22 -33.08
C ARG A 711 26.21 8.66 -34.12
N LEU A 712 24.95 9.11 -34.10
CA LEU A 712 24.00 8.70 -35.12
C LEU A 712 24.42 9.17 -36.51
N ILE A 713 24.92 10.40 -36.59
CA ILE A 713 25.33 10.94 -37.88
C ILE A 713 26.48 10.13 -38.47
N GLU A 714 27.41 9.68 -37.62
CA GLU A 714 28.53 8.90 -38.12
C GLU A 714 28.13 7.46 -38.43
N TYR A 715 27.23 6.87 -37.64
CA TYR A 715 26.84 5.49 -37.88
C TYR A 715 26.12 5.34 -39.22
N PHE A 716 25.10 6.17 -39.45
CA PHE A 716 24.43 6.18 -40.73
C PHE A 716 25.06 7.20 -41.66
N GLY A 717 24.47 7.38 -42.84
CA GLY A 717 25.00 8.29 -43.84
C GLY A 717 25.15 9.72 -43.33
N SER A 718 24.03 10.37 -43.04
CA SER A 718 24.04 11.74 -42.57
C SER A 718 22.80 11.95 -41.71
N ALA A 719 22.61 13.20 -41.28
CA ALA A 719 21.41 13.53 -40.50
C ALA A 719 20.15 13.24 -41.30
N GLY A 720 20.21 13.37 -42.63
CA GLY A 720 19.05 13.05 -43.44
C GLY A 720 18.61 11.61 -43.31
N GLU A 721 19.57 10.67 -43.35
CA GLU A 721 19.23 9.27 -43.19
C GLU A 721 18.66 9.00 -41.81
N VAL A 722 19.18 9.66 -40.79
CA VAL A 722 18.65 9.49 -39.43
C VAL A 722 17.21 9.96 -39.37
N GLY A 723 16.93 11.13 -39.96
CA GLY A 723 15.55 11.61 -40.00
C GLY A 723 14.64 10.69 -40.79
N LYS A 724 15.16 10.10 -41.87
CA LYS A 724 14.37 9.15 -42.65
C LYS A 724 14.03 7.92 -41.83
N LEU A 725 14.97 7.43 -41.03
CA LEU A 725 14.69 6.31 -40.15
C LEU A 725 13.69 6.71 -39.06
N VAL A 726 13.78 7.95 -38.58
CA VAL A 726 12.88 8.41 -37.53
C VAL A 726 11.44 8.47 -38.05
N GLU A 727 11.24 9.13 -39.19
CA GLU A 727 9.88 9.29 -39.71
C GLU A 727 9.24 7.94 -40.05
N ASN A 728 10.06 6.94 -40.38
CA ASN A 728 9.54 5.60 -40.62
C ASN A 728 9.53 4.73 -39.38
N ALA A 729 9.90 5.30 -38.22
CA ALA A 729 9.90 4.59 -36.95
C ALA A 729 10.76 3.32 -37.01
N GLU A 730 11.99 3.48 -37.49
CA GLU A 730 12.95 2.38 -37.55
C GLU A 730 13.63 2.27 -36.18
N VAL A 731 12.89 1.69 -35.23
CA VAL A 731 13.37 1.62 -33.85
C VAL A 731 14.58 0.69 -33.74
N SER A 732 14.50 -0.49 -34.34
CA SER A 732 15.59 -1.46 -34.20
C SER A 732 16.89 -0.94 -34.81
N LYS A 733 16.81 -0.35 -36.00
CA LYS A 733 18.02 0.15 -36.64
C LYS A 733 18.61 1.34 -35.89
N LEU A 734 17.77 2.07 -35.15
CA LEU A 734 18.31 3.13 -34.29
C LEU A 734 18.96 2.53 -33.04
N LEU A 735 18.36 1.48 -32.48
CA LEU A 735 18.93 0.83 -31.31
C LEU A 735 20.23 0.10 -31.63
N GLU A 736 20.47 -0.23 -32.91
CA GLU A 736 21.72 -0.88 -33.27
C GLU A 736 22.93 -0.07 -32.84
N VAL A 737 22.87 1.25 -33.02
CA VAL A 737 24.01 2.14 -32.80
C VAL A 737 24.52 2.01 -31.37
N PRO A 738 25.80 1.68 -31.17
CA PRO A 738 26.35 1.68 -29.81
C PRO A 738 26.37 3.10 -29.26
N GLY A 739 25.81 3.26 -28.06
CA GLY A 739 25.63 4.57 -27.46
C GLY A 739 24.23 5.10 -27.53
N ILE A 740 23.31 4.37 -28.16
CA ILE A 740 21.92 4.77 -28.29
C ILE A 740 21.06 3.70 -27.61
N GLY A 741 20.30 4.09 -26.61
CA GLY A 741 19.44 3.16 -25.90
C GLY A 741 17.97 3.52 -25.98
N ASP A 742 17.15 2.96 -25.09
CA ASP A 742 15.71 3.21 -25.16
C ASP A 742 15.37 4.66 -24.86
N GLU A 743 16.01 5.27 -23.86
CA GLU A 743 15.66 6.63 -23.49
C GLU A 743 16.02 7.66 -24.57
N ALA A 744 16.84 7.29 -25.55
CA ALA A 744 17.12 8.17 -26.67
C ALA A 744 16.18 7.93 -27.84
N VAL A 745 15.87 6.67 -28.14
CA VAL A 745 14.91 6.36 -29.19
C VAL A 745 13.53 6.89 -28.83
N ALA A 746 13.11 6.67 -27.58
CA ALA A 746 11.81 7.16 -27.14
C ALA A 746 11.72 8.67 -27.24
N ARG A 747 12.85 9.37 -27.14
CA ARG A 747 12.86 10.81 -27.36
C ARG A 747 12.99 11.16 -28.83
N LEU A 748 13.39 10.21 -29.67
CA LEU A 748 13.41 10.41 -31.11
C LEU A 748 12.09 9.98 -31.77
N VAL A 749 11.61 8.78 -31.45
CA VAL A 749 10.40 8.23 -32.04
C VAL A 749 9.25 8.47 -31.07
N PRO A 750 8.34 9.40 -31.37
CA PRO A 750 7.21 9.64 -30.46
C PRO A 750 6.34 8.40 -30.33
N GLY A 751 5.94 8.10 -29.10
CA GLY A 751 5.11 6.96 -28.81
C GLY A 751 5.85 5.68 -28.49
N TYR A 752 7.18 5.66 -28.64
CA TYR A 752 7.94 4.46 -28.33
C TYR A 752 7.90 4.15 -26.84
N LYS A 753 8.07 5.17 -26.00
CA LYS A 753 8.09 4.95 -24.56
C LYS A 753 6.79 4.32 -24.08
N THR A 754 5.65 4.83 -24.56
CA THR A 754 4.36 4.30 -24.13
C THR A 754 4.20 2.84 -24.51
N LEU A 755 4.61 2.47 -25.72
CA LEU A 755 4.50 1.08 -26.14
C LEU A 755 5.46 0.18 -25.35
N ARG A 756 6.63 0.70 -24.99
CA ARG A 756 7.54 -0.10 -24.15
C ARG A 756 6.96 -0.29 -22.76
N ASP A 757 6.34 0.75 -22.20
CA ASP A 757 5.73 0.63 -20.87
C ASP A 757 4.61 -0.40 -20.87
N ALA A 758 3.97 -0.62 -22.01
CA ALA A 758 2.94 -1.64 -22.12
C ALA A 758 3.51 -3.05 -22.14
N GLY A 759 4.84 -3.19 -22.15
CA GLY A 759 5.46 -4.50 -22.18
C GLY A 759 5.79 -5.03 -23.56
N LEU A 760 5.92 -4.14 -24.55
CA LEU A 760 6.15 -4.56 -25.92
C LEU A 760 7.64 -4.54 -26.25
N THR A 761 8.06 -5.55 -27.01
CA THR A 761 9.41 -5.59 -27.53
C THR A 761 9.63 -4.41 -28.49
N PRO A 762 10.85 -3.89 -28.59
CA PRO A 762 11.12 -2.87 -29.62
C PRO A 762 10.68 -3.30 -31.01
N ALA A 763 10.77 -4.59 -31.34
CA ALA A 763 10.27 -5.06 -32.63
C ALA A 763 8.76 -4.94 -32.72
N GLU A 764 8.06 -5.34 -31.65
CA GLU A 764 6.60 -5.24 -31.65
C GLU A 764 6.14 -3.78 -31.66
N ALA A 765 6.81 -2.93 -30.87
CA ALA A 765 6.49 -1.50 -30.89
C ALA A 765 6.74 -0.91 -32.26
N GLU A 766 7.81 -1.36 -32.94
CA GLU A 766 8.08 -0.89 -34.28
C GLU A 766 6.99 -1.32 -35.26
N ARG A 767 6.56 -2.58 -35.18
CA ARG A 767 5.49 -3.05 -36.05
C ARG A 767 4.21 -2.25 -35.83
N VAL A 768 3.85 -2.01 -34.57
CA VAL A 768 2.62 -1.28 -34.28
C VAL A 768 2.72 0.16 -34.78
N LEU A 769 3.86 0.82 -34.54
CA LEU A 769 4.03 2.19 -34.99
C LEU A 769 4.02 2.28 -36.51
N LYS A 770 4.58 1.28 -37.20
CA LYS A 770 4.56 1.28 -38.66
C LYS A 770 3.15 1.07 -39.18
N ARG A 771 2.37 0.21 -38.52
CA ARG A 771 1.03 -0.10 -39.01
C ARG A 771 0.06 1.05 -38.77
N TYR A 772 0.14 1.70 -37.60
CA TYR A 772 -0.86 2.68 -37.22
C TYR A 772 -0.36 4.13 -37.17
N GLY A 773 0.95 4.36 -37.23
CA GLY A 773 1.49 5.70 -37.28
C GLY A 773 1.75 6.38 -35.94
N SER A 774 0.80 6.28 -35.02
CA SER A 774 0.96 6.88 -33.70
C SER A 774 0.13 6.09 -32.70
N VAL A 775 0.47 6.25 -31.41
CA VAL A 775 -0.16 5.45 -30.37
C VAL A 775 -1.60 5.88 -30.15
N SER A 776 -1.89 7.17 -30.29
CA SER A 776 -3.27 7.64 -30.17
C SER A 776 -4.16 6.98 -31.21
N LYS A 777 -3.66 6.86 -32.45
CA LYS A 777 -4.42 6.17 -33.48
C LYS A 777 -4.53 4.67 -33.20
N VAL A 778 -3.57 4.10 -32.46
CA VAL A 778 -3.71 2.72 -32.03
C VAL A 778 -4.87 2.57 -31.05
N GLN A 779 -4.96 3.49 -30.08
CA GLN A 779 -5.98 3.37 -29.05
C GLN A 779 -7.38 3.51 -29.62
N GLU A 780 -7.56 4.42 -30.59
CA GLU A 780 -8.90 4.63 -31.15
C GLU A 780 -9.22 3.60 -32.24
N GLY A 781 -8.31 3.40 -33.19
CA GLY A 781 -8.60 2.61 -34.37
C GLY A 781 -8.36 1.12 -34.28
N ALA A 782 -7.23 0.73 -33.67
CA ALA A 782 -6.82 -0.67 -33.70
C ALA A 782 -7.83 -1.56 -32.98
N THR A 783 -7.94 -2.80 -33.46
CA THR A 783 -8.83 -3.82 -32.91
C THR A 783 -8.02 -4.96 -32.33
N PRO A 784 -8.59 -5.73 -31.40
CA PRO A 784 -7.82 -6.84 -30.81
C PRO A 784 -7.37 -7.88 -31.82
N ASP A 785 -8.20 -8.20 -32.80
CA ASP A 785 -7.80 -9.18 -33.81
C ASP A 785 -6.73 -8.61 -34.73
N GLU A 786 -6.80 -7.32 -35.06
CA GLU A 786 -5.76 -6.70 -35.87
C GLU A 786 -4.40 -6.78 -35.18
N LEU A 787 -4.37 -6.51 -33.87
CA LEU A 787 -3.12 -6.60 -33.14
C LEU A 787 -2.68 -8.05 -32.97
N ARG A 788 -3.63 -8.98 -32.84
CA ARG A 788 -3.27 -10.39 -32.78
C ARG A 788 -2.68 -10.87 -34.09
N GLU A 789 -3.04 -10.23 -35.20
CA GLU A 789 -2.39 -10.55 -36.48
C GLU A 789 -0.94 -10.07 -36.49
N LEU A 790 -0.63 -9.04 -35.72
CA LEU A 790 0.74 -8.53 -35.62
C LEU A 790 1.59 -9.32 -34.63
N GLY A 791 1.05 -10.36 -34.01
CA GLY A 791 1.80 -11.20 -33.11
C GLY A 791 1.72 -10.84 -31.65
N LEU A 792 0.94 -9.82 -31.29
CA LEU A 792 0.85 -9.39 -29.89
C LEU A 792 0.00 -10.38 -29.09
N GLY A 793 0.34 -10.52 -27.81
CA GLY A 793 -0.47 -11.30 -26.91
C GLY A 793 -1.66 -10.53 -26.40
N ASP A 794 -2.64 -11.26 -25.87
CA ASP A 794 -3.86 -10.63 -25.40
C ASP A 794 -3.61 -9.67 -24.24
N ALA A 795 -2.66 -10.02 -23.36
CA ALA A 795 -2.33 -9.13 -22.26
C ALA A 795 -1.74 -7.81 -22.77
N LYS A 796 -0.84 -7.90 -23.76
CA LYS A 796 -0.27 -6.68 -24.34
C LYS A 796 -1.36 -5.86 -25.03
N ILE A 797 -2.31 -6.52 -25.69
CA ILE A 797 -3.41 -5.81 -26.33
C ILE A 797 -4.23 -5.06 -25.28
N ALA A 798 -4.56 -5.75 -24.19
CA ALA A 798 -5.32 -5.12 -23.11
C ALA A 798 -4.56 -3.92 -22.54
N ARG A 799 -3.24 -4.04 -22.40
CA ARG A 799 -2.46 -2.94 -21.86
C ARG A 799 -2.43 -1.75 -22.81
N ILE A 800 -2.25 -2.00 -24.11
CA ILE A 800 -2.07 -0.91 -25.04
C ILE A 800 -3.39 -0.21 -25.36
N LEU A 801 -4.51 -0.96 -25.38
CA LEU A 801 -5.79 -0.34 -25.72
C LEU A 801 -6.41 0.43 -24.55
N GLY A 802 -5.95 0.18 -23.33
CA GLY A 802 -6.55 0.80 -22.16
C GLY A 802 -7.59 -0.03 -21.47
N LEU A 803 -7.78 -1.28 -21.90
CA LEU A 803 -8.78 -2.18 -21.37
C LEU A 803 -8.32 -2.93 -20.12
N ARG A 804 -7.30 -2.43 -19.42
CA ARG A 804 -6.76 -3.16 -18.27
C ARG A 804 -7.81 -3.29 -17.16
N SER A 805 -8.56 -2.21 -16.90
CA SER A 805 -9.54 -2.24 -15.82
C SER A 805 -10.61 -3.30 -16.08
N LEU A 806 -11.09 -3.39 -17.32
CA LEU A 806 -12.13 -4.36 -17.64
C LEU A 806 -11.59 -5.78 -17.60
N VAL A 807 -10.43 -6.00 -18.22
CA VAL A 807 -9.86 -7.36 -18.28
C VAL A 807 -9.44 -7.83 -16.89
N ASN A 808 -8.99 -6.92 -16.03
CA ASN A 808 -8.62 -7.30 -14.67
C ASN A 808 -9.80 -7.85 -13.90
N ALA A 809 -11.02 -7.49 -14.28
CA ALA A 809 -12.23 -8.02 -13.66
C ALA A 809 -12.70 -9.29 -14.35
N ARG A 810 -11.75 -10.13 -14.79
CA ARG A 810 -12.03 -11.46 -15.34
C ARG A 810 -12.93 -11.39 -16.58
N LEU A 811 -12.53 -10.56 -17.55
CA LEU A 811 -13.19 -10.49 -18.84
C LEU A 811 -12.14 -10.62 -19.93
N ASP A 812 -12.45 -11.37 -20.98
CA ASP A 812 -11.51 -11.51 -22.08
C ASP A 812 -11.43 -10.19 -22.85
N VAL A 813 -10.32 -10.03 -23.57
CA VAL A 813 -10.05 -8.77 -24.25
C VAL A 813 -11.09 -8.48 -25.32
N ASP A 814 -11.67 -9.52 -25.93
CA ASP A 814 -12.67 -9.31 -26.98
C ASP A 814 -13.93 -8.69 -26.41
N THR A 815 -14.46 -9.24 -25.32
CA THR A 815 -15.66 -8.67 -24.71
C THR A 815 -15.40 -7.29 -24.13
N ALA A 816 -14.18 -7.07 -23.61
CA ALA A 816 -13.85 -5.74 -23.11
C ALA A 816 -13.80 -4.71 -24.23
N TYR A 817 -13.25 -5.11 -25.40
CA TYR A 817 -13.26 -4.20 -26.54
C TYR A 817 -14.67 -3.98 -27.07
N GLU A 818 -15.53 -5.00 -26.98
CA GLU A 818 -16.93 -4.80 -27.37
C GLU A 818 -17.64 -3.84 -26.42
N LEU A 819 -17.34 -3.92 -25.12
CA LEU A 819 -17.91 -2.98 -24.17
C LEU A 819 -17.30 -1.59 -24.28
N ALA A 820 -16.12 -1.47 -24.85
CA ALA A 820 -15.57 -0.15 -25.15
C ALA A 820 -16.18 0.43 -26.42
N ARG A 821 -16.55 -0.45 -27.36
CA ARG A 821 -17.14 -0.02 -28.63
C ARG A 821 -18.60 0.39 -28.44
N ARG A 822 -19.37 -0.43 -27.71
CA ARG A 822 -20.80 -0.19 -27.56
C ARG A 822 -21.10 0.96 -26.59
N TYR A 823 -20.28 1.14 -25.55
CA TYR A 823 -20.56 2.13 -24.53
C TYR A 823 -19.65 3.35 -24.59
N GLY A 824 -18.67 3.38 -25.48
CA GLY A 824 -17.81 4.53 -25.59
C GLY A 824 -16.51 4.40 -24.83
N SER A 825 -16.53 4.73 -23.54
CA SER A 825 -15.34 4.70 -22.71
C SER A 825 -15.49 3.64 -21.62
N VAL A 826 -14.36 3.33 -20.99
CA VAL A 826 -14.35 2.32 -19.92
C VAL A 826 -15.24 2.77 -18.76
N SER A 827 -15.16 4.05 -18.41
CA SER A 827 -15.97 4.56 -17.31
C SER A 827 -17.46 4.37 -17.57
N ALA A 828 -17.88 4.48 -18.83
CA ALA A 828 -19.29 4.32 -19.17
C ALA A 828 -19.76 2.88 -19.02
N VAL A 829 -18.86 1.91 -19.11
CA VAL A 829 -19.26 0.51 -18.93
C VAL A 829 -19.63 0.24 -17.48
N ARG A 830 -18.98 0.93 -16.54
CA ARG A 830 -19.25 0.74 -15.12
C ARG A 830 -20.61 1.25 -14.69
N ALA A 831 -21.29 2.03 -15.51
CA ALA A 831 -22.58 2.62 -15.17
C ALA A 831 -23.73 2.07 -16.00
N ALA A 832 -23.46 1.15 -16.93
CA ALA A 832 -24.52 0.62 -17.79
C ALA A 832 -25.52 -0.20 -16.97
N PRO A 833 -26.77 -0.27 -17.43
CA PRO A 833 -27.78 -1.05 -16.70
C PRO A 833 -27.48 -2.54 -16.68
N VAL A 834 -27.84 -3.17 -15.56
CA VAL A 834 -27.54 -4.59 -15.37
C VAL A 834 -28.30 -5.44 -16.38
N ALA A 835 -29.56 -5.08 -16.65
CA ALA A 835 -30.37 -5.88 -17.56
C ALA A 835 -29.84 -5.83 -18.99
N GLU A 836 -29.27 -4.70 -19.39
CA GLU A 836 -28.67 -4.62 -20.72
C GLU A 836 -27.42 -5.50 -20.81
N LEU A 837 -26.64 -5.57 -19.73
CA LEU A 837 -25.50 -6.47 -19.69
C LEU A 837 -25.94 -7.93 -19.75
N ARG A 838 -27.03 -8.27 -19.07
CA ARG A 838 -27.58 -9.62 -19.19
C ARG A 838 -28.05 -9.89 -20.60
N GLU A 839 -28.60 -8.87 -21.27
CA GLU A 839 -28.99 -9.01 -22.66
C GLU A 839 -27.79 -9.29 -23.56
N LEU A 840 -26.68 -8.60 -23.31
CA LEU A 840 -25.49 -8.81 -24.13
C LEU A 840 -24.94 -10.23 -24.00
N GLY A 841 -25.17 -10.88 -22.86
CA GLY A 841 -24.76 -12.26 -22.70
C GLY A 841 -23.81 -12.49 -21.54
N LEU A 842 -23.73 -11.52 -20.62
CA LEU A 842 -22.85 -11.63 -19.47
C LEU A 842 -23.59 -12.20 -18.27
N SER A 843 -22.90 -13.05 -17.51
CA SER A 843 -23.48 -13.64 -16.31
C SER A 843 -23.61 -12.58 -15.20
N ASP A 844 -24.30 -12.97 -14.13
CA ASP A 844 -24.53 -12.03 -13.03
C ASP A 844 -23.25 -11.77 -12.24
N ARG A 845 -22.43 -12.80 -12.04
CA ARG A 845 -21.15 -12.60 -11.35
C ARG A 845 -20.24 -11.68 -12.13
N ALA A 846 -20.22 -11.82 -13.47
CA ALA A 846 -19.41 -10.93 -14.29
C ALA A 846 -19.89 -9.49 -14.18
N ILE A 847 -21.21 -9.28 -14.11
CA ILE A 847 -21.73 -7.92 -13.97
C ILE A 847 -21.38 -7.35 -12.61
N ALA A 848 -21.48 -8.17 -11.56
CA ALA A 848 -21.09 -7.72 -10.23
C ALA A 848 -19.61 -7.32 -10.19
N ARG A 849 -18.76 -8.09 -10.86
CA ARG A 849 -17.35 -7.72 -10.93
C ARG A 849 -17.12 -6.48 -11.77
N ILE A 850 -17.91 -6.29 -12.83
CA ILE A 850 -17.80 -5.09 -13.66
C ILE A 850 -18.12 -3.85 -12.83
N ALA A 851 -19.27 -3.86 -12.16
CA ALA A 851 -19.64 -2.72 -11.32
C ALA A 851 -18.80 -2.63 -10.05
N GLY A 852 -18.11 -3.70 -9.69
CA GLY A 852 -17.26 -3.70 -8.51
C GLY A 852 -15.79 -3.50 -8.84
N LEU B 3 22.32 31.31 -27.83
CA LEU B 3 21.45 30.48 -27.01
C LEU B 3 21.65 30.77 -25.52
N VAL B 4 22.77 31.41 -25.19
CA VAL B 4 23.16 31.62 -23.80
C VAL B 4 22.72 33.02 -23.37
N TYR B 5 22.09 33.11 -22.20
CA TYR B 5 21.77 34.36 -21.54
C TYR B 5 22.53 34.40 -20.22
N ASP B 6 23.38 35.41 -20.04
CA ASP B 6 24.18 35.49 -18.83
C ASP B 6 24.61 36.92 -18.59
N ALA B 7 24.76 37.26 -17.31
CA ALA B 7 25.26 38.55 -16.89
C ALA B 7 25.68 38.43 -15.43
N GLU B 8 26.76 39.13 -15.07
CA GLU B 8 27.32 39.06 -13.74
C GLU B 8 27.19 40.41 -13.04
N PHE B 9 26.82 40.38 -11.76
CA PHE B 9 26.68 41.59 -10.98
C PHE B 9 27.96 41.86 -10.22
N VAL B 10 28.47 43.10 -10.32
CA VAL B 10 29.71 43.51 -9.69
C VAL B 10 29.53 44.67 -8.73
N GLY B 11 28.31 45.19 -8.59
CA GLY B 11 28.06 46.32 -7.72
C GLY B 11 28.02 45.93 -6.26
N SER B 12 27.64 46.91 -5.44
CA SER B 12 27.57 46.74 -4.00
C SER B 12 26.21 46.18 -3.59
N GLU B 13 26.09 45.86 -2.30
CA GLU B 13 24.84 45.31 -1.77
C GLU B 13 23.70 46.32 -1.90
N ARG B 14 23.97 47.59 -1.61
CA ARG B 14 22.94 48.61 -1.73
C ARG B 14 22.49 48.76 -3.17
N GLU B 15 23.44 48.86 -4.10
CA GLU B 15 23.10 48.89 -5.51
C GLU B 15 22.41 47.61 -5.95
N PHE B 16 22.78 46.48 -5.35
CA PHE B 16 22.13 45.21 -5.67
C PHE B 16 20.64 45.26 -5.31
N GLU B 17 20.33 45.74 -4.11
CA GLU B 17 18.92 45.86 -3.72
C GLU B 17 18.19 46.90 -4.57
N GLU B 18 18.86 48.00 -4.91
CA GLU B 18 18.27 49.00 -5.79
C GLU B 18 17.87 48.39 -7.12
N GLU B 19 18.80 47.67 -7.76
CA GLU B 19 18.52 47.07 -9.05
C GLU B 19 17.45 46.00 -8.94
N ARG B 20 17.46 45.21 -7.86
CA ARG B 20 16.43 44.19 -7.68
C ARG B 20 15.05 44.82 -7.58
N GLU B 21 14.91 45.89 -6.79
CA GLU B 21 13.62 46.54 -6.66
C GLU B 21 13.18 47.18 -7.97
N THR B 22 14.11 47.85 -8.66
CA THR B 22 13.78 48.46 -9.95
C THR B 22 13.29 47.40 -10.95
N PHE B 23 14.01 46.27 -11.03
CA PHE B 23 13.63 45.23 -11.99
C PHE B 23 12.31 44.59 -11.62
N LEU B 24 12.06 44.36 -10.32
CA LEU B 24 10.80 43.76 -9.91
C LEU B 24 9.63 44.69 -10.20
N LYS B 25 9.81 46.00 -10.00
CA LYS B 25 8.74 46.94 -10.30
C LYS B 25 8.51 47.04 -11.80
N GLY B 26 9.59 46.99 -12.60
CA GLY B 26 9.41 46.93 -14.04
C GLY B 26 8.68 45.67 -14.48
N VAL B 27 8.94 44.55 -13.80
CA VAL B 27 8.23 43.31 -14.08
C VAL B 27 6.75 43.47 -13.75
N LYS B 28 6.44 44.13 -12.63
CA LYS B 28 5.04 44.39 -12.31
C LYS B 28 4.38 45.26 -13.36
N ALA B 29 5.10 46.26 -13.87
CA ALA B 29 4.54 47.12 -14.91
C ALA B 29 4.27 46.34 -16.19
N TYR B 30 5.21 45.48 -16.60
CA TYR B 30 4.97 44.68 -17.81
C TYR B 30 3.88 43.65 -17.59
N ASP B 31 3.74 43.15 -16.35
CA ASP B 31 2.60 42.29 -16.04
C ASP B 31 1.30 43.04 -16.20
N GLY B 32 1.27 44.31 -15.81
CA GLY B 32 0.10 45.14 -16.07
C GLY B 32 -0.17 45.30 -17.56
N VAL B 33 0.89 45.49 -18.34
CA VAL B 33 0.74 45.55 -19.80
C VAL B 33 0.06 44.29 -20.33
N LEU B 34 0.59 43.12 -19.93
CA LEU B 34 0.06 41.86 -20.43
C LEU B 34 -1.36 41.62 -19.94
N ALA B 35 -1.66 42.03 -18.72
CA ALA B 35 -3.02 41.87 -18.19
C ALA B 35 -4.00 42.76 -18.91
N THR B 36 -3.59 43.98 -19.28
CA THR B 36 -4.45 44.85 -20.07
C THR B 36 -4.70 44.25 -21.45
N ARG B 37 -3.67 43.65 -22.06
CA ARG B 37 -3.88 42.97 -23.33
C ARG B 37 -4.85 41.80 -23.18
N TYR B 38 -4.71 41.03 -22.10
CA TYR B 38 -5.60 39.91 -21.84
C TYR B 38 -7.03 40.38 -21.68
N LEU B 39 -7.25 41.46 -20.92
CA LEU B 39 -8.60 41.99 -20.77
C LEU B 39 -9.14 42.53 -22.09
N MET B 40 -8.28 43.12 -22.91
CA MET B 40 -8.73 43.61 -24.21
C MET B 40 -9.25 42.49 -25.09
N GLU B 41 -8.57 41.35 -25.08
CA GLU B 41 -8.97 40.25 -25.96
C GLU B 41 -9.99 39.29 -25.34
N ARG B 42 -10.08 39.23 -24.01
CA ARG B 42 -10.93 38.24 -23.37
C ARG B 42 -12.41 38.55 -23.56
N SER B 43 -12.76 39.83 -23.46
CA SER B 43 -14.14 40.28 -23.61
C SER B 43 -14.22 41.22 -24.80
N SER B 44 -15.18 40.96 -25.70
CA SER B 44 -15.35 41.81 -26.86
C SER B 44 -15.76 43.23 -26.47
N SER B 45 -16.44 43.37 -25.33
CA SER B 45 -16.82 44.71 -24.87
C SER B 45 -15.62 45.49 -24.37
N ALA B 46 -14.70 44.83 -23.67
CA ALA B 46 -13.50 45.49 -23.17
C ALA B 46 -12.54 45.89 -24.29
N LYS B 47 -12.61 45.23 -25.45
CA LYS B 47 -11.75 45.59 -26.57
C LYS B 47 -12.02 47.00 -27.07
N ASN B 48 -13.29 47.43 -27.00
CA ASN B 48 -13.68 48.76 -27.46
C ASN B 48 -13.47 49.86 -26.43
N ASP B 49 -13.43 49.51 -25.15
CA ASP B 49 -13.36 50.51 -24.08
C ASP B 49 -12.07 51.33 -24.19
N GLU B 50 -12.23 52.65 -24.30
CA GLU B 50 -11.07 53.55 -24.34
C GLU B 50 -10.35 53.58 -23.00
N GLU B 51 -11.07 53.41 -21.90
CA GLU B 51 -10.43 53.44 -20.58
C GLU B 51 -9.36 52.36 -20.45
N LEU B 52 -9.63 51.18 -21.01
CA LEU B 52 -8.65 50.10 -20.96
C LEU B 52 -7.43 50.40 -21.83
N LEU B 53 -7.63 51.08 -22.95
CA LEU B 53 -6.50 51.46 -23.81
C LEU B 53 -5.58 52.44 -23.10
N GLU B 54 -6.15 53.43 -22.40
CA GLU B 54 -5.34 54.35 -21.62
C GLU B 54 -4.57 53.63 -20.52
N LEU B 55 -5.21 52.64 -19.88
CA LEU B 55 -4.52 51.85 -18.86
C LEU B 55 -3.35 51.09 -19.47
N HIS B 56 -3.56 50.51 -20.66
CA HIS B 56 -2.49 49.80 -21.35
C HIS B 56 -1.32 50.74 -21.66
N GLN B 57 -1.62 51.93 -22.17
CA GLN B 57 -0.56 52.88 -22.52
C GLN B 57 0.16 53.40 -21.28
N ASN B 58 -0.58 53.60 -20.17
CA ASN B 58 0.05 53.99 -18.91
C ASN B 58 0.99 52.90 -18.42
N PHE B 59 0.58 51.64 -18.53
CA PHE B 59 1.46 50.54 -18.15
C PHE B 59 2.70 50.50 -19.04
N ILE B 60 2.54 50.79 -20.33
CA ILE B 60 3.68 50.85 -21.24
C ILE B 60 4.66 51.95 -20.79
N LEU B 61 4.12 53.13 -20.48
CA LEU B 61 4.96 54.24 -20.03
C LEU B 61 5.69 53.90 -18.74
N LEU B 62 5.00 53.27 -17.79
CA LEU B 62 5.65 52.92 -16.53
C LEU B 62 6.71 51.85 -16.74
N THR B 63 6.46 50.88 -17.62
CA THR B 63 7.46 49.88 -17.94
C THR B 63 8.71 50.53 -18.52
N GLY B 64 8.52 51.50 -19.43
CA GLY B 64 9.67 52.22 -19.97
C GLY B 64 10.41 53.01 -18.91
N SER B 65 9.68 53.68 -18.03
CA SER B 65 10.31 54.46 -16.97
C SER B 65 11.13 53.58 -16.04
N TYR B 66 10.58 52.41 -15.67
CA TYR B 66 11.33 51.50 -14.82
C TYR B 66 12.53 50.91 -15.57
N ALA B 67 12.40 50.71 -16.89
CA ALA B 67 13.54 50.22 -17.65
C ALA B 67 14.66 51.25 -17.71
N CYS B 68 14.32 52.55 -17.71
CA CYS B 68 15.35 53.58 -17.75
C CYS B 68 16.17 53.62 -16.46
N SER B 69 15.58 53.20 -15.34
CA SER B 69 16.24 53.29 -14.04
C SER B 69 17.12 52.09 -13.73
N ILE B 70 17.35 51.20 -14.70
CA ILE B 70 18.18 50.02 -14.50
C ILE B 70 19.61 50.37 -14.89
N ASP B 71 20.56 50.06 -14.00
CA ASP B 71 21.97 50.39 -14.15
C ASP B 71 22.14 51.89 -14.40
N PRO B 72 21.85 52.74 -13.41
CA PRO B 72 21.97 54.18 -13.65
C PRO B 72 23.40 54.65 -13.76
N THR B 73 24.29 54.13 -12.90
CA THR B 73 25.70 54.49 -12.95
C THR B 73 26.46 53.78 -14.05
N GLU B 74 25.81 52.84 -14.75
CA GLU B 74 26.39 52.15 -15.91
C GLU B 74 27.65 51.38 -15.55
N ASP B 75 27.65 50.76 -14.36
CA ASP B 75 28.80 49.96 -13.97
C ASP B 75 28.44 48.80 -13.04
N ARG B 76 27.16 48.46 -12.86
CA ARG B 76 26.81 47.35 -11.98
C ARG B 76 26.84 46.00 -12.67
N TYR B 77 26.81 45.97 -14.01
CA TYR B 77 26.76 44.73 -14.76
C TYR B 77 27.96 44.61 -15.69
N GLN B 78 28.42 43.38 -15.88
CA GLN B 78 29.50 43.11 -16.83
C GLN B 78 29.25 41.74 -17.45
N ASN B 79 29.84 41.54 -18.63
CA ASN B 79 29.70 40.31 -19.41
C ASN B 79 28.22 39.98 -19.65
N VAL B 80 27.52 40.94 -20.24
CA VAL B 80 26.11 40.78 -20.58
C VAL B 80 26.02 40.07 -21.92
N ILE B 81 25.39 38.88 -21.93
CA ILE B 81 25.31 38.04 -23.12
C ILE B 81 23.83 37.79 -23.40
N VAL B 82 23.44 38.00 -24.66
CA VAL B 82 22.06 37.78 -25.12
C VAL B 82 22.13 36.96 -26.40
N ARG B 83 21.68 35.71 -26.33
CA ARG B 83 21.70 34.79 -27.48
C ARG B 83 23.11 34.64 -28.05
N GLY B 84 24.06 34.38 -27.18
CA GLY B 84 25.44 34.17 -27.59
C GLY B 84 26.19 35.47 -27.84
N VAL B 85 25.46 36.52 -28.20
CA VAL B 85 26.08 37.79 -28.51
C VAL B 85 26.54 38.45 -27.22
N ASN B 86 27.84 38.75 -27.14
CA ASN B 86 28.41 39.43 -25.98
C ASN B 86 28.19 40.94 -26.17
N PHE B 87 27.26 41.51 -25.40
CA PHE B 87 26.91 42.91 -25.57
C PHE B 87 27.91 43.85 -24.94
N ASP B 88 28.76 43.37 -24.04
CA ASP B 88 29.83 44.20 -23.50
C ASP B 88 30.73 44.71 -24.62
N GLU B 89 31.13 43.80 -25.52
CA GLU B 89 31.99 44.20 -26.64
C GLU B 89 31.23 45.04 -27.66
N ARG B 90 29.96 44.70 -27.92
CA ARG B 90 29.18 45.47 -28.89
C ARG B 90 28.90 46.89 -28.40
N VAL B 91 28.64 47.06 -27.11
CA VAL B 91 28.44 48.40 -26.56
C VAL B 91 29.76 49.15 -26.50
N GLN B 92 30.86 48.43 -26.20
CA GLN B 92 32.17 49.06 -26.13
C GLN B 92 32.59 49.62 -27.49
N ARG B 93 32.19 48.97 -28.58
CA ARG B 93 32.55 49.41 -29.92
C ARG B 93 31.65 50.54 -30.43
N LEU B 94 30.80 51.10 -29.59
CA LEU B 94 29.95 52.22 -29.95
C LEU B 94 30.57 53.53 -29.49
N SER B 95 30.22 54.61 -30.18
CA SER B 95 30.82 55.91 -29.87
C SER B 95 30.39 56.43 -28.52
N THR B 96 29.09 56.40 -28.24
CA THR B 96 28.55 56.91 -26.98
C THR B 96 28.61 55.89 -25.85
N GLY B 97 29.01 54.65 -26.13
CA GLY B 97 29.05 53.62 -25.11
C GLY B 97 27.71 53.37 -24.47
N GLY B 98 27.59 53.69 -23.19
CA GLY B 98 26.35 53.52 -22.46
C GLY B 98 26.34 52.28 -21.60
N SER B 99 25.14 51.92 -21.16
CA SER B 99 24.98 50.76 -20.30
C SER B 99 24.69 49.52 -21.14
N PRO B 100 25.42 48.43 -20.94
CA PRO B 100 25.09 47.21 -21.69
C PRO B 100 23.77 46.59 -21.25
N ALA B 101 23.37 46.77 -20.00
CA ALA B 101 22.11 46.21 -19.52
C ALA B 101 20.92 46.83 -20.25
N ARG B 102 20.86 48.16 -20.27
CA ARG B 102 19.76 48.83 -20.97
C ARG B 102 19.81 48.58 -22.47
N TYR B 103 21.01 48.46 -23.05
CA TYR B 103 21.11 48.10 -24.46
C TYR B 103 20.64 46.68 -24.70
N ALA B 104 20.71 45.82 -23.68
CA ALA B 104 20.21 44.45 -23.82
C ALA B 104 18.70 44.37 -23.64
N ILE B 105 18.13 45.22 -22.78
CA ILE B 105 16.70 45.13 -22.50
C ILE B 105 15.87 45.55 -23.71
N VAL B 106 16.40 46.45 -24.55
CA VAL B 106 15.67 46.86 -25.73
C VAL B 106 15.64 45.78 -26.79
N TYR B 107 16.35 44.68 -26.58
CA TYR B 107 16.28 43.51 -27.43
C TYR B 107 15.27 42.51 -26.88
N ARG B 108 14.75 41.68 -27.77
CA ARG B 108 13.79 40.66 -27.36
C ARG B 108 14.44 39.68 -26.40
N ARG B 109 13.81 39.50 -25.23
CA ARG B 109 14.23 38.58 -24.18
C ARG B 109 15.55 38.95 -23.54
N GLY B 110 16.04 40.16 -23.75
CA GLY B 110 17.28 40.57 -23.12
C GLY B 110 17.20 40.61 -21.61
N TRP B 111 15.99 40.67 -21.06
CA TRP B 111 15.82 40.68 -19.61
C TRP B 111 16.31 39.40 -18.95
N ARG B 112 16.42 38.31 -19.70
CA ARG B 112 16.84 37.03 -19.11
C ARG B 112 18.23 37.13 -18.52
N ALA B 113 19.13 37.88 -19.16
CA ALA B 113 20.48 38.03 -18.64
C ALA B 113 20.48 38.87 -17.38
N ILE B 114 19.76 39.99 -17.40
CA ILE B 114 19.75 40.89 -16.25
C ILE B 114 19.05 40.25 -15.07
N ALA B 115 17.99 39.47 -15.34
CA ALA B 115 17.28 38.79 -14.25
C ALA B 115 18.17 37.73 -13.60
N LYS B 116 18.99 37.04 -14.39
CA LYS B 116 19.94 36.10 -13.81
C LYS B 116 21.06 36.82 -13.07
N ALA B 117 21.42 38.03 -13.52
CA ALA B 117 22.44 38.80 -12.82
C ALA B 117 21.96 39.24 -11.44
N LEU B 118 20.66 39.45 -11.27
CA LEU B 118 20.09 39.88 -10.01
C LEU B 118 19.55 38.74 -9.18
N ASP B 119 19.68 37.49 -9.65
CA ASP B 119 19.18 36.30 -8.96
C ASP B 119 17.69 36.41 -8.63
N ILE B 120 16.95 37.05 -9.52
CA ILE B 120 15.49 37.13 -9.40
C ILE B 120 14.90 35.78 -9.79
N ASP B 121 13.91 35.32 -9.02
CA ASP B 121 13.28 34.04 -9.30
C ASP B 121 12.76 34.00 -10.72
N GLU B 122 13.30 33.07 -11.52
CA GLU B 122 12.94 32.95 -12.92
C GLU B 122 11.71 32.07 -13.15
N GLU B 123 11.21 31.40 -12.11
CA GLU B 123 10.01 30.61 -12.26
C GLU B 123 8.77 31.48 -12.42
N ASP B 124 8.81 32.70 -11.88
CA ASP B 124 7.72 33.66 -12.02
C ASP B 124 7.80 34.47 -13.30
N VAL B 125 8.74 34.15 -14.18
CA VAL B 125 8.93 34.80 -15.48
C VAL B 125 9.06 36.31 -15.28
N PRO B 126 10.21 36.79 -14.79
CA PRO B 126 10.39 38.25 -14.63
C PRO B 126 10.71 38.95 -15.95
N ALA B 127 9.71 39.01 -16.82
CA ALA B 127 9.90 39.53 -18.17
C ALA B 127 9.70 41.04 -18.21
N ILE B 128 10.58 41.72 -18.94
CA ILE B 128 10.49 43.16 -19.17
C ILE B 128 10.79 43.41 -20.64
N GLU B 129 9.79 43.87 -21.39
CA GLU B 129 9.95 44.18 -22.80
C GLU B 129 9.47 45.60 -23.06
N VAL B 130 10.27 46.35 -23.82
CA VAL B 130 9.96 47.74 -24.13
C VAL B 130 9.91 47.91 -25.65
N ARG B 131 9.26 46.98 -26.34
CA ARG B 131 9.26 46.94 -27.79
C ARG B 131 7.86 47.11 -28.36
N ALA B 132 7.01 47.90 -27.69
CA ALA B 132 5.67 48.16 -28.18
C ALA B 132 5.71 49.10 -29.38
N VAL B 133 4.74 48.93 -30.28
CA VAL B 133 4.69 49.69 -31.52
C VAL B 133 3.30 50.25 -31.77
N LYS B 134 2.32 49.37 -31.98
CA LYS B 134 1.01 49.79 -32.43
C LYS B 134 0.32 50.69 -31.42
N ARG B 135 0.25 50.27 -30.16
CA ARG B 135 -0.44 51.01 -29.12
C ARG B 135 0.50 51.78 -28.21
N ASN B 136 1.73 52.03 -28.65
CA ASN B 136 2.67 52.80 -27.85
C ASN B 136 2.27 54.27 -27.86
N PRO B 137 2.08 54.90 -26.70
CA PRO B 137 1.72 56.33 -26.70
C PRO B 137 2.84 57.25 -27.17
N LEU B 138 4.05 56.74 -27.34
CA LEU B 138 5.18 57.48 -27.86
C LEU B 138 5.60 56.92 -29.21
N GLN B 139 6.57 57.58 -29.83
CA GLN B 139 7.18 57.04 -31.04
C GLN B 139 8.02 55.82 -30.66
N PRO B 140 7.79 54.65 -31.26
CA PRO B 140 8.46 53.43 -30.76
C PRO B 140 9.97 53.51 -30.74
N ALA B 141 10.60 53.99 -31.82
CA ALA B 141 12.05 54.07 -31.84
C ALA B 141 12.57 55.06 -30.79
N LEU B 142 11.91 56.21 -30.67
CA LEU B 142 12.27 57.17 -29.62
C LEU B 142 12.09 56.57 -28.25
N TYR B 143 11.01 55.81 -28.06
CA TYR B 143 10.77 55.12 -26.79
C TYR B 143 11.93 54.19 -26.45
N ARG B 144 12.35 53.37 -27.41
CA ARG B 144 13.44 52.42 -27.17
C ARG B 144 14.76 53.15 -26.92
N ILE B 145 15.01 54.24 -27.63
CA ILE B 145 16.25 54.99 -27.43
C ILE B 145 16.28 55.61 -26.04
N LEU B 146 15.15 56.21 -25.61
CA LEU B 146 15.06 56.73 -24.25
C LEU B 146 15.28 55.64 -23.23
N VAL B 147 14.75 54.44 -23.49
CA VAL B 147 14.96 53.33 -22.57
C VAL B 147 16.43 52.97 -22.47
N ARG B 148 17.09 52.82 -23.63
CA ARG B 148 18.47 52.34 -23.62
C ARG B 148 19.45 53.37 -23.08
N TYR B 149 19.13 54.66 -23.22
CA TYR B 149 20.01 55.70 -22.71
C TYR B 149 19.67 56.10 -21.28
N GLY B 150 18.73 55.41 -20.64
CA GLY B 150 18.36 55.72 -19.27
C GLY B 150 17.80 57.11 -19.09
N ARG B 151 16.91 57.54 -19.98
CA ARG B 151 16.33 58.87 -19.92
C ARG B 151 15.02 58.82 -19.13
N VAL B 152 15.18 58.55 -17.83
CA VAL B 152 14.03 58.53 -16.93
C VAL B 152 13.42 59.91 -16.76
N ASP B 153 14.17 60.97 -17.08
CA ASP B 153 13.64 62.32 -17.00
C ASP B 153 12.69 62.62 -18.16
N LEU B 154 13.03 62.14 -19.36
CA LEU B 154 12.21 62.39 -20.53
C LEU B 154 11.03 61.44 -20.65
N MET B 155 11.09 60.28 -20.01
CA MET B 155 10.02 59.30 -20.07
C MET B 155 8.83 59.78 -19.24
N PRO B 156 7.67 60.01 -19.84
CA PRO B 156 6.50 60.42 -19.05
C PRO B 156 5.97 59.26 -18.23
N VAL B 157 5.28 59.61 -17.14
CA VAL B 157 4.70 58.63 -16.23
C VAL B 157 3.18 58.58 -16.35
N THR B 158 2.58 59.36 -17.23
CA THR B 158 1.14 59.34 -17.42
C THR B 158 0.83 59.70 -18.86
N VAL B 159 -0.23 59.10 -19.39
CA VAL B 159 -0.65 59.35 -20.77
C VAL B 159 -1.01 60.82 -20.97
N ASP B 160 -1.48 61.50 -19.93
CA ASP B 160 -1.81 62.91 -20.05
C ASP B 160 -0.54 63.76 -20.16
N GLU B 161 0.51 63.37 -19.44
CA GLU B 161 1.79 64.09 -19.48
C GLU B 161 2.54 63.86 -20.78
N VAL B 162 2.06 62.99 -21.65
CA VAL B 162 2.73 62.70 -22.92
C VAL B 162 2.73 63.96 -23.79
N PRO B 163 3.90 64.49 -24.14
CA PRO B 163 3.95 65.69 -24.97
C PRO B 163 3.74 65.34 -26.43
N PRO B 164 3.00 66.18 -27.16
CA PRO B 164 2.78 65.90 -28.60
C PRO B 164 4.07 65.89 -29.41
N GLU B 165 5.11 66.58 -28.96
CA GLU B 165 6.38 66.57 -29.69
C GLU B 165 7.08 65.22 -29.65
N MET B 166 6.61 64.28 -28.84
CA MET B 166 7.15 62.93 -28.83
C MET B 166 6.29 61.94 -29.60
N ALA B 167 5.03 62.29 -29.91
CA ALA B 167 4.12 61.37 -30.58
C ALA B 167 3.67 61.91 -31.93
N GLY B 168 2.57 62.66 -31.95
CA GLY B 168 2.03 63.14 -33.21
C GLY B 168 2.96 64.09 -33.93
N GLU B 169 3.38 65.15 -33.25
CA GLU B 169 4.34 66.11 -33.83
C GLU B 169 5.76 65.77 -33.44
N PHE B 170 6.18 64.54 -33.74
CA PHE B 170 7.53 64.11 -33.39
C PHE B 170 8.60 64.95 -34.08
N GLU B 171 8.25 65.59 -35.20
CA GLU B 171 9.21 66.44 -35.90
C GLU B 171 9.61 67.64 -35.05
N ARG B 172 8.72 68.12 -34.18
CA ARG B 172 9.02 69.29 -33.36
C ARG B 172 10.14 69.04 -32.35
N LEU B 173 10.47 67.78 -32.08
CA LEU B 173 11.60 67.50 -31.20
C LEU B 173 12.92 67.58 -31.94
N ILE B 174 12.92 67.22 -33.23
CA ILE B 174 14.11 67.43 -34.05
C ILE B 174 14.28 68.90 -34.38
N GLU B 175 13.18 69.66 -34.44
CA GLU B 175 13.26 71.08 -34.72
C GLU B 175 13.89 71.86 -33.57
N ARG B 176 13.98 71.27 -32.38
CA ARG B 176 14.61 71.95 -31.25
C ARG B 176 16.13 71.84 -31.29
N TYR B 177 16.66 70.78 -31.93
CA TYR B 177 18.09 70.51 -31.93
C TYR B 177 18.69 70.36 -33.32
N ASP B 178 17.89 70.38 -34.39
CA ASP B 178 18.34 70.20 -35.76
C ASP B 178 19.11 68.89 -35.96
N VAL B 179 20.44 68.92 -35.80
CA VAL B 179 21.35 67.79 -35.96
C VAL B 179 21.37 67.27 -37.40
N PRO B 180 22.49 66.73 -37.88
CA PRO B 180 22.58 66.33 -39.29
C PRO B 180 21.61 65.21 -39.67
N ILE B 181 20.97 65.37 -40.82
CA ILE B 181 19.97 64.44 -41.32
C ILE B 181 20.46 63.90 -42.66
N ASP B 182 20.52 62.57 -42.79
CA ASP B 182 20.96 61.92 -44.01
C ASP B 182 19.78 61.64 -44.93
N GLU B 183 20.07 61.51 -46.24
CA GLU B 183 19.04 61.25 -47.23
C GLU B 183 18.43 59.86 -47.02
N LYS B 184 19.27 58.86 -46.73
CA LYS B 184 18.75 57.52 -46.46
C LYS B 184 17.79 57.54 -45.28
N GLU B 185 18.10 58.34 -44.26
CA GLU B 185 17.20 58.51 -43.13
C GLU B 185 15.98 59.36 -43.49
N GLU B 186 16.12 60.27 -44.46
CA GLU B 186 14.97 61.05 -44.91
C GLU B 186 13.93 60.18 -45.59
N ARG B 187 14.37 59.20 -46.38
CA ARG B 187 13.44 58.28 -47.02
C ARG B 187 12.70 57.41 -46.02
N ILE B 188 13.26 57.21 -44.83
CA ILE B 188 12.53 56.53 -43.77
C ILE B 188 11.52 57.47 -43.12
N LEU B 189 11.93 58.71 -42.86
CA LEU B 189 11.05 59.66 -42.17
C LEU B 189 9.88 60.09 -43.03
N GLU B 190 10.03 60.11 -44.36
CA GLU B 190 8.93 60.52 -45.22
C GLU B 190 7.74 59.58 -45.10
N ILE B 191 7.96 58.35 -44.65
CA ILE B 191 6.87 57.44 -44.35
C ILE B 191 6.36 57.66 -42.92
N LEU B 192 7.27 57.96 -41.99
CA LEU B 192 6.86 58.19 -40.60
C LEU B 192 6.13 59.51 -40.40
N ARG B 193 6.23 60.44 -41.34
CA ARG B 193 5.41 61.65 -41.25
C ARG B 193 3.95 61.35 -41.58
N GLU B 194 3.70 60.29 -42.34
CA GLU B 194 2.33 59.88 -42.63
C GLU B 194 1.68 59.21 -41.42
N ASN B 195 2.39 58.26 -40.80
CA ASN B 195 1.91 57.56 -39.62
C ASN B 195 3.08 57.25 -38.70
N PRO B 196 3.20 57.95 -37.56
CA PRO B 196 4.37 57.76 -36.70
C PRO B 196 4.46 56.37 -36.07
N TRP B 197 3.38 55.59 -36.08
CA TRP B 197 3.37 54.26 -35.48
C TRP B 197 3.49 53.15 -36.53
N THR B 198 4.17 53.43 -37.64
CA THR B 198 4.36 52.42 -38.67
C THR B 198 5.40 51.40 -38.21
N PRO B 199 5.10 50.11 -38.32
CA PRO B 199 6.09 49.09 -37.94
C PRO B 199 7.35 49.18 -38.79
N HIS B 200 8.46 48.73 -38.21
CA HIS B 200 9.74 48.82 -38.90
C HIS B 200 9.79 47.89 -40.11
N ASP B 201 9.14 46.73 -40.04
CA ASP B 201 9.05 45.87 -41.21
C ASP B 201 8.27 46.53 -42.33
N GLU B 202 7.25 47.31 -41.99
CA GLU B 202 6.48 48.02 -43.01
C GLU B 202 7.30 49.11 -43.66
N ILE B 203 8.15 49.80 -42.88
CA ILE B 203 9.03 50.80 -43.45
C ILE B 203 10.08 50.15 -44.35
N ALA B 204 10.64 49.02 -43.92
CA ALA B 204 11.63 48.33 -44.74
C ALA B 204 11.01 47.69 -45.97
N ARG B 205 9.80 47.15 -45.86
CA ARG B 205 9.17 46.49 -46.99
C ARG B 205 8.71 47.49 -48.06
N ARG B 206 8.33 48.70 -47.64
CA ARG B 206 7.87 49.72 -48.57
C ARG B 206 9.00 50.57 -49.14
N LEU B 207 10.20 50.48 -48.57
CA LEU B 207 11.35 51.23 -49.07
C LEU B 207 12.34 50.36 -49.83
N GLY B 208 12.13 49.05 -49.88
CA GLY B 208 12.99 48.14 -50.61
C GLY B 208 14.24 47.69 -49.87
N LEU B 209 14.63 48.36 -48.79
CA LEU B 209 15.79 47.95 -48.02
C LEU B 209 15.36 46.97 -46.92
N SER B 210 16.37 46.43 -46.22
CA SER B 210 16.09 45.48 -45.15
C SER B 210 15.82 46.20 -43.84
N VAL B 211 15.48 45.42 -42.81
CA VAL B 211 15.10 46.01 -41.52
C VAL B 211 16.31 46.58 -40.81
N SER B 212 17.46 45.88 -40.88
CA SER B 212 18.65 46.34 -40.18
C SER B 212 19.15 47.67 -40.72
N GLU B 213 18.94 47.93 -42.01
CA GLU B 213 19.33 49.21 -42.58
C GLU B 213 18.41 50.33 -42.09
N VAL B 214 17.10 50.09 -42.09
CA VAL B 214 16.15 51.10 -41.63
C VAL B 214 16.37 51.43 -40.16
N GLU B 215 16.59 50.40 -39.35
CA GLU B 215 16.83 50.62 -37.92
C GLU B 215 18.23 51.16 -37.69
N GLY B 216 19.25 50.45 -38.14
CA GLY B 216 20.62 50.83 -37.91
C GLY B 216 21.06 50.53 -36.48
N GLU B 217 22.28 50.96 -36.18
CA GLU B 217 22.83 50.76 -34.85
C GLU B 217 22.35 51.86 -33.92
N LYS B 218 22.11 51.50 -32.66
CA LYS B 218 21.60 52.45 -31.66
C LYS B 218 22.76 53.32 -31.17
N ASP B 219 23.26 54.14 -32.08
CA ASP B 219 24.41 55.00 -31.82
C ASP B 219 24.40 56.13 -32.83
N PRO B 220 24.80 57.35 -32.44
CA PRO B 220 24.83 58.45 -33.43
C PRO B 220 25.68 58.16 -34.65
N GLU B 221 26.80 57.46 -34.49
CA GLU B 221 27.70 57.15 -35.60
C GLU B 221 27.20 55.93 -36.39
N SER B 222 26.04 56.10 -37.01
CA SER B 222 25.44 55.07 -37.84
C SER B 222 24.38 55.72 -38.72
N SER B 223 23.57 54.90 -39.39
CA SER B 223 22.52 55.37 -40.27
C SER B 223 21.25 54.58 -40.00
N GLY B 224 20.19 55.28 -39.64
CA GLY B 224 18.92 54.65 -39.33
C GLY B 224 18.13 55.50 -38.38
N ILE B 225 16.90 55.04 -38.11
CA ILE B 225 16.03 55.77 -37.19
C ILE B 225 16.56 55.70 -35.76
N TYR B 226 17.10 54.53 -35.38
CA TYR B 226 17.79 54.43 -34.09
C TYR B 226 18.97 55.40 -34.03
N SER B 227 19.75 55.46 -35.11
CA SER B 227 20.91 56.35 -35.14
C SER B 227 20.47 57.81 -35.05
N LEU B 228 19.39 58.16 -35.75
CA LEU B 228 18.90 59.54 -35.71
C LEU B 228 18.42 59.92 -34.33
N TRP B 229 17.62 59.05 -33.70
CA TRP B 229 17.14 59.36 -32.35
C TRP B 229 18.29 59.41 -31.35
N SER B 230 19.30 58.57 -31.53
CA SER B 230 20.48 58.65 -30.66
C SER B 230 21.22 59.97 -30.86
N ARG B 231 21.32 60.43 -32.11
CA ARG B 231 21.92 61.72 -32.40
C ARG B 231 21.12 62.85 -31.74
N VAL B 232 19.80 62.70 -31.67
CA VAL B 232 18.97 63.74 -31.09
C VAL B 232 18.99 63.66 -29.56
N VAL B 233 18.87 62.45 -29.00
CA VAL B 233 18.72 62.32 -27.56
C VAL B 233 19.99 62.71 -26.82
N VAL B 234 21.16 62.34 -27.37
CA VAL B 234 22.43 62.64 -26.70
C VAL B 234 22.61 64.14 -26.53
N ASN B 235 22.11 64.94 -27.48
CA ASN B 235 22.22 66.39 -27.43
C ASN B 235 21.20 67.04 -26.51
N ILE B 236 20.44 66.26 -25.75
CA ILE B 236 19.44 66.78 -24.82
C ILE B 236 20.02 66.79 -23.41
N GLU B 237 19.96 67.93 -22.74
CA GLU B 237 20.49 68.06 -21.39
C GLU B 237 19.67 67.23 -20.41
N TYR B 238 20.35 66.63 -19.43
CA TYR B 238 19.71 65.77 -18.45
C TYR B 238 18.99 66.62 -17.42
N ASP B 239 17.65 66.53 -17.39
CA ASP B 239 16.84 67.25 -16.42
C ASP B 239 16.75 66.47 -15.13
N GLU B 240 17.08 67.12 -14.00
CA GLU B 240 17.12 66.44 -12.71
C GLU B 240 15.79 66.50 -11.96
N ARG B 241 15.12 67.66 -11.99
CA ARG B 241 13.84 67.79 -11.30
C ARG B 241 12.83 66.80 -11.85
N THR B 242 12.71 66.73 -13.18
CA THR B 242 11.81 65.77 -13.79
C THR B 242 12.22 64.35 -13.46
N ALA B 243 13.53 64.10 -13.35
CA ALA B 243 14.01 62.77 -13.01
C ALA B 243 13.49 62.31 -11.65
N LYS B 244 13.75 63.09 -10.60
CA LYS B 244 13.28 62.67 -9.27
C LYS B 244 11.76 62.72 -9.13
N ARG B 245 11.11 63.75 -9.69
CA ARG B 245 9.67 63.83 -9.58
C ARG B 245 9.00 62.60 -10.19
N HIS B 246 9.50 62.16 -11.35
CA HIS B 246 8.96 60.95 -11.97
C HIS B 246 9.22 59.72 -11.11
N VAL B 247 10.41 59.61 -10.51
CA VAL B 247 10.76 58.43 -9.74
C VAL B 247 9.84 58.27 -8.52
N LYS B 248 9.58 59.37 -7.81
CA LYS B 248 8.73 59.29 -6.63
C LYS B 248 7.27 59.00 -6.98
N ARG B 249 6.80 59.52 -8.12
CA ARG B 249 5.38 59.42 -8.44
C ARG B 249 5.05 58.10 -9.13
N ARG B 250 6.00 57.51 -9.87
CA ARG B 250 5.68 56.34 -10.69
C ARG B 250 5.36 55.12 -9.83
N ASP B 251 5.95 55.05 -8.63
CA ASP B 251 5.70 53.90 -7.76
C ASP B 251 4.25 53.85 -7.29
N ARG B 252 3.73 54.99 -6.81
CA ARG B 252 2.33 55.05 -6.44
C ARG B 252 1.42 54.95 -7.67
N LEU B 253 1.90 55.47 -8.81
CA LEU B 253 1.13 55.35 -10.05
C LEU B 253 0.93 53.90 -10.44
N LEU B 254 1.91 53.04 -10.18
CA LEU B 254 1.75 51.63 -10.51
C LEU B 254 0.66 50.99 -9.66
N GLU B 255 0.62 51.30 -8.37
CA GLU B 255 -0.45 50.77 -7.51
C GLU B 255 -1.81 51.30 -7.95
N GLU B 256 -1.87 52.58 -8.36
CA GLU B 256 -3.12 53.13 -8.86
C GLU B 256 -3.57 52.41 -10.14
N LEU B 257 -2.63 52.13 -11.03
CA LEU B 257 -2.97 51.41 -12.26
C LEU B 257 -3.41 49.99 -11.95
N TYR B 258 -2.82 49.36 -10.93
CA TYR B 258 -3.27 48.02 -10.54
C TYR B 258 -4.67 48.06 -9.97
N GLU B 259 -4.99 49.09 -9.18
CA GLU B 259 -6.37 49.26 -8.70
C GLU B 259 -7.34 49.43 -9.87
N HIS B 260 -6.96 50.22 -10.87
CA HIS B 260 -7.79 50.37 -12.05
C HIS B 260 -7.95 49.06 -12.80
N LEU B 261 -6.87 48.28 -12.89
CA LEU B 261 -6.94 46.98 -13.54
C LEU B 261 -7.91 46.05 -12.83
N GLU B 262 -7.85 46.01 -11.49
CA GLU B 262 -8.77 45.18 -10.75
C GLU B 262 -10.21 45.65 -10.91
N GLU B 263 -10.41 46.98 -10.96
CA GLU B 263 -11.74 47.53 -11.24
C GLU B 263 -12.27 47.02 -12.57
N LEU B 264 -11.48 47.17 -13.63
CA LEU B 264 -11.95 46.75 -14.95
C LEU B 264 -12.13 45.24 -15.04
N SER B 265 -11.31 44.47 -14.31
CA SER B 265 -11.46 43.02 -14.32
C SER B 265 -12.75 42.61 -13.63
N GLU B 266 -13.06 43.21 -12.48
CA GLU B 266 -14.33 42.95 -11.82
C GLU B 266 -15.52 43.46 -12.63
N ARG B 267 -15.30 44.45 -13.50
CA ARG B 267 -16.38 44.95 -14.33
C ARG B 267 -16.66 44.05 -15.53
N TYR B 268 -15.61 43.50 -16.15
CA TYR B 268 -15.78 42.69 -17.35
C TYR B 268 -15.73 41.19 -17.11
N LEU B 269 -15.17 40.74 -15.98
CA LEU B 269 -15.06 39.32 -15.69
C LEU B 269 -15.69 38.91 -14.37
N ARG B 270 -16.05 39.85 -13.50
CA ARG B 270 -16.62 39.59 -12.18
C ARG B 270 -15.63 38.86 -11.27
N HIS B 271 -14.33 39.01 -11.52
CA HIS B 271 -13.32 38.41 -10.67
C HIS B 271 -12.00 39.14 -10.89
N PRO B 272 -11.17 39.25 -9.86
CA PRO B 272 -9.91 39.98 -10.00
C PRO B 272 -8.81 39.12 -10.62
N LEU B 273 -7.83 39.80 -11.20
CA LEU B 273 -6.64 39.16 -11.78
C LEU B 273 -5.55 39.17 -10.73
N THR B 274 -5.43 38.07 -9.99
CA THR B 274 -4.44 37.97 -8.92
C THR B 274 -3.02 37.90 -9.48
N ARG B 275 -2.05 38.15 -8.59
CA ARG B 275 -0.65 38.10 -8.98
C ARG B 275 -0.27 36.72 -9.50
N ARG B 276 -0.76 35.66 -8.83
CA ARG B 276 -0.42 34.30 -9.22
C ARG B 276 -0.97 33.96 -10.60
N TRP B 277 -2.22 34.35 -10.85
CA TRP B 277 -2.80 34.11 -12.17
C TRP B 277 -2.00 34.83 -13.26
N ILE B 278 -1.54 36.05 -12.98
CA ILE B 278 -0.74 36.78 -13.96
C ILE B 278 0.56 36.04 -14.23
N VAL B 279 1.19 35.51 -13.18
CA VAL B 279 2.42 34.75 -13.37
C VAL B 279 2.15 33.51 -14.23
N GLU B 280 1.06 32.80 -13.95
CA GLU B 280 0.75 31.60 -14.72
C GLU B 280 0.44 31.93 -16.18
N HIS B 281 -0.21 33.07 -16.42
CA HIS B 281 -0.51 33.47 -17.79
C HIS B 281 0.77 33.88 -18.52
N LYS B 282 1.70 34.53 -17.83
CA LYS B 282 3.00 34.81 -18.42
C LYS B 282 3.70 33.53 -18.82
N ARG B 283 3.67 32.52 -17.94
CA ARG B 283 4.24 31.23 -18.29
C ARG B 283 3.59 30.67 -19.54
N ASP B 284 2.25 30.65 -19.57
CA ASP B 284 1.53 30.09 -20.72
C ASP B 284 1.87 30.82 -22.01
N ILE B 285 1.93 32.16 -21.98
CA ILE B 285 2.20 32.91 -23.19
C ILE B 285 3.65 32.72 -23.64
N MET B 286 4.55 32.38 -22.71
CA MET B 286 5.97 32.27 -23.05
C MET B 286 6.38 30.84 -23.42
N ARG B 287 5.58 29.83 -23.07
CA ARG B 287 5.95 28.44 -23.31
C ARG B 287 6.10 28.08 -24.79
N ARG B 288 5.76 28.98 -25.72
CA ARG B 288 5.98 28.65 -27.12
C ARG B 288 7.47 28.60 -27.46
N TYR B 289 8.31 29.25 -26.69
CA TYR B 289 9.75 29.23 -26.86
C TYR B 289 10.38 28.22 -25.91
N LEU B 290 11.38 27.50 -26.40
CA LEU B 290 12.08 26.49 -25.61
C LEU B 290 12.85 27.11 -24.44
N GLU B 291 13.07 28.43 -24.44
CA GLU B 291 13.90 29.06 -23.43
C GLU B 291 13.31 28.91 -22.02
N GLN B 292 11.99 28.85 -21.90
CA GLN B 292 11.39 28.66 -20.57
C GLN B 292 11.62 27.25 -20.05
N ARG B 293 11.56 26.24 -20.93
CA ARG B 293 11.84 24.88 -20.52
C ARG B 293 13.29 24.74 -20.04
N ILE B 294 14.22 25.46 -20.68
CA ILE B 294 15.61 25.43 -20.25
C ILE B 294 15.75 25.98 -18.83
N VAL B 295 15.08 27.10 -18.54
CA VAL B 295 15.16 27.69 -17.22
C VAL B 295 14.51 26.79 -16.18
N GLU B 296 13.36 26.20 -16.51
CA GLU B 296 12.71 25.29 -15.58
C GLU B 296 13.59 24.08 -15.28
N CYS B 297 14.26 23.55 -16.31
CA CYS B 297 15.16 22.42 -16.10
C CYS B 297 16.35 22.82 -15.24
N ALA B 298 16.88 24.02 -15.45
CA ALA B 298 18.00 24.49 -14.62
C ALA B 298 17.57 24.65 -13.17
N LEU B 299 16.35 25.16 -12.95
CA LEU B 299 15.84 25.29 -11.59
C LEU B 299 15.65 23.93 -10.94
N LYS B 300 15.15 22.95 -11.70
CA LYS B 300 14.99 21.61 -11.16
C LYS B 300 16.34 20.96 -10.86
N LEU B 301 17.36 21.28 -11.64
CA LEU B 301 18.70 20.77 -11.35
C LEU B 301 19.30 21.45 -10.11
N GLN B 302 18.98 22.72 -9.90
CA GLN B 302 19.48 23.40 -8.70
C GLN B 302 18.78 22.90 -7.44
N ASP B 303 17.47 22.66 -7.52
CA ASP B 303 16.70 22.29 -6.35
C ASP B 303 16.91 20.83 -5.97
N ARG B 304 16.68 19.93 -6.92
CA ARG B 304 16.70 18.50 -6.60
C ARG B 304 18.12 18.00 -6.39
N TYR B 305 19.07 18.52 -7.15
CA TYR B 305 20.43 17.98 -7.16
C TYR B 305 21.49 18.95 -6.67
N GLY B 306 21.13 20.17 -6.31
CA GLY B 306 22.08 21.09 -5.70
C GLY B 306 23.22 21.51 -6.59
N ILE B 307 23.00 21.55 -7.90
CA ILE B 307 24.04 21.97 -8.83
C ILE B 307 24.11 23.50 -8.86
N ARG B 308 25.32 24.03 -9.06
CA ARG B 308 25.51 25.47 -9.18
C ARG B 308 24.65 26.03 -10.30
N GLU B 309 24.32 27.31 -10.19
CA GLU B 309 23.40 27.94 -11.14
C GLU B 309 23.95 27.91 -12.56
N ASP B 310 25.18 28.39 -12.74
CA ASP B 310 25.74 28.47 -14.08
C ASP B 310 25.93 27.08 -14.70
N VAL B 311 26.39 26.12 -13.90
CA VAL B 311 26.61 24.77 -14.43
C VAL B 311 25.30 24.11 -14.80
N ALA B 312 24.28 24.23 -13.94
CA ALA B 312 22.98 23.65 -14.26
C ALA B 312 22.35 24.32 -15.46
N LEU B 313 22.48 25.65 -15.55
CA LEU B 313 21.94 26.37 -16.70
C LEU B 313 22.63 25.94 -18.00
N CYS B 314 23.95 25.76 -17.95
CA CYS B 314 24.67 25.31 -19.15
C CYS B 314 24.31 23.89 -19.52
N LEU B 315 24.12 23.01 -18.51
CA LEU B 315 23.69 21.64 -18.79
C LEU B 315 22.32 21.60 -19.42
N ALA B 316 21.39 22.44 -18.94
CA ALA B 316 20.04 22.44 -19.50
C ALA B 316 20.04 22.87 -20.95
N ARG B 317 20.90 23.82 -21.31
CA ARG B 317 21.01 24.23 -22.71
C ARG B 317 21.49 23.08 -23.59
N ALA B 318 22.60 22.43 -23.18
CA ALA B 318 23.24 21.43 -24.01
C ALA B 318 22.41 20.17 -24.18
N PHE B 319 21.29 20.04 -23.47
CA PHE B 319 20.47 18.83 -23.56
C PHE B 319 18.99 19.14 -23.66
N ASP B 320 18.65 20.31 -24.23
CA ASP B 320 17.26 20.68 -24.53
C ASP B 320 16.39 20.66 -23.27
N GLY B 321 16.99 20.86 -22.11
CA GLY B 321 16.24 20.88 -20.87
C GLY B 321 15.60 19.56 -20.50
N SER B 322 16.23 18.44 -20.86
CA SER B 322 15.70 17.11 -20.57
C SER B 322 16.51 16.50 -19.44
N ILE B 323 15.90 16.41 -18.26
CA ILE B 323 16.57 15.77 -17.11
C ILE B 323 16.80 14.30 -17.41
N SER B 324 15.81 13.62 -17.99
CA SER B 324 15.94 12.19 -18.28
C SER B 324 17.07 11.90 -19.26
N MET B 325 17.52 12.90 -20.01
CA MET B 325 18.60 12.72 -20.97
CA MET B 325 18.59 12.72 -20.97
C MET B 325 19.97 12.98 -20.34
N ILE B 326 20.06 14.01 -19.49
CA ILE B 326 21.32 14.27 -18.80
C ILE B 326 21.68 13.12 -17.90
N ALA B 327 20.68 12.44 -17.33
CA ALA B 327 20.91 11.31 -16.44
C ALA B 327 21.39 10.06 -17.17
N THR B 328 21.44 10.09 -18.51
CA THR B 328 21.94 8.95 -19.28
C THR B 328 23.15 9.32 -20.13
N THR B 329 23.76 10.47 -19.89
CA THR B 329 24.93 10.94 -20.64
C THR B 329 26.20 10.65 -19.85
N PRO B 330 27.21 10.04 -20.47
CA PRO B 330 28.43 9.72 -19.73
C PRO B 330 29.16 10.96 -19.24
N TYR B 331 30.09 10.74 -18.31
CA TYR B 331 30.73 11.85 -17.61
C TYR B 331 31.60 12.68 -18.55
N ARG B 332 32.29 12.03 -19.48
CA ARG B 332 33.21 12.77 -20.36
C ARG B 332 32.45 13.73 -21.27
N THR B 333 31.28 13.33 -21.75
CA THR B 333 30.47 14.23 -22.57
C THR B 333 29.97 15.42 -21.75
N LEU B 334 29.58 15.17 -20.50
CA LEU B 334 29.14 16.26 -19.64
C LEU B 334 30.27 17.24 -19.37
N LYS B 335 31.49 16.73 -19.17
CA LYS B 335 32.63 17.63 -18.99
C LYS B 335 32.97 18.36 -20.27
N ASP B 336 32.73 17.74 -21.43
CA ASP B 336 32.95 18.41 -22.70
C ASP B 336 32.00 19.58 -22.88
N VAL B 337 30.71 19.36 -22.61
CA VAL B 337 29.73 20.43 -22.82
C VAL B 337 29.78 21.46 -21.69
N CYS B 338 30.17 21.06 -20.48
CA CYS B 338 30.27 21.95 -19.33
C CYS B 338 31.59 21.68 -18.63
N PRO B 339 32.64 22.42 -18.98
CA PRO B 339 33.96 22.17 -18.37
C PRO B 339 34.02 22.44 -16.87
N ASP B 340 33.16 23.30 -16.34
CA ASP B 340 33.20 23.61 -14.92
C ASP B 340 32.44 22.60 -14.05
N LEU B 341 31.74 21.64 -14.67
CA LEU B 341 31.00 20.65 -13.91
C LEU B 341 31.95 19.82 -13.05
N THR B 342 31.53 19.54 -11.82
CA THR B 342 32.30 18.70 -10.92
C THR B 342 31.83 17.26 -11.02
N LEU B 343 32.71 16.34 -10.62
CA LEU B 343 32.35 14.93 -10.64
C LEU B 343 31.18 14.64 -9.71
N GLU B 344 31.13 15.32 -8.56
CA GLU B 344 30.04 15.10 -7.62
C GLU B 344 28.71 15.61 -8.18
N GLU B 345 28.74 16.74 -8.88
CA GLU B 345 27.52 17.22 -9.52
C GLU B 345 27.03 16.23 -10.57
N ALA B 346 27.94 15.71 -11.39
CA ALA B 346 27.56 14.73 -12.39
C ALA B 346 26.99 13.46 -11.74
N LYS B 347 27.60 13.03 -10.64
CA LYS B 347 27.08 11.88 -9.93
C LYS B 347 25.70 12.16 -9.34
N SER B 348 25.45 13.40 -8.90
CA SER B 348 24.15 13.73 -8.34
C SER B 348 23.08 13.76 -9.41
N VAL B 349 23.41 14.25 -10.61
CA VAL B 349 22.39 14.32 -11.67
C VAL B 349 22.26 12.97 -12.37
N ASN B 350 23.38 12.31 -12.66
CA ASN B 350 23.37 10.98 -13.28
C ASN B 350 23.42 9.95 -12.16
N ARG B 351 22.26 9.41 -11.79
CA ARG B 351 22.22 8.43 -10.70
C ARG B 351 22.97 7.16 -11.07
N THR B 352 22.95 6.77 -12.35
CA THR B 352 23.68 5.59 -12.77
C THR B 352 25.18 5.78 -12.62
N LEU B 353 25.69 6.96 -12.99
CA LEU B 353 27.12 7.25 -12.82
C LEU B 353 27.52 7.17 -11.36
N ALA B 354 26.70 7.72 -10.47
CA ALA B 354 27.00 7.65 -9.03
C ALA B 354 27.00 6.22 -8.54
N THR B 355 25.94 5.46 -8.88
CA THR B 355 25.87 4.07 -8.44
C THR B 355 27.06 3.25 -8.94
N LEU B 356 27.55 3.55 -10.14
CA LEU B 356 28.71 2.82 -10.65
C LEU B 356 29.99 3.23 -9.93
N ILE B 357 30.23 4.54 -9.81
CA ILE B 357 31.48 5.01 -9.21
C ILE B 357 31.53 4.67 -7.72
N ASP B 358 30.43 4.90 -7.00
CA ASP B 358 30.44 4.77 -5.55
C ASP B 358 30.15 3.35 -5.09
N GLU B 359 28.95 2.85 -5.36
CA GLU B 359 28.54 1.54 -4.87
C GLU B 359 29.35 0.39 -5.47
N HIS B 360 30.04 0.62 -6.59
CA HIS B 360 30.80 -0.44 -7.25
C HIS B 360 32.27 -0.11 -7.50
N GLY B 361 32.72 1.09 -7.14
CA GLY B 361 34.13 1.40 -7.20
C GLY B 361 34.74 1.37 -8.59
N LEU B 362 34.01 1.86 -9.57
CA LEU B 362 34.55 1.97 -10.92
C LEU B 362 35.14 3.36 -11.14
N SER B 363 36.11 3.43 -12.05
CA SER B 363 36.65 4.71 -12.47
C SER B 363 35.64 5.43 -13.35
N PRO B 364 35.77 6.75 -13.50
CA PRO B 364 34.87 7.48 -14.41
C PRO B 364 34.84 6.91 -15.83
N ASP B 365 35.98 6.46 -16.36
CA ASP B 365 35.99 5.87 -17.70
C ASP B 365 35.31 4.50 -17.69
N ALA B 366 35.57 3.69 -16.66
CA ALA B 366 34.90 2.39 -16.56
C ALA B 366 33.40 2.55 -16.39
N ALA B 367 32.96 3.63 -15.72
CA ALA B 367 31.52 3.88 -15.62
C ALA B 367 30.96 4.37 -16.95
N ASP B 368 31.69 5.25 -17.64
CA ASP B 368 31.25 5.73 -18.94
C ASP B 368 31.12 4.60 -19.95
N GLU B 369 31.95 3.56 -19.81
CA GLU B 369 31.79 2.37 -20.66
C GLU B 369 30.38 1.82 -20.56
N LEU B 370 29.95 1.46 -19.35
CA LEU B 370 28.62 0.89 -19.17
C LEU B 370 27.53 1.91 -19.48
N ILE B 371 27.77 3.19 -19.22
CA ILE B 371 26.77 4.20 -19.54
C ILE B 371 26.53 4.27 -21.03
N GLU B 372 27.62 4.29 -21.82
CA GLU B 372 27.48 4.37 -23.26
C GLU B 372 26.86 3.09 -23.83
N HIS B 373 27.27 1.93 -23.31
CA HIS B 373 26.78 0.69 -23.90
C HIS B 373 25.39 0.28 -23.40
N PHE B 374 24.91 0.86 -22.29
CA PHE B 374 23.64 0.43 -21.73
C PHE B 374 22.79 1.54 -21.15
N GLU B 375 23.23 2.80 -21.22
CA GLU B 375 22.43 3.98 -20.88
C GLU B 375 22.15 4.13 -19.38
N SER B 376 21.57 3.10 -18.76
CA SER B 376 21.16 3.23 -17.36
C SER B 376 21.32 1.89 -16.65
N ILE B 377 21.16 1.93 -15.33
CA ILE B 377 21.18 0.70 -14.55
C ILE B 377 20.01 -0.20 -14.95
N ALA B 378 18.84 0.41 -15.19
CA ALA B 378 17.72 -0.35 -15.74
C ALA B 378 18.06 -0.92 -17.10
N GLY B 379 18.88 -0.20 -17.89
CA GLY B 379 19.34 -0.76 -19.15
C GLY B 379 20.19 -2.00 -18.97
N ILE B 380 21.10 -1.97 -17.99
CA ILE B 380 21.90 -3.15 -17.68
C ILE B 380 21.01 -4.29 -17.23
N LEU B 381 19.99 -3.99 -16.41
CA LEU B 381 19.06 -5.03 -15.98
C LEU B 381 18.23 -5.56 -17.14
N ALA B 382 18.05 -4.78 -18.20
CA ALA B 382 17.32 -5.23 -19.38
C ALA B 382 18.18 -6.01 -20.35
N THR B 383 19.49 -5.74 -20.38
CA THR B 383 20.39 -6.40 -21.31
C THR B 383 20.69 -7.83 -20.86
N ASP B 384 20.66 -8.75 -21.81
CA ASP B 384 20.96 -10.15 -21.51
C ASP B 384 22.39 -10.28 -20.98
N LEU B 385 22.60 -11.31 -20.16
CA LEU B 385 23.93 -11.54 -19.60
C LEU B 385 24.90 -11.99 -20.69
N GLU B 386 24.45 -12.86 -21.59
CA GLU B 386 25.31 -13.34 -22.67
C GLU B 386 25.79 -12.20 -23.55
N GLU B 387 24.98 -11.15 -23.72
CA GLU B 387 25.41 -9.99 -24.47
C GLU B 387 26.62 -9.33 -23.81
N ILE B 388 26.58 -9.16 -22.49
CA ILE B 388 27.68 -8.53 -21.79
C ILE B 388 28.92 -9.44 -21.79
N GLU B 389 28.72 -10.75 -21.65
CA GLU B 389 29.84 -11.67 -21.73
C GLU B 389 30.49 -11.62 -23.11
N ARG B 390 29.69 -11.59 -24.17
CA ARG B 390 30.24 -11.47 -25.51
C ARG B 390 31.00 -10.17 -25.68
N MET B 391 30.44 -9.05 -25.19
CA MET B 391 31.14 -7.77 -25.28
C MET B 391 32.45 -7.80 -24.52
N TYR B 392 32.51 -8.52 -23.40
CA TYR B 392 33.74 -8.57 -22.60
C TYR B 392 34.80 -9.45 -23.26
N GLU B 393 34.42 -10.68 -23.65
CA GLU B 393 35.38 -11.59 -24.25
C GLU B 393 35.95 -11.04 -25.55
N GLU B 394 35.17 -10.23 -26.26
CA GLU B 394 35.64 -9.61 -27.49
C GLU B 394 36.44 -8.33 -27.27
N GLY B 395 36.77 -8.01 -26.02
CA GLY B 395 37.58 -6.83 -25.76
C GLY B 395 36.89 -5.50 -25.93
N ARG B 396 35.56 -5.50 -26.12
CA ARG B 396 34.82 -4.26 -26.20
C ARG B 396 34.39 -3.74 -24.84
N LEU B 397 34.57 -4.52 -23.79
CA LEU B 397 34.18 -4.14 -22.44
C LEU B 397 35.28 -4.54 -21.47
N SER B 398 35.76 -3.57 -20.69
CA SER B 398 36.89 -3.81 -19.79
C SER B 398 36.49 -4.79 -18.69
N GLU B 399 37.50 -5.29 -17.98
CA GLU B 399 37.28 -6.23 -16.89
C GLU B 399 36.43 -5.59 -15.78
N GLU B 400 36.78 -4.37 -15.39
CA GLU B 400 36.06 -3.69 -14.31
C GLU B 400 34.58 -3.53 -14.67
N ALA B 401 34.31 -2.98 -15.85
CA ALA B 401 32.92 -2.74 -16.24
C ALA B 401 32.15 -4.04 -16.38
N TYR B 402 32.78 -5.09 -16.91
CA TYR B 402 32.11 -6.37 -17.04
C TYR B 402 31.72 -6.95 -15.69
N ARG B 403 32.69 -7.01 -14.76
CA ARG B 403 32.39 -7.56 -13.45
C ARG B 403 31.34 -6.72 -12.72
N ALA B 404 31.43 -5.39 -12.83
CA ALA B 404 30.44 -4.54 -12.18
C ALA B 404 29.04 -4.77 -12.75
N ALA B 405 28.93 -4.87 -14.07
CA ALA B 405 27.62 -5.09 -14.67
C ALA B 405 27.05 -6.45 -14.28
N VAL B 406 27.89 -7.48 -14.26
CA VAL B 406 27.42 -8.81 -13.86
C VAL B 406 26.95 -8.79 -12.41
N GLU B 407 27.68 -8.08 -11.55
CA GLU B 407 27.25 -7.99 -10.15
C GLU B 407 25.95 -7.22 -10.02
N ILE B 408 25.77 -6.17 -10.83
CA ILE B 408 24.51 -5.43 -10.81
C ILE B 408 23.35 -6.31 -11.22
N GLN B 409 23.56 -7.13 -12.25
CA GLN B 409 22.52 -8.04 -12.69
C GLN B 409 22.20 -9.07 -11.62
N LEU B 410 23.25 -9.64 -11.00
CA LEU B 410 23.03 -10.68 -10.00
C LEU B 410 22.37 -10.15 -8.74
N ALA B 411 22.63 -8.88 -8.39
CA ALA B 411 22.05 -8.30 -7.19
C ALA B 411 20.52 -8.34 -7.25
N GLU B 412 19.94 -8.03 -8.41
CA GLU B 412 18.49 -7.97 -8.53
C GLU B 412 17.82 -9.31 -8.27
N LEU B 413 18.56 -10.42 -8.34
CA LEU B 413 18.01 -11.74 -8.07
C LEU B 413 18.43 -12.31 -6.72
N THR B 414 19.65 -12.00 -6.26
CA THR B 414 20.11 -12.54 -4.99
C THR B 414 19.39 -11.92 -3.80
N LYS B 415 18.79 -10.74 -3.96
CA LYS B 415 18.07 -10.10 -2.86
C LYS B 415 16.76 -10.80 -2.53
N LYS B 416 16.45 -11.92 -3.17
CA LYS B 416 15.27 -12.71 -2.89
C LYS B 416 15.67 -13.97 -2.12
N GLU B 417 14.83 -14.37 -1.18
CA GLU B 417 15.14 -15.51 -0.32
C GLU B 417 15.19 -16.79 -1.13
N GLY B 418 16.23 -17.60 -0.92
CA GLY B 418 16.40 -18.85 -1.61
C GLY B 418 17.18 -18.78 -2.91
N VAL B 419 17.52 -17.59 -3.36
CA VAL B 419 18.21 -17.39 -4.64
C VAL B 419 19.69 -17.21 -4.33
N GLY B 420 20.48 -18.26 -4.53
CA GLY B 420 21.91 -18.17 -4.38
C GLY B 420 22.55 -17.43 -5.54
N ARG B 421 23.88 -17.54 -5.62
CA ARG B 421 24.58 -16.95 -6.75
C ARG B 421 24.56 -17.88 -7.95
N LYS B 422 24.75 -19.19 -7.73
CA LYS B 422 24.63 -20.14 -8.82
C LYS B 422 23.22 -20.17 -9.38
N THR B 423 22.21 -20.10 -8.52
CA THR B 423 20.83 -20.12 -9.01
C THR B 423 20.51 -18.85 -9.80
N ALA B 424 21.00 -17.70 -9.33
CA ALA B 424 20.81 -16.46 -10.09
C ALA B 424 21.52 -16.51 -11.43
N GLU B 425 22.73 -17.06 -11.46
CA GLU B 425 23.45 -17.18 -12.72
C GLU B 425 22.73 -18.12 -13.68
N ARG B 426 22.23 -19.26 -13.18
CA ARG B 426 21.49 -20.17 -14.03
C ARG B 426 20.22 -19.54 -14.56
N LEU B 427 19.54 -18.73 -13.72
CA LEU B 427 18.34 -18.03 -14.20
C LEU B 427 18.70 -17.03 -15.30
N LEU B 428 19.78 -16.28 -15.13
CA LEU B 428 20.20 -15.36 -16.17
C LEU B 428 20.62 -16.09 -17.44
N ARG B 429 21.19 -17.29 -17.29
CA ARG B 429 21.52 -18.10 -18.47
C ARG B 429 20.25 -18.51 -19.21
N ALA B 430 19.26 -19.01 -18.48
CA ALA B 430 18.06 -19.55 -19.11
C ALA B 430 17.17 -18.45 -19.67
N PHE B 431 17.19 -17.25 -19.10
CA PHE B 431 16.24 -16.22 -19.50
C PHE B 431 16.89 -14.88 -19.82
N GLY B 432 18.22 -14.82 -19.91
CA GLY B 432 18.88 -13.63 -20.44
C GLY B 432 19.15 -12.52 -19.45
N ASN B 433 18.11 -11.85 -18.98
CA ASN B 433 18.25 -10.66 -18.15
C ASN B 433 17.25 -10.74 -16.99
N PRO B 434 17.54 -10.03 -15.89
CA PRO B 434 16.64 -10.11 -14.73
C PRO B 434 15.25 -9.53 -14.97
N GLU B 435 15.11 -8.49 -15.80
CA GLU B 435 13.78 -7.97 -16.10
C GLU B 435 12.91 -9.04 -16.74
N ARG B 436 13.51 -9.89 -17.58
CA ARG B 436 12.80 -11.02 -18.15
C ARG B 436 12.31 -11.97 -17.05
N VAL B 437 13.12 -12.14 -16.00
CA VAL B 437 12.72 -13.00 -14.89
C VAL B 437 11.58 -12.37 -14.10
N LYS B 438 11.64 -11.06 -13.87
CA LYS B 438 10.52 -10.35 -13.24
C LYS B 438 9.24 -10.56 -14.04
N GLN B 439 9.32 -10.37 -15.37
CA GLN B 439 8.14 -10.50 -16.20
C GLN B 439 7.59 -11.92 -16.17
N LEU B 440 8.47 -12.93 -16.26
CA LEU B 440 8.01 -14.31 -16.18
C LEU B 440 7.41 -14.65 -14.82
N ALA B 441 7.92 -14.04 -13.74
CA ALA B 441 7.36 -14.28 -12.43
C ALA B 441 5.99 -13.65 -12.28
N ARG B 442 5.83 -12.41 -12.77
CA ARG B 442 4.52 -11.76 -12.72
C ARG B 442 3.50 -12.49 -13.58
N GLU B 443 3.96 -13.09 -14.69
CA GLU B 443 3.09 -13.89 -15.54
C GLU B 443 2.79 -15.26 -14.95
N PHE B 444 3.29 -15.55 -13.73
CA PHE B 444 3.04 -16.81 -13.04
C PHE B 444 3.52 -18.01 -13.84
N GLU B 445 4.57 -17.82 -14.66
CA GLU B 445 5.15 -18.91 -15.44
C GLU B 445 5.96 -19.81 -14.51
N ILE B 446 5.24 -20.56 -13.69
CA ILE B 446 5.85 -21.29 -12.58
C ILE B 446 6.62 -22.51 -13.11
N GLU B 447 5.99 -23.28 -14.00
CA GLU B 447 6.68 -24.45 -14.54
C GLU B 447 7.87 -24.04 -15.42
N LYS B 448 7.78 -22.87 -16.05
CA LYS B 448 8.90 -22.37 -16.85
C LYS B 448 10.11 -22.08 -15.97
N LEU B 449 9.88 -21.44 -14.81
CA LEU B 449 10.99 -21.12 -13.91
C LEU B 449 11.50 -22.35 -13.18
N ALA B 450 10.61 -23.29 -12.84
CA ALA B 450 11.02 -24.47 -12.10
C ALA B 450 11.95 -25.38 -12.89
N SER B 451 12.05 -25.19 -14.20
CA SER B 451 12.96 -26.01 -15.00
C SER B 451 14.42 -25.70 -14.71
N VAL B 452 14.72 -24.47 -14.30
CA VAL B 452 16.09 -24.08 -14.03
C VAL B 452 16.60 -24.78 -12.78
N GLU B 453 17.81 -25.32 -12.85
CA GLU B 453 18.41 -26.01 -11.72
C GLU B 453 18.65 -25.04 -10.57
N GLY B 454 18.19 -25.43 -9.37
CA GLY B 454 18.35 -24.61 -8.19
C GLY B 454 17.16 -23.75 -7.84
N VAL B 455 16.11 -23.74 -8.65
CA VAL B 455 14.90 -22.98 -8.37
C VAL B 455 13.96 -23.92 -7.61
N GLY B 456 13.95 -23.81 -6.28
CA GLY B 456 13.12 -24.63 -5.44
C GLY B 456 11.87 -23.89 -4.99
N GLU B 457 11.17 -24.51 -4.03
CA GLU B 457 9.92 -23.94 -3.53
C GLU B 457 10.13 -22.52 -3.01
N ARG B 458 11.19 -22.30 -2.24
CA ARG B 458 11.40 -20.98 -1.66
C ARG B 458 11.69 -19.94 -2.73
N VAL B 459 12.41 -20.32 -3.79
CA VAL B 459 12.69 -19.40 -4.89
C VAL B 459 11.38 -18.96 -5.54
N LEU B 460 10.51 -19.92 -5.85
CA LEU B 460 9.23 -19.59 -6.46
C LEU B 460 8.40 -18.71 -5.54
N ARG B 461 8.31 -19.08 -4.26
CA ARG B 461 7.52 -18.29 -3.32
C ARG B 461 8.05 -16.87 -3.16
N SER B 462 9.36 -16.69 -3.29
CA SER B 462 9.93 -15.35 -3.21
C SER B 462 9.76 -14.57 -4.50
N LEU B 463 9.63 -15.26 -5.64
CA LEU B 463 9.55 -14.62 -6.94
C LEU B 463 8.12 -14.42 -7.44
N VAL B 464 7.28 -15.44 -7.32
CA VAL B 464 5.93 -15.41 -7.87
C VAL B 464 4.99 -14.85 -6.79
N PRO B 465 4.46 -13.64 -6.96
CA PRO B 465 3.59 -13.06 -5.92
C PRO B 465 2.30 -13.83 -5.73
N GLY B 466 2.14 -14.48 -4.58
CA GLY B 466 0.94 -15.22 -4.26
C GLY B 466 1.05 -16.72 -4.42
N TYR B 467 2.11 -17.21 -5.07
CA TYR B 467 2.27 -18.66 -5.20
C TYR B 467 2.42 -19.32 -3.84
N ALA B 468 3.07 -18.65 -2.89
CA ALA B 468 3.27 -19.22 -1.56
C ALA B 468 1.94 -19.50 -0.88
N SER B 469 1.02 -18.52 -0.91
CA SER B 469 -0.25 -18.67 -0.21
C SER B 469 -1.08 -19.82 -0.77
N LEU B 470 -0.97 -20.10 -2.06
CA LEU B 470 -1.77 -21.13 -2.69
C LEU B 470 -1.13 -22.52 -2.59
N ILE B 471 0.19 -22.62 -2.77
CA ILE B 471 0.85 -23.92 -2.74
C ILE B 471 0.81 -24.54 -1.35
N SER B 472 0.68 -23.73 -0.30
CA SER B 472 0.73 -24.24 1.07
C SER B 472 -0.54 -24.97 1.48
N ILE B 473 -1.60 -24.91 0.68
CA ILE B 473 -2.86 -25.59 1.00
C ILE B 473 -2.79 -27.02 0.47
N ARG B 474 -3.21 -27.98 1.30
CA ARG B 474 -3.16 -29.38 0.91
C ARG B 474 -4.04 -29.63 -0.31
N GLY B 475 -3.53 -30.41 -1.25
CA GLY B 475 -4.22 -30.74 -2.48
C GLY B 475 -3.88 -29.83 -3.63
N ILE B 476 -3.71 -28.54 -3.35
CA ILE B 476 -3.31 -27.58 -4.38
C ILE B 476 -1.84 -27.83 -4.69
N ASP B 477 -1.58 -28.39 -5.87
CA ASP B 477 -0.22 -28.67 -6.29
C ASP B 477 0.31 -27.50 -7.11
N ARG B 478 1.49 -27.67 -7.71
CA ARG B 478 2.10 -26.59 -8.48
C ARG B 478 1.27 -26.25 -9.71
N GLU B 479 0.85 -27.28 -10.46
CA GLU B 479 0.08 -27.05 -11.68
C GLU B 479 -1.23 -26.35 -11.38
N ARG B 480 -1.94 -26.78 -10.33
CA ARG B 480 -3.21 -26.16 -10.00
C ARG B 480 -3.03 -24.72 -9.54
N ALA B 481 -1.96 -24.44 -8.78
CA ALA B 481 -1.70 -23.08 -8.34
C ALA B 481 -1.40 -22.17 -9.52
N GLU B 482 -0.57 -22.64 -10.45
CA GLU B 482 -0.31 -21.87 -11.67
C GLU B 482 -1.59 -21.65 -12.47
N ARG B 483 -2.40 -22.70 -12.59
CA ARG B 483 -3.67 -22.60 -13.31
C ARG B 483 -4.56 -21.53 -12.72
N LEU B 484 -4.74 -21.55 -11.39
CA LEU B 484 -5.60 -20.58 -10.73
C LEU B 484 -5.05 -19.16 -10.89
N LEU B 485 -3.75 -18.99 -10.68
CA LEU B 485 -3.14 -17.68 -10.79
C LEU B 485 -3.27 -17.11 -12.20
N LYS B 486 -3.14 -17.96 -13.21
CA LYS B 486 -3.29 -17.48 -14.59
C LYS B 486 -4.75 -17.19 -14.92
N LYS B 487 -5.68 -18.03 -14.43
CA LYS B 487 -7.07 -17.86 -14.77
C LYS B 487 -7.65 -16.59 -14.15
N TYR B 488 -7.44 -16.38 -12.86
CA TYR B 488 -8.03 -15.23 -12.19
C TYR B 488 -7.15 -14.00 -12.21
N GLY B 489 -5.84 -14.16 -12.34
CA GLY B 489 -4.95 -13.02 -12.46
C GLY B 489 -4.38 -12.52 -11.15
N GLY B 490 -3.75 -13.41 -10.39
CA GLY B 490 -3.15 -13.04 -9.12
C GLY B 490 -3.90 -13.65 -7.95
N TYR B 491 -3.20 -13.70 -6.81
CA TYR B 491 -3.80 -14.28 -5.60
C TYR B 491 -4.95 -13.41 -5.09
N SER B 492 -4.88 -12.10 -5.28
CA SER B 492 -5.95 -11.22 -4.85
C SER B 492 -7.26 -11.56 -5.54
N LYS B 493 -7.21 -11.77 -6.86
CA LYS B 493 -8.43 -12.07 -7.59
C LYS B 493 -8.89 -13.51 -7.35
N VAL B 494 -7.97 -14.40 -6.99
CA VAL B 494 -8.38 -15.75 -6.59
C VAL B 494 -9.11 -15.70 -5.25
N ARG B 495 -8.65 -14.84 -4.34
CA ARG B 495 -9.31 -14.71 -3.05
C ARG B 495 -10.65 -14.01 -3.17
N GLU B 496 -10.75 -13.02 -4.05
CA GLU B 496 -11.99 -12.29 -4.26
C GLU B 496 -13.00 -13.06 -5.12
N ALA B 497 -12.65 -14.25 -5.59
CA ALA B 497 -13.53 -15.02 -6.46
C ALA B 497 -14.72 -15.58 -5.67
N GLY B 498 -15.79 -15.91 -6.41
CA GLY B 498 -16.97 -16.47 -5.80
C GLY B 498 -16.79 -17.94 -5.43
N VAL B 499 -17.59 -18.36 -4.45
CA VAL B 499 -17.49 -19.73 -3.94
C VAL B 499 -17.90 -20.74 -5.00
N GLU B 500 -18.91 -20.41 -5.80
CA GLU B 500 -19.41 -21.36 -6.79
C GLU B 500 -18.39 -21.59 -7.91
N GLU B 501 -17.75 -20.52 -8.38
CA GLU B 501 -16.78 -20.66 -9.46
C GLU B 501 -15.48 -21.29 -8.97
N LEU B 502 -15.15 -21.08 -7.68
CA LEU B 502 -14.02 -21.82 -7.11
C LEU B 502 -14.34 -23.30 -6.97
N ARG B 503 -15.60 -23.62 -6.65
CA ARG B 503 -16.02 -25.02 -6.60
C ARG B 503 -16.02 -25.66 -7.98
N GLU B 504 -16.33 -24.88 -9.02
CA GLU B 504 -16.29 -25.42 -10.37
C GLU B 504 -14.87 -25.80 -10.79
N ASP B 505 -13.86 -25.12 -10.25
CA ASP B 505 -12.48 -25.44 -10.57
C ASP B 505 -11.99 -26.71 -9.89
N GLY B 506 -12.80 -27.33 -9.04
CA GLY B 506 -12.41 -28.55 -8.36
C GLY B 506 -11.86 -28.37 -6.96
N LEU B 507 -11.98 -27.18 -6.37
CA LEU B 507 -11.46 -26.93 -5.05
C LEU B 507 -12.38 -27.50 -3.98
N THR B 508 -11.79 -28.19 -3.00
CA THR B 508 -12.56 -28.71 -1.89
C THR B 508 -13.08 -27.56 -1.02
N ASP B 509 -14.17 -27.84 -0.30
CA ASP B 509 -14.71 -26.84 0.63
C ASP B 509 -13.69 -26.47 1.70
N ALA B 510 -12.88 -27.44 2.14
CA ALA B 510 -11.80 -27.14 3.07
C ALA B 510 -10.76 -26.23 2.42
N GLN B 511 -10.46 -26.47 1.14
CA GLN B 511 -9.48 -25.64 0.44
C GLN B 511 -10.00 -24.21 0.31
N ILE B 512 -11.29 -24.04 0.02
CA ILE B 512 -11.85 -22.70 -0.08
C ILE B 512 -11.89 -22.02 1.28
N ARG B 513 -12.19 -22.80 2.34
CA ARG B 513 -12.18 -22.24 3.68
C ARG B 513 -10.79 -21.71 4.03
N GLU B 514 -9.75 -22.51 3.75
CA GLU B 514 -8.39 -22.09 4.04
C GLU B 514 -7.97 -20.92 3.14
N LEU B 515 -8.45 -20.89 1.90
CA LEU B 515 -8.05 -19.83 0.98
C LEU B 515 -8.66 -18.49 1.38
N LYS B 516 -9.98 -18.45 1.56
CA LYS B 516 -10.66 -17.20 1.87
C LYS B 516 -10.60 -16.84 3.35
N GLY B 517 -9.98 -17.67 4.18
CA GLY B 517 -9.87 -17.39 5.59
C GLY B 517 -11.22 -17.29 6.29
N LEU B 518 -12.08 -18.29 6.06
CA LEU B 518 -13.43 -18.28 6.59
C LEU B 518 -13.66 -19.35 7.65
N LYS B 519 -12.58 -19.89 8.23
CA LYS B 519 -12.73 -20.87 9.29
C LYS B 519 -13.42 -20.27 10.52
N THR B 520 -13.21 -18.98 10.77
CA THR B 520 -13.86 -18.33 11.90
C THR B 520 -15.36 -18.15 11.65
N LEU B 521 -15.71 -17.69 10.44
CA LEU B 521 -17.12 -17.43 10.14
C LEU B 521 -17.90 -18.71 9.85
N GLU B 522 -17.24 -19.73 9.30
CA GLU B 522 -17.92 -21.00 9.07
C GLU B 522 -18.18 -21.76 10.37
N SER B 523 -17.67 -21.25 11.50
CA SER B 523 -18.08 -21.78 12.80
C SER B 523 -19.42 -21.19 13.22
N ILE B 524 -19.64 -19.91 12.91
CA ILE B 524 -20.91 -19.27 13.26
C ILE B 524 -22.03 -19.76 12.34
N VAL B 525 -21.82 -19.61 11.04
CA VAL B 525 -22.80 -20.04 10.03
C VAL B 525 -22.41 -21.41 9.52
N GLY B 526 -23.42 -22.21 9.16
CA GLY B 526 -23.16 -23.59 8.80
C GLY B 526 -22.53 -23.77 7.43
N ASP B 527 -22.73 -22.82 6.52
CA ASP B 527 -22.29 -22.96 5.14
C ASP B 527 -21.18 -21.95 4.82
N LEU B 528 -20.62 -22.11 3.62
CA LEU B 528 -19.54 -21.24 3.14
C LEU B 528 -20.05 -19.99 2.45
N GLU B 529 -21.17 -20.08 1.74
CA GLU B 529 -21.63 -18.96 0.93
C GLU B 529 -22.02 -17.76 1.78
N LYS B 530 -22.81 -18.00 2.84
CA LYS B 530 -23.21 -16.88 3.68
C LYS B 530 -22.03 -16.32 4.48
N ALA B 531 -21.09 -17.19 4.87
CA ALA B 531 -19.88 -16.70 5.53
C ALA B 531 -19.09 -15.79 4.61
N ASP B 532 -18.95 -16.18 3.34
CA ASP B 532 -18.25 -15.33 2.39
C ASP B 532 -18.99 -14.03 2.14
N GLU B 533 -20.33 -14.09 2.08
CA GLU B 533 -21.12 -12.87 1.91
C GLU B 533 -20.96 -11.94 3.10
N LEU B 534 -20.91 -12.50 4.32
CA LEU B 534 -20.70 -11.69 5.51
C LEU B 534 -19.31 -11.05 5.50
N LYS B 535 -18.27 -11.82 5.15
CA LYS B 535 -16.93 -11.25 5.07
C LYS B 535 -16.86 -10.17 4.01
N ARG B 536 -17.62 -10.31 2.91
CA ARG B 536 -17.66 -9.30 1.87
C ARG B 536 -18.33 -8.03 2.39
N LYS B 537 -19.54 -8.16 2.93
CA LYS B 537 -20.35 -7.01 3.31
C LYS B 537 -19.77 -6.29 4.52
N TYR B 538 -19.49 -7.03 5.59
CA TYR B 538 -19.12 -6.42 6.86
C TYR B 538 -17.62 -6.36 7.12
N GLY B 539 -16.82 -7.18 6.43
CA GLY B 539 -15.39 -7.14 6.61
C GLY B 539 -14.83 -8.34 7.35
N SER B 540 -14.70 -8.23 8.67
CA SER B 540 -14.15 -9.31 9.48
C SER B 540 -15.21 -9.86 10.41
N ALA B 541 -15.01 -11.12 10.82
CA ALA B 541 -15.92 -11.75 11.78
C ALA B 541 -16.06 -10.94 13.06
N SER B 542 -14.95 -10.34 13.52
CA SER B 542 -14.99 -9.49 14.70
C SER B 542 -15.95 -8.32 14.50
N ALA B 543 -15.94 -7.72 13.31
CA ALA B 543 -16.85 -6.61 13.03
C ALA B 543 -18.31 -7.05 13.06
N VAL B 544 -18.56 -8.32 12.71
CA VAL B 544 -19.92 -8.85 12.82
C VAL B 544 -20.33 -8.98 14.28
N ARG B 545 -19.39 -9.38 15.14
CA ARG B 545 -19.67 -9.49 16.56
C ARG B 545 -20.01 -8.15 17.18
N ARG B 546 -19.42 -7.07 16.67
CA ARG B 546 -19.64 -5.74 17.20
C ARG B 546 -20.94 -5.10 16.72
N LEU B 547 -21.62 -5.72 15.75
CA LEU B 547 -22.87 -5.17 15.24
C LEU B 547 -23.94 -5.13 16.32
N PRO B 548 -24.84 -4.16 16.28
CA PRO B 548 -25.91 -4.11 17.28
C PRO B 548 -26.85 -5.30 17.17
N VAL B 549 -27.64 -5.51 18.22
CA VAL B 549 -28.52 -6.67 18.29
C VAL B 549 -29.60 -6.59 17.22
N GLU B 550 -30.04 -5.39 16.86
CA GLU B 550 -31.10 -5.25 15.86
C GLU B 550 -30.58 -5.55 14.46
N GLU B 551 -29.42 -4.97 14.10
CA GLU B 551 -28.82 -5.27 12.81
C GLU B 551 -28.41 -6.73 12.69
N LEU B 552 -28.04 -7.35 13.83
CA LEU B 552 -27.72 -8.77 13.81
C LEU B 552 -28.97 -9.62 13.68
N ARG B 553 -30.09 -9.19 14.26
CA ARG B 553 -31.34 -9.92 14.13
C ARG B 553 -31.86 -9.85 12.70
N GLU B 554 -31.82 -8.66 12.09
CA GLU B 554 -32.10 -8.55 10.66
C GLU B 554 -31.05 -9.29 9.85
N LEU B 555 -31.48 -9.98 8.81
CA LEU B 555 -30.62 -10.83 7.99
C LEU B 555 -29.93 -11.90 8.82
N GLY B 556 -30.49 -12.25 9.97
CA GLY B 556 -29.91 -13.23 10.87
C GLY B 556 -30.88 -14.38 11.11
N PHE B 557 -30.33 -15.46 11.67
CA PHE B 557 -31.06 -16.73 11.79
C PHE B 557 -31.70 -16.92 13.16
N SER B 558 -30.99 -16.66 14.25
CA SER B 558 -31.52 -16.95 15.56
C SER B 558 -30.94 -16.00 16.59
N ASP B 559 -31.71 -15.79 17.67
CA ASP B 559 -31.24 -14.98 18.79
C ASP B 559 -30.16 -15.71 19.58
N ASP B 560 -30.27 -17.03 19.70
CA ASP B 560 -29.21 -17.82 20.34
C ASP B 560 -27.91 -17.70 19.56
N GLU B 561 -27.99 -17.59 18.24
CA GLU B 561 -26.79 -17.33 17.45
C GLU B 561 -26.18 -15.99 17.81
N ILE B 562 -27.02 -14.98 18.06
CA ILE B 562 -26.50 -13.67 18.47
C ILE B 562 -25.84 -13.76 19.84
N ALA B 563 -26.41 -14.54 20.76
CA ALA B 563 -25.80 -14.71 22.07
C ALA B 563 -24.48 -15.48 21.98
N GLU B 564 -24.38 -16.43 21.05
CA GLU B 564 -23.14 -17.17 20.87
C GLU B 564 -22.08 -16.33 20.19
N ILE B 565 -22.49 -15.41 19.31
CA ILE B 565 -21.54 -14.55 18.60
C ILE B 565 -20.88 -13.58 19.57
N LYS B 566 -21.67 -12.92 20.41
CA LYS B 566 -21.16 -11.94 21.35
C LYS B 566 -20.57 -12.56 22.61
N GLY B 567 -20.57 -13.89 22.73
CA GLY B 567 -20.02 -14.56 23.89
C GLY B 567 -20.76 -14.25 25.17
N ILE B 568 -22.08 -14.33 25.13
CA ILE B 568 -22.90 -14.05 26.32
C ILE B 568 -22.91 -15.31 27.21
N PRO B 569 -22.60 -15.18 28.49
CA PRO B 569 -22.64 -16.34 29.38
C PRO B 569 -24.04 -16.91 29.52
N LYS B 570 -24.11 -18.15 29.99
CA LYS B 570 -25.40 -18.83 30.13
C LYS B 570 -26.30 -18.11 31.12
N LYS B 571 -25.78 -17.77 32.29
CA LYS B 571 -26.58 -17.09 33.30
C LYS B 571 -27.04 -15.72 32.80
N LEU B 572 -26.14 -14.96 32.19
CA LEU B 572 -26.51 -13.63 31.71
C LEU B 572 -27.45 -13.71 30.51
N ARG B 573 -27.36 -14.78 29.71
CA ARG B 573 -28.25 -14.91 28.56
C ARG B 573 -29.63 -15.41 28.96
N GLU B 574 -29.74 -16.15 30.06
CA GLU B 574 -31.03 -16.64 30.53
C GLU B 574 -31.67 -15.75 31.58
N ALA B 575 -30.94 -14.77 32.12
CA ALA B 575 -31.51 -13.89 33.13
C ALA B 575 -32.16 -12.64 32.55
N PHE B 576 -31.89 -12.32 31.29
CA PHE B 576 -32.44 -11.12 30.67
C PHE B 576 -32.81 -11.42 29.22
N ASP B 577 -33.23 -10.39 28.50
CA ASP B 577 -33.43 -10.47 27.07
C ASP B 577 -32.13 -10.14 26.34
N LEU B 578 -32.13 -10.37 25.03
CA LEU B 578 -30.90 -10.19 24.26
C LEU B 578 -30.41 -8.74 24.31
N GLU B 579 -31.32 -7.77 24.17
CA GLU B 579 -30.92 -6.37 24.17
C GLU B 579 -30.16 -6.01 25.43
N THR B 580 -30.81 -6.18 26.59
CA THR B 580 -30.21 -5.74 27.85
C THR B 580 -29.01 -6.60 28.24
N ALA B 581 -29.08 -7.91 27.96
CA ALA B 581 -27.96 -8.78 28.30
C ALA B 581 -26.72 -8.43 27.48
N ALA B 582 -26.89 -8.26 26.17
CA ALA B 582 -25.76 -7.87 25.33
C ALA B 582 -25.25 -6.48 25.66
N GLU B 583 -26.14 -5.55 26.05
CA GLU B 583 -25.70 -4.22 26.42
C GLU B 583 -24.89 -4.23 27.71
N LEU B 584 -25.36 -5.00 28.71
CA LEU B 584 -24.61 -5.11 29.97
C LEU B 584 -23.26 -5.79 29.75
N TYR B 585 -23.22 -6.83 28.92
CA TYR B 585 -21.97 -7.56 28.70
C TYR B 585 -20.94 -6.68 27.99
N GLU B 586 -21.35 -5.98 26.94
CA GLU B 586 -20.42 -5.13 26.21
C GLU B 586 -20.12 -3.82 26.92
N ARG B 587 -20.80 -3.53 28.02
CA ARG B 587 -20.50 -2.35 28.82
C ARG B 587 -19.70 -2.66 30.09
N TYR B 588 -19.78 -3.89 30.59
CA TYR B 588 -19.06 -4.31 31.79
C TYR B 588 -18.10 -5.47 31.57
N GLY B 589 -18.23 -6.20 30.48
CA GLY B 589 -17.26 -7.26 30.14
C GLY B 589 -17.44 -8.64 30.74
N SER B 590 -17.60 -8.74 32.06
CA SER B 590 -17.66 -10.02 32.72
C SER B 590 -18.91 -10.10 33.60
N LEU B 591 -19.47 -11.31 33.68
CA LEU B 591 -20.62 -11.54 34.54
C LEU B 591 -20.28 -11.24 36.00
N LYS B 592 -19.03 -11.54 36.40
CA LYS B 592 -18.58 -11.18 37.73
C LYS B 592 -18.64 -9.67 37.94
N GLU B 593 -18.26 -8.89 36.93
CA GLU B 593 -18.36 -7.45 37.02
C GLU B 593 -19.82 -7.00 37.12
N ILE B 594 -20.71 -7.69 36.41
CA ILE B 594 -22.14 -7.40 36.53
C ILE B 594 -22.60 -7.59 37.97
N GLY B 595 -22.24 -8.71 38.57
CA GLY B 595 -22.63 -8.97 39.94
C GLY B 595 -21.95 -8.06 40.95
N ARG B 596 -20.77 -7.56 40.62
CA ARG B 596 -19.99 -6.74 41.55
C ARG B 596 -20.35 -5.26 41.52
N ARG B 597 -20.58 -4.69 40.33
CA ARG B 597 -20.82 -3.26 40.20
C ARG B 597 -22.30 -2.89 40.16
N LEU B 598 -23.19 -3.86 40.04
CA LEU B 598 -24.63 -3.62 40.05
C LEU B 598 -25.25 -4.24 41.30
N SER B 599 -26.35 -3.65 41.76
CA SER B 599 -26.99 -4.08 42.98
C SER B 599 -27.99 -5.20 42.71
N TYR B 600 -28.27 -5.99 43.75
CA TYR B 600 -29.21 -7.11 43.62
C TYR B 600 -30.58 -6.64 43.18
N ASP B 601 -31.04 -5.49 43.69
CA ASP B 601 -32.31 -4.95 43.23
C ASP B 601 -32.23 -4.51 41.77
N ASP B 602 -31.12 -3.90 41.37
CA ASP B 602 -30.97 -3.45 39.99
C ASP B 602 -31.02 -4.63 39.03
N LEU B 603 -30.53 -5.81 39.44
CA LEU B 603 -30.60 -6.98 38.59
C LEU B 603 -32.03 -7.46 38.41
N LEU B 604 -32.81 -7.46 39.50
CA LEU B 604 -34.20 -7.89 39.42
C LEU B 604 -35.03 -6.93 38.58
N GLU B 605 -34.75 -5.62 38.68
CA GLU B 605 -35.53 -4.63 37.96
C GLU B 605 -35.44 -4.81 36.45
N LEU B 606 -34.34 -5.38 35.96
CA LEU B 606 -34.14 -5.57 34.53
C LEU B 606 -34.75 -6.87 34.02
N GLY B 607 -35.30 -7.71 34.90
CA GLY B 607 -36.01 -8.89 34.48
C GLY B 607 -35.37 -10.19 34.89
N ALA B 608 -34.71 -10.21 36.04
CA ALA B 608 -33.98 -11.38 36.51
C ALA B 608 -34.76 -12.11 37.59
N THR B 609 -34.84 -13.43 37.45
CA THR B 609 -35.39 -14.27 38.51
C THR B 609 -34.55 -14.11 39.78
N PRO B 610 -35.17 -14.09 40.96
CA PRO B 610 -34.37 -14.02 42.20
C PRO B 610 -33.23 -15.02 42.25
N LYS B 611 -33.47 -16.28 41.85
CA LYS B 611 -32.38 -17.23 41.79
C LYS B 611 -31.39 -16.88 40.68
N ALA B 612 -31.91 -16.48 39.52
CA ALA B 612 -31.04 -16.04 38.43
C ALA B 612 -30.25 -14.79 38.83
N ALA B 613 -30.93 -13.84 39.49
CA ALA B 613 -30.23 -12.64 39.92
C ALA B 613 -29.18 -12.94 40.98
N ALA B 614 -29.42 -13.93 41.84
CA ALA B 614 -28.42 -14.32 42.83
C ALA B 614 -27.24 -15.02 42.17
N GLU B 615 -27.49 -15.80 41.13
CA GLU B 615 -26.38 -16.45 40.43
C GLU B 615 -25.59 -15.47 39.58
N ILE B 616 -26.23 -14.42 39.07
CA ILE B 616 -25.50 -13.37 38.38
C ILE B 616 -24.56 -12.66 39.34
N LYS B 617 -24.99 -12.50 40.59
CA LYS B 617 -24.07 -12.08 41.63
C LYS B 617 -22.97 -13.12 41.81
N GLY B 618 -21.81 -12.68 42.27
CA GLY B 618 -20.66 -13.53 42.43
C GLY B 618 -20.94 -14.71 43.34
N PRO B 619 -20.12 -15.76 43.23
CA PRO B 619 -20.28 -16.92 44.12
C PRO B 619 -20.17 -16.58 45.60
N GLU B 620 -19.57 -15.44 45.94
CA GLU B 620 -19.56 -15.00 47.33
C GLU B 620 -20.97 -14.71 47.81
N PHE B 621 -21.81 -14.16 46.93
CA PHE B 621 -23.20 -13.90 47.30
C PHE B 621 -23.94 -15.20 47.57
N LYS B 622 -23.82 -16.17 46.66
CA LYS B 622 -24.48 -17.46 46.86
C LYS B 622 -23.94 -18.17 48.10
N PHE B 623 -22.67 -17.95 48.44
CA PHE B 623 -22.11 -18.53 49.65
C PHE B 623 -22.68 -17.88 50.91
N LEU B 624 -22.74 -16.55 50.93
CA LEU B 624 -23.24 -15.84 52.10
C LEU B 624 -24.70 -16.14 52.38
N LEU B 625 -25.54 -16.15 51.34
CA LEU B 625 -26.96 -16.42 51.57
C LEU B 625 -27.20 -17.83 52.06
N ASN B 626 -26.32 -18.77 51.72
CA ASN B 626 -26.51 -20.17 52.08
C ASN B 626 -26.31 -20.44 53.57
N ILE B 627 -25.74 -19.50 54.31
CA ILE B 627 -25.55 -19.70 55.76
C ILE B 627 -26.77 -19.06 56.43
N GLU B 628 -27.88 -19.80 56.40
CA GLU B 628 -29.14 -19.39 57.03
C GLU B 628 -29.60 -18.01 56.59
N GLY B 629 -29.49 -17.72 55.31
CA GLY B 629 -29.98 -16.47 54.72
C GLY B 629 -29.65 -15.19 55.45
N VAL B 630 -28.40 -14.73 55.35
CA VAL B 630 -27.99 -13.51 56.03
C VAL B 630 -28.85 -12.32 55.61
N GLY B 631 -29.45 -12.38 54.42
CA GLY B 631 -30.24 -11.30 53.91
C GLY B 631 -29.66 -10.74 52.63
N PRO B 632 -30.37 -10.93 51.51
CA PRO B 632 -29.86 -10.45 50.22
C PRO B 632 -29.46 -8.98 50.19
N LYS B 633 -30.19 -8.10 50.90
CA LYS B 633 -29.76 -6.71 51.00
C LYS B 633 -28.50 -6.57 51.85
N LEU B 634 -28.45 -7.28 52.98
CA LEU B 634 -27.29 -7.13 53.86
C LEU B 634 -26.06 -7.86 53.32
N ALA B 635 -26.25 -9.06 52.77
CA ALA B 635 -25.14 -9.81 52.20
C ALA B 635 -24.36 -9.00 51.17
N GLU B 636 -25.06 -8.17 50.40
CA GLU B 636 -24.36 -7.26 49.48
C GLU B 636 -23.44 -6.32 50.26
N ARG B 637 -23.98 -5.66 51.30
CA ARG B 637 -23.17 -4.72 52.06
C ARG B 637 -22.02 -5.44 52.76
N ILE B 638 -22.19 -6.72 53.09
CA ILE B 638 -21.07 -7.51 53.60
C ILE B 638 -20.00 -7.64 52.53
N LEU B 639 -20.42 -7.94 51.29
CA LEU B 639 -19.47 -8.02 50.18
C LEU B 639 -18.99 -6.65 49.75
N GLU B 640 -19.79 -5.60 49.96
CA GLU B 640 -19.35 -4.26 49.63
C GLU B 640 -18.22 -3.78 50.55
N ALA B 641 -18.16 -4.33 51.76
CA ALA B 641 -17.13 -3.93 52.71
C ALA B 641 -15.78 -4.55 52.37
N VAL B 642 -15.75 -5.87 52.17
CA VAL B 642 -14.51 -6.59 51.88
C VAL B 642 -14.27 -6.60 50.38
N ASP B 643 -15.06 -5.83 49.63
CA ASP B 643 -14.94 -5.71 48.18
C ASP B 643 -14.95 -7.07 47.49
N TYR B 644 -15.95 -7.88 47.85
CA TYR B 644 -16.20 -9.17 47.19
C TYR B 644 -14.97 -10.09 47.27
N ASP B 645 -14.40 -10.20 48.46
CA ASP B 645 -13.23 -11.05 48.69
C ASP B 645 -13.49 -11.93 49.90
N LEU B 646 -13.48 -13.25 49.67
CA LEU B 646 -13.70 -14.17 50.78
C LEU B 646 -12.52 -14.21 51.73
N GLU B 647 -11.32 -13.88 51.25
CA GLU B 647 -10.14 -13.91 52.11
C GLU B 647 -10.18 -12.79 53.14
N ARG B 648 -10.54 -11.58 52.71
CA ARG B 648 -10.60 -10.45 53.64
C ARG B 648 -11.75 -10.57 54.63
N LEU B 649 -12.71 -11.46 54.36
CA LEU B 649 -13.77 -11.71 55.34
C LEU B 649 -13.25 -12.49 56.53
N ALA B 650 -12.31 -13.40 56.31
CA ALA B 650 -11.68 -14.17 57.36
C ALA B 650 -10.49 -13.44 57.99
N SER B 651 -10.10 -12.29 57.44
CA SER B 651 -8.91 -11.59 57.91
C SER B 651 -9.17 -10.92 59.26
N LEU B 652 -10.20 -10.09 59.33
CA LEU B 652 -10.42 -9.23 60.48
C LEU B 652 -11.25 -9.95 61.55
N ASN B 653 -11.16 -9.41 62.77
CA ASN B 653 -11.84 -10.01 63.90
C ASN B 653 -13.35 -9.94 63.70
N PRO B 654 -14.09 -11.01 64.03
CA PRO B 654 -15.56 -10.93 63.99
C PRO B 654 -16.13 -9.71 64.67
N GLU B 655 -15.44 -9.15 65.66
CA GLU B 655 -15.90 -7.92 66.29
C GLU B 655 -15.78 -6.74 65.34
N GLU B 656 -14.72 -6.71 64.52
CA GLU B 656 -14.55 -5.65 63.53
C GLU B 656 -15.52 -5.78 62.36
N LEU B 657 -16.02 -6.99 62.10
CA LEU B 657 -17.01 -7.15 61.03
C LEU B 657 -18.35 -6.55 61.41
N ALA B 658 -18.81 -6.78 62.64
CA ALA B 658 -20.03 -6.13 63.11
C ALA B 658 -19.86 -4.62 63.23
N GLU B 659 -18.62 -4.13 63.24
CA GLU B 659 -18.35 -2.70 63.34
C GLU B 659 -18.55 -2.00 62.00
N LYS B 660 -17.95 -2.52 60.93
CA LYS B 660 -17.92 -1.79 59.67
C LYS B 660 -19.29 -1.76 58.99
N VAL B 661 -19.99 -2.89 58.95
CA VAL B 661 -21.27 -2.96 58.27
C VAL B 661 -22.39 -2.73 59.28
N GLU B 662 -23.43 -2.01 58.86
CA GLU B 662 -24.56 -1.71 59.73
C GLU B 662 -25.44 -2.94 59.91
N GLY B 663 -26.30 -2.86 60.93
CA GLY B 663 -27.15 -3.94 61.40
C GLY B 663 -26.59 -5.33 61.17
N LEU B 664 -25.83 -5.82 62.15
CA LEU B 664 -25.27 -7.15 62.12
C LEU B 664 -25.31 -7.72 63.53
N GLY B 665 -25.75 -8.97 63.65
CA GLY B 665 -25.75 -9.64 64.94
C GLY B 665 -24.43 -10.36 65.17
N GLU B 666 -23.94 -10.27 66.41
CA GLU B 666 -22.61 -10.82 66.70
C GLU B 666 -22.59 -12.32 66.51
N GLU B 667 -23.68 -13.00 66.88
CA GLU B 667 -23.78 -14.42 66.58
C GLU B 667 -23.74 -14.66 65.07
N LEU B 668 -24.44 -13.81 64.30
CA LEU B 668 -24.34 -13.88 62.85
C LEU B 668 -22.95 -13.44 62.38
N ALA B 669 -22.37 -12.44 63.06
CA ALA B 669 -21.04 -11.96 62.70
C ALA B 669 -19.98 -13.03 62.91
N GLU B 670 -20.15 -13.85 63.94
CA GLU B 670 -19.19 -14.91 64.19
C GLU B 670 -19.35 -16.08 63.21
N ARG B 671 -20.58 -16.35 62.77
CA ARG B 671 -20.80 -17.44 61.82
C ARG B 671 -20.20 -17.15 60.46
N VAL B 672 -20.23 -15.87 60.02
CA VAL B 672 -19.70 -15.54 58.71
C VAL B 672 -18.17 -15.58 58.71
N VAL B 673 -17.53 -15.19 59.81
CA VAL B 673 -16.08 -15.27 59.89
C VAL B 673 -15.63 -16.72 60.02
N TYR B 674 -16.35 -17.51 60.80
CA TYR B 674 -16.03 -18.93 60.91
C TYR B 674 -16.23 -19.66 59.58
N ALA B 675 -17.24 -19.26 58.81
CA ALA B 675 -17.44 -19.86 57.50
C ALA B 675 -16.42 -19.35 56.49
N ALA B 676 -15.89 -18.14 56.69
CA ALA B 676 -14.86 -17.61 55.80
C ALA B 676 -13.53 -18.31 56.01
N ARG B 677 -13.13 -18.53 57.27
CA ARG B 677 -11.91 -19.27 57.54
C ARG B 677 -12.02 -20.72 57.11
N GLU B 678 -13.22 -21.29 57.09
CA GLU B 678 -13.41 -22.65 56.61
C GLU B 678 -13.19 -22.76 55.11
N ARG B 679 -13.51 -21.70 54.36
CA ARG B 679 -13.39 -21.74 52.91
C ARG B 679 -11.94 -21.64 52.44
N VAL B 680 -11.13 -20.81 53.12
CA VAL B 680 -9.75 -20.63 52.70
C VAL B 680 -8.94 -21.91 52.89
N GLU B 681 -9.35 -22.78 53.80
CA GLU B 681 -8.68 -24.07 53.98
C GLU B 681 -8.94 -25.02 52.82
N SER B 682 -10.11 -24.91 52.17
CA SER B 682 -10.43 -25.79 51.06
C SER B 682 -9.66 -25.42 49.79
N ARG B 683 -9.35 -24.13 49.62
CA ARG B 683 -8.69 -23.68 48.39
C ARG B 683 -7.23 -24.12 48.32
N ARG B 684 -6.57 -24.29 49.46
CA ARG B 684 -5.16 -24.70 49.43
C ARG B 684 -4.96 -26.12 48.92
N LYS B 685 -6.03 -26.92 48.83
CA LYS B 685 -5.92 -28.28 48.33
C LYS B 685 -5.48 -28.30 46.87
N SER B 686 -5.95 -27.35 46.07
CA SER B 686 -5.62 -27.30 44.65
C SER B 686 -4.41 -26.43 44.34
N GLY B 687 -3.89 -25.71 45.32
CA GLY B 687 -2.76 -24.82 45.10
C GLY B 687 -1.55 -25.23 45.92
N ARG B 688 -1.53 -26.47 46.40
CA ARG B 688 -0.42 -26.98 47.20
C ARG B 688 0.73 -27.50 46.34
N GLN B 689 0.63 -27.40 45.02
CA GLN B 689 1.66 -27.93 44.14
C GLN B 689 2.56 -26.80 43.65
N GLU B 690 3.86 -26.92 43.92
CA GLU B 690 4.88 -26.18 43.21
C GLU B 690 5.78 -27.20 42.52
N ARG B 691 6.13 -26.94 41.27
CA ARG B 691 6.68 -27.98 40.42
C ARG B 691 7.96 -28.57 41.01
N SER B 692 8.08 -29.89 40.93
CA SER B 692 9.25 -30.62 41.39
C SER B 692 10.35 -30.55 40.33
N GLU B 693 11.45 -31.26 40.55
CA GLU B 693 12.56 -31.24 39.61
C GLU B 693 12.15 -31.84 38.27
N GLU B 694 11.53 -33.01 38.29
CA GLU B 694 11.11 -33.64 37.04
C GLU B 694 10.02 -32.82 36.36
N GLU B 695 9.14 -32.20 37.14
CA GLU B 695 8.07 -31.38 36.55
C GLU B 695 8.66 -30.13 35.90
N TRP B 696 9.63 -29.49 36.54
CA TRP B 696 10.31 -28.35 35.91
C TRP B 696 11.08 -28.78 34.67
N LYS B 697 11.70 -29.96 34.71
CA LYS B 697 12.40 -30.47 33.54
C LYS B 697 11.46 -30.67 32.37
N GLU B 698 10.29 -31.25 32.62
CA GLU B 698 9.32 -31.47 31.55
C GLU B 698 8.76 -30.14 31.05
N TRP B 699 8.51 -29.19 31.95
CA TRP B 699 8.02 -27.88 31.53
C TRP B 699 9.05 -27.17 30.66
N LEU B 700 10.33 -27.32 30.98
CA LEU B 700 11.38 -26.73 30.16
C LEU B 700 11.46 -27.41 28.80
N GLU B 701 11.45 -28.75 28.78
CA GLU B 701 11.45 -29.45 27.50
C GLU B 701 10.24 -29.08 26.65
N ARG B 702 9.14 -28.68 27.28
CA ARG B 702 7.99 -28.18 26.52
C ARG B 702 8.24 -26.77 26.00
N LYS B 703 8.76 -25.88 26.85
CA LYS B 703 8.78 -24.46 26.49
C LYS B 703 9.96 -24.09 25.59
N VAL B 704 11.09 -24.79 25.68
CA VAL B 704 12.25 -24.39 24.87
C VAL B 704 12.85 -25.57 24.12
N GLY B 705 12.21 -26.74 24.20
CA GLY B 705 12.70 -27.90 23.51
C GLY B 705 13.77 -28.65 24.30
N GLU B 706 13.97 -29.91 23.92
CA GLU B 706 14.83 -30.82 24.67
C GLU B 706 16.24 -30.26 24.83
N GLY B 707 16.86 -29.86 23.72
CA GLY B 707 18.23 -29.40 23.74
C GLY B 707 18.49 -28.22 24.64
N ARG B 708 17.76 -27.12 24.41
CA ARG B 708 17.95 -25.93 25.23
C ARG B 708 17.55 -26.18 26.68
N ALA B 709 16.56 -27.03 26.90
CA ALA B 709 16.15 -27.35 28.27
C ALA B 709 17.30 -28.01 29.04
N ARG B 710 17.89 -29.06 28.47
CA ARG B 710 18.97 -29.70 29.23
C ARG B 710 20.25 -28.86 29.23
N ARG B 711 20.45 -27.99 28.23
CA ARG B 711 21.57 -27.06 28.32
C ARG B 711 21.39 -26.09 29.48
N LEU B 712 20.19 -25.55 29.65
CA LEU B 712 19.92 -24.69 30.80
C LEU B 712 20.07 -25.46 32.10
N ILE B 713 19.63 -26.73 32.12
CA ILE B 713 19.76 -27.53 33.32
C ILE B 713 21.23 -27.71 33.69
N GLU B 714 22.10 -27.86 32.69
CA GLU B 714 23.52 -28.04 32.98
C GLU B 714 24.19 -26.71 33.35
N TYR B 715 23.77 -25.61 32.73
CA TYR B 715 24.41 -24.32 32.98
C TYR B 715 24.18 -23.87 34.41
N PHE B 716 22.93 -23.87 34.85
CA PHE B 716 22.59 -23.56 36.23
C PHE B 716 22.57 -24.86 37.04
N GLY B 717 22.17 -24.75 38.31
CA GLY B 717 22.15 -25.90 39.18
C GLY B 717 21.30 -27.05 38.68
N SER B 718 19.99 -26.84 38.63
CA SER B 718 19.06 -27.86 38.16
C SER B 718 17.84 -27.15 37.58
N ALA B 719 16.83 -27.94 37.20
CA ALA B 719 15.60 -27.37 36.68
C ALA B 719 14.94 -26.45 37.70
N GLY B 720 15.11 -26.73 38.99
CA GLY B 720 14.55 -25.86 40.01
C GLY B 720 15.13 -24.45 39.95
N GLU B 721 16.45 -24.34 39.79
CA GLU B 721 17.08 -23.03 39.68
C GLU B 721 16.59 -22.30 38.44
N VAL B 722 16.39 -23.03 37.34
CA VAL B 722 15.88 -22.42 36.11
C VAL B 722 14.48 -21.87 36.34
N GLY B 723 13.62 -22.66 36.99
CA GLY B 723 12.29 -22.18 37.31
C GLY B 723 12.31 -20.98 38.23
N LYS B 724 13.25 -20.96 39.17
CA LYS B 724 13.40 -19.81 40.05
C LYS B 724 13.78 -18.57 39.26
N LEU B 725 14.66 -18.73 38.26
CA LEU B 725 15.01 -17.60 37.41
C LEU B 725 13.82 -17.15 36.57
N VAL B 726 13.00 -18.09 36.12
CA VAL B 726 11.84 -17.75 35.29
C VAL B 726 10.82 -16.96 36.10
N GLU B 727 10.45 -17.49 37.28
CA GLU B 727 9.40 -16.85 38.07
C GLU B 727 9.80 -15.45 38.51
N ASN B 728 11.09 -15.18 38.64
CA ASN B 728 11.58 -13.85 38.97
C ASN B 728 11.85 -12.98 37.75
N ALA B 729 11.55 -13.49 36.55
CA ALA B 729 11.74 -12.74 35.31
C ALA B 729 13.20 -12.29 35.16
N GLU B 730 14.12 -13.24 35.33
CA GLU B 730 15.54 -12.97 35.17
C GLU B 730 15.91 -13.12 33.70
N VAL B 731 15.56 -12.09 32.93
CA VAL B 731 15.78 -12.13 31.48
C VAL B 731 17.26 -12.11 31.16
N SER B 732 18.01 -11.21 31.80
CA SER B 732 19.44 -11.08 31.52
C SER B 732 20.18 -12.35 31.91
N LYS B 733 19.84 -12.93 33.06
CA LYS B 733 20.52 -14.13 33.52
C LYS B 733 20.24 -15.33 32.62
N LEU B 734 19.09 -15.36 31.97
CA LEU B 734 18.79 -16.41 31.00
C LEU B 734 19.50 -16.16 29.67
N LEU B 735 19.56 -14.90 29.23
CA LEU B 735 20.18 -14.60 27.95
C LEU B 735 21.69 -14.85 27.94
N GLU B 736 22.33 -14.92 29.11
CA GLU B 736 23.75 -15.21 29.16
C GLU B 736 24.09 -16.53 28.47
N VAL B 737 23.28 -17.55 28.71
CA VAL B 737 23.56 -18.90 28.22
C VAL B 737 23.70 -18.89 26.70
N PRO B 738 24.83 -19.35 26.17
CA PRO B 738 24.96 -19.48 24.71
C PRO B 738 23.98 -20.52 24.18
N GLY B 739 23.21 -20.14 23.17
CA GLY B 739 22.16 -20.97 22.64
C GLY B 739 20.77 -20.58 23.08
N ILE B 740 20.64 -19.56 23.93
CA ILE B 740 19.35 -19.08 24.41
C ILE B 740 19.20 -17.64 23.93
N GLY B 741 18.19 -17.39 23.12
CA GLY B 741 17.96 -16.06 22.59
C GLY B 741 16.62 -15.49 23.00
N ASP B 742 16.17 -14.46 22.29
CA ASP B 742 14.91 -13.82 22.66
C ASP B 742 13.71 -14.74 22.45
N GLU B 743 13.68 -15.45 21.32
CA GLU B 743 12.53 -16.30 21.02
C GLU B 743 12.41 -17.49 21.96
N ALA B 744 13.46 -17.80 22.72
CA ALA B 744 13.38 -18.82 23.76
C ALA B 744 13.01 -18.22 25.11
N VAL B 745 13.58 -17.07 25.45
CA VAL B 745 13.22 -16.38 26.68
C VAL B 745 11.77 -15.93 26.63
N ALA B 746 11.35 -15.33 25.51
CA ALA B 746 9.97 -14.87 25.39
C ALA B 746 8.98 -16.02 25.52
N ARG B 747 9.39 -17.24 25.18
CA ARG B 747 8.54 -18.41 25.39
C ARG B 747 8.62 -18.93 26.83
N LEU B 748 9.64 -18.51 27.59
CA LEU B 748 9.74 -18.84 28.99
C LEU B 748 9.09 -17.77 29.87
N VAL B 749 9.40 -16.50 29.61
CA VAL B 749 8.89 -15.38 30.39
C VAL B 749 7.70 -14.79 29.64
N PRO B 750 6.46 -15.00 30.12
CA PRO B 750 5.31 -14.43 29.43
C PRO B 750 5.38 -12.91 29.41
N GLY B 751 5.08 -12.33 28.25
CA GLY B 751 5.09 -10.90 28.07
C GLY B 751 6.41 -10.31 27.61
N TYR B 752 7.48 -11.12 27.53
CA TYR B 752 8.76 -10.61 27.08
C TYR B 752 8.71 -10.20 25.61
N LYS B 753 8.09 -11.04 24.78
CA LYS B 753 8.01 -10.74 23.34
C LYS B 753 7.31 -9.41 23.10
N THR B 754 6.19 -9.18 23.80
CA THR B 754 5.45 -7.94 23.61
C THR B 754 6.29 -6.73 23.98
N LEU B 755 7.03 -6.81 25.09
CA LEU B 755 7.87 -5.68 25.51
C LEU B 755 9.02 -5.45 24.54
N ARG B 756 9.57 -6.53 23.96
CA ARG B 756 10.62 -6.37 22.96
C ARG B 756 10.08 -5.72 21.70
N ASP B 757 8.88 -6.12 21.27
CA ASP B 757 8.28 -5.54 20.08
C ASP B 757 8.02 -4.06 20.24
N ALA B 758 7.82 -3.59 21.47
CA ALA B 758 7.64 -2.16 21.72
C ALA B 758 8.94 -1.38 21.59
N GLY B 759 10.07 -2.05 21.35
CA GLY B 759 11.34 -1.38 21.23
C GLY B 759 12.16 -1.31 22.50
N LEU B 760 11.91 -2.18 23.46
CA LEU B 760 12.59 -2.14 24.75
C LEU B 760 13.76 -3.11 24.76
N THR B 761 14.87 -2.67 25.35
CA THR B 761 16.00 -3.55 25.57
C THR B 761 15.62 -4.66 26.57
N PRO B 762 16.24 -5.83 26.47
CA PRO B 762 15.99 -6.88 27.47
C PRO B 762 16.14 -6.41 28.91
N ALA B 763 17.07 -5.49 29.20
CA ALA B 763 17.20 -4.97 30.55
C ALA B 763 15.98 -4.14 30.95
N GLU B 764 15.50 -3.28 30.05
CA GLU B 764 14.33 -2.48 30.35
C GLU B 764 13.10 -3.36 30.51
N ALA B 765 12.94 -4.37 29.65
CA ALA B 765 11.84 -5.30 29.79
C ALA B 765 11.91 -6.06 31.11
N GLU B 766 13.14 -6.40 31.54
CA GLU B 766 13.30 -7.09 32.81
C GLU B 766 12.90 -6.18 33.97
N ARG B 767 13.33 -4.91 33.93
CA ARG B 767 12.93 -3.97 34.99
C ARG B 767 11.43 -3.82 35.06
N VAL B 768 10.77 -3.68 33.90
CA VAL B 768 9.32 -3.49 33.87
C VAL B 768 8.61 -4.74 34.39
N LEU B 769 9.05 -5.92 33.96
CA LEU B 769 8.42 -7.16 34.41
C LEU B 769 8.61 -7.37 35.91
N LYS B 770 9.77 -6.99 36.44
CA LYS B 770 9.99 -7.13 37.87
C LYS B 770 9.13 -6.13 38.65
N ARG B 771 8.99 -4.91 38.14
CA ARG B 771 8.24 -3.89 38.88
C ARG B 771 6.74 -4.16 38.86
N TYR B 772 6.19 -4.58 37.72
CA TYR B 772 4.75 -4.69 37.58
C TYR B 772 4.23 -6.11 37.47
N GLY B 773 5.09 -7.10 37.29
CA GLY B 773 4.68 -8.51 37.27
C GLY B 773 4.23 -9.07 35.94
N SER B 774 3.41 -8.32 35.20
CA SER B 774 2.94 -8.77 33.89
C SER B 774 2.63 -7.56 33.04
N VAL B 775 2.57 -7.80 31.72
CA VAL B 775 2.43 -6.69 30.78
C VAL B 775 1.03 -6.08 30.84
N SER B 776 0.01 -6.91 31.06
CA SER B 776 -1.34 -6.38 31.20
C SER B 776 -1.43 -5.40 32.38
N LYS B 777 -0.78 -5.75 33.50
CA LYS B 777 -0.74 -4.85 34.64
C LYS B 777 0.06 -3.60 34.33
N VAL B 778 1.03 -3.69 33.41
CA VAL B 778 1.72 -2.49 32.95
C VAL B 778 0.75 -1.59 32.19
N GLN B 779 -0.04 -2.18 31.30
CA GLN B 779 -0.94 -1.39 30.47
C GLN B 779 -2.03 -0.72 31.31
N GLU B 780 -2.54 -1.42 32.33
CA GLU B 780 -3.61 -0.82 33.13
C GLU B 780 -3.05 0.11 34.21
N GLY B 781 -2.07 -0.35 34.98
CA GLY B 781 -1.61 0.38 36.15
C GLY B 781 -0.53 1.42 35.93
N ALA B 782 0.48 1.08 35.11
CA ALA B 782 1.66 1.93 35.00
C ALA B 782 1.29 3.31 34.43
N THR B 783 2.04 4.32 34.86
CA THR B 783 1.88 5.71 34.45
C THR B 783 3.11 6.16 33.67
N PRO B 784 2.97 7.23 32.86
CA PRO B 784 4.14 7.68 32.08
C PRO B 784 5.31 8.11 32.95
N ASP B 785 5.06 8.79 34.07
CA ASP B 785 6.16 9.19 34.94
C ASP B 785 6.76 7.98 35.65
N GLU B 786 5.94 7.00 36.02
CA GLU B 786 6.47 5.78 36.62
C GLU B 786 7.43 5.07 35.68
N LEU B 787 7.05 4.97 34.39
CA LEU B 787 7.94 4.34 33.42
C LEU B 787 9.15 5.21 33.11
N ARG B 788 8.99 6.53 33.13
CA ARG B 788 10.13 7.41 32.93
C ARG B 788 11.13 7.32 34.08
N GLU B 789 10.66 6.93 35.28
CA GLU B 789 11.59 6.67 36.37
C GLU B 789 12.41 5.41 36.13
N LEU B 790 11.86 4.46 35.36
CA LEU B 790 12.57 3.24 35.01
C LEU B 790 13.52 3.41 33.83
N GLY B 791 13.63 4.61 33.27
CA GLY B 791 14.55 4.88 32.19
C GLY B 791 13.98 4.78 30.79
N LEU B 792 12.69 4.52 30.66
CA LEU B 792 12.08 4.38 29.34
C LEU B 792 11.88 5.75 28.69
N GLY B 793 11.99 5.77 27.36
CA GLY B 793 11.69 6.98 26.62
C GLY B 793 10.20 7.16 26.39
N ASP B 794 9.82 8.38 26.00
CA ASP B 794 8.42 8.70 25.82
C ASP B 794 7.81 7.88 24.69
N ALA B 795 8.56 7.64 23.62
CA ALA B 795 8.06 6.82 22.51
C ALA B 795 7.82 5.38 22.95
N LYS B 796 8.75 4.82 23.73
CA LYS B 796 8.56 3.47 24.24
C LYS B 796 7.33 3.39 25.14
N ILE B 797 7.11 4.42 25.97
CA ILE B 797 5.95 4.45 26.84
C ILE B 797 4.67 4.48 26.01
N ALA B 798 4.63 5.34 24.99
CA ALA B 798 3.46 5.43 24.13
C ALA B 798 3.20 4.10 23.43
N ARG B 799 4.24 3.41 22.98
CA ARG B 799 4.04 2.13 22.31
C ARG B 799 3.54 1.07 23.28
N ILE B 800 4.11 1.01 24.49
CA ILE B 800 3.76 -0.08 25.39
C ILE B 800 2.38 0.12 26.02
N LEU B 801 1.98 1.38 26.26
CA LEU B 801 0.68 1.63 26.88
C LEU B 801 -0.48 1.52 25.90
N GLY B 802 -0.21 1.58 24.60
CA GLY B 802 -1.27 1.58 23.61
C GLY B 802 -1.69 2.95 23.12
N LEU B 803 -0.98 4.01 23.53
CA LEU B 803 -1.29 5.39 23.19
C LEU B 803 -0.75 5.80 21.83
N ARG B 804 -0.45 4.85 20.94
CA ARG B 804 0.17 5.18 19.67
C ARG B 804 -0.75 6.05 18.81
N SER B 805 -2.04 5.72 18.78
CA SER B 805 -2.99 6.47 17.95
C SER B 805 -3.08 7.93 18.36
N LEU B 806 -3.15 8.19 19.67
CA LEU B 806 -3.27 9.57 20.15
C LEU B 806 -1.98 10.35 19.89
N VAL B 807 -0.82 9.76 20.21
CA VAL B 807 0.45 10.45 20.03
C VAL B 807 0.74 10.68 18.55
N ASN B 808 0.28 9.77 17.67
CA ASN B 808 0.48 9.93 16.24
C ASN B 808 -0.21 11.19 15.72
N ALA B 809 -1.27 11.63 16.40
CA ALA B 809 -1.98 12.86 16.06
C ALA B 809 -1.39 14.10 16.74
N ARG B 810 -0.07 14.14 16.89
CA ARG B 810 0.64 15.31 17.41
C ARG B 810 0.19 15.66 18.83
N LEU B 811 0.21 14.67 19.71
CA LEU B 811 -0.06 14.86 21.13
C LEU B 811 1.06 14.22 21.95
N ASP B 812 1.50 14.93 22.99
CA ASP B 812 2.52 14.38 23.86
C ASP B 812 1.95 13.23 24.71
N VAL B 813 2.85 12.37 25.19
CA VAL B 813 2.43 11.17 25.90
C VAL B 813 1.70 11.52 27.20
N ASP B 814 2.03 12.66 27.81
CA ASP B 814 1.40 13.03 29.06
C ASP B 814 -0.09 13.35 28.86
N THR B 815 -0.40 14.16 27.85
CA THR B 815 -1.80 14.48 27.59
C THR B 815 -2.58 13.28 27.08
N ALA B 816 -1.94 12.39 26.33
CA ALA B 816 -2.63 11.16 25.90
C ALA B 816 -2.93 10.26 27.09
N TYR B 817 -1.99 10.14 28.03
CA TYR B 817 -2.28 9.36 29.21
C TYR B 817 -3.33 10.04 30.08
N GLU B 818 -3.38 11.37 30.07
CA GLU B 818 -4.45 12.06 30.78
C GLU B 818 -5.80 11.78 30.14
N LEU B 819 -5.84 11.69 28.80
CA LEU B 819 -7.08 11.34 28.12
C LEU B 819 -7.44 9.88 28.34
N ALA B 820 -6.48 9.04 28.71
CA ALA B 820 -6.80 7.69 29.15
C ALA B 820 -7.24 7.64 30.62
N ARG B 821 -6.67 8.52 31.46
CA ARG B 821 -6.92 8.52 32.90
C ARG B 821 -8.26 9.16 33.25
N ARG B 822 -8.51 10.37 32.75
CA ARG B 822 -9.74 11.07 33.08
C ARG B 822 -10.92 10.49 32.31
N TYR B 823 -10.66 9.96 31.12
CA TYR B 823 -11.70 9.46 30.23
C TYR B 823 -11.67 7.92 30.28
N GLY B 824 -11.70 7.22 29.16
CA GLY B 824 -11.66 5.76 29.18
C GLY B 824 -10.72 5.14 28.17
N SER B 825 -11.22 4.94 26.95
CA SER B 825 -10.45 4.30 25.89
C SER B 825 -10.20 5.30 24.76
N VAL B 826 -9.26 4.93 23.89
CA VAL B 826 -8.90 5.79 22.76
C VAL B 826 -10.10 6.02 21.85
N SER B 827 -10.86 4.96 21.57
CA SER B 827 -12.03 5.10 20.71
C SER B 827 -13.03 6.09 21.30
N ALA B 828 -13.17 6.11 22.63
CA ALA B 828 -14.10 7.02 23.27
C ALA B 828 -13.63 8.47 23.21
N VAL B 829 -12.31 8.69 23.14
CA VAL B 829 -11.79 10.05 23.01
C VAL B 829 -12.11 10.62 21.64
N ARG B 830 -12.15 9.77 20.61
CA ARG B 830 -12.43 10.22 19.25
C ARG B 830 -13.87 10.68 19.06
N ALA B 831 -14.76 10.38 20.01
CA ALA B 831 -16.16 10.75 19.92
C ALA B 831 -16.58 11.77 20.96
N ALA B 832 -15.66 12.22 21.81
CA ALA B 832 -16.02 13.17 22.86
C ALA B 832 -16.44 14.51 22.26
N PRO B 833 -17.26 15.27 22.98
CA PRO B 833 -17.70 16.57 22.45
C PRO B 833 -16.55 17.55 22.34
N VAL B 834 -16.61 18.39 21.31
CA VAL B 834 -15.53 19.34 21.04
C VAL B 834 -15.41 20.35 22.17
N ALA B 835 -16.54 20.80 22.70
CA ALA B 835 -16.50 21.82 23.75
C ALA B 835 -15.87 21.30 25.04
N GLU B 836 -16.05 20.02 25.34
CA GLU B 836 -15.41 19.45 26.52
C GLU B 836 -13.89 19.42 26.36
N LEU B 837 -13.42 19.09 25.15
CA LEU B 837 -11.98 19.13 24.88
C LEU B 837 -11.45 20.56 24.95
N ARG B 838 -12.23 21.53 24.47
CA ARG B 838 -11.83 22.93 24.59
C ARG B 838 -11.77 23.34 26.06
N GLU B 839 -12.67 22.80 26.88
CA GLU B 839 -12.63 23.05 28.32
C GLU B 839 -11.37 22.45 28.95
N LEU B 840 -10.99 21.24 28.51
CA LEU B 840 -9.82 20.59 29.10
C LEU B 840 -8.53 21.35 28.84
N GLY B 841 -8.47 22.10 27.75
CA GLY B 841 -7.30 22.92 27.48
C GLY B 841 -6.61 22.62 26.16
N LEU B 842 -7.31 21.94 25.26
CA LEU B 842 -6.75 21.58 23.97
C LEU B 842 -7.14 22.62 22.92
N SER B 843 -6.21 22.93 22.03
CA SER B 843 -6.47 23.88 20.96
C SER B 843 -7.43 23.28 19.93
N ASP B 844 -7.90 24.12 19.02
CA ASP B 844 -8.85 23.67 18.02
C ASP B 844 -8.20 22.74 16.99
N ARG B 845 -6.97 23.05 16.58
CA ARG B 845 -6.26 22.17 15.65
C ARG B 845 -6.00 20.80 16.26
N ALA B 846 -5.65 20.77 17.55
CA ALA B 846 -5.42 19.49 18.22
C ALA B 846 -6.69 18.66 18.26
N ILE B 847 -7.84 19.30 18.50
CA ILE B 847 -9.11 18.58 18.54
C ILE B 847 -9.48 18.09 17.14
N ALA B 848 -9.26 18.91 16.12
CA ALA B 848 -9.51 18.49 14.74
C ALA B 848 -8.66 17.27 14.38
N ARG B 849 -7.40 17.27 14.82
CA ARG B 849 -6.54 16.11 14.58
C ARG B 849 -6.99 14.90 15.39
N ILE B 850 -7.51 15.12 16.60
CA ILE B 850 -8.03 14.02 17.41
C ILE B 850 -9.18 13.34 16.70
N ALA B 851 -10.17 14.13 16.28
CA ALA B 851 -11.31 13.55 15.56
C ALA B 851 -10.94 13.10 14.15
N GLY B 852 -9.81 13.55 13.63
CA GLY B 852 -9.37 13.15 12.31
C GLY B 852 -8.32 12.06 12.33
K K E . 23.11 0.27 -27.82
K K F . 17.20 23.16 -1.32
P PO4 G . -3.76 33.12 -24.07
O1 PO4 G . -4.30 34.55 -24.03
O2 PO4 G . -3.67 32.57 -22.65
O3 PO4 G . -2.38 33.11 -24.70
O4 PO4 G . -4.70 32.25 -24.89
K K H . 22.76 -15.69 24.22
K K I . 0.87 -29.06 -1.11
P PO4 J . -8.02 40.91 -30.13
O1 PO4 J . -9.29 40.41 -29.44
O2 PO4 J . -7.67 42.30 -29.61
O3 PO4 J . -8.24 40.96 -31.63
O4 PO4 J . -6.87 39.95 -29.82
P PO4 K . -3.25 -36.13 30.57
O1 PO4 K . -4.73 -35.82 30.84
O2 PO4 K . -2.41 -34.93 30.97
O3 PO4 K . -3.06 -36.41 29.08
O4 PO4 K . -2.83 -37.35 31.38
P PO3 L . 14.86 42.84 -35.00
O1 PO3 L . 14.49 42.29 -33.66
O2 PO3 L . 14.63 44.32 -35.00
O3 PO3 L . 16.32 42.58 -35.26
P PO4 M . -8.89 37.61 -35.55
O1 PO4 M . -10.30 37.11 -35.33
O2 PO4 M . -8.31 38.13 -34.24
O3 PO4 M . -8.89 38.73 -36.59
O4 PO4 M . -8.02 36.46 -36.06
P PO3 N . -13.00 -43.43 34.68
O1 PO3 N . -12.41 -44.32 33.63
O2 PO3 N . -14.13 -44.14 35.36
O3 PO3 N . -11.96 -43.07 35.68
#